data_2UGI
# 
_entry.id   2UGI 
# 
_audit_conform.dict_name       mmcif_pdbx.dic 
_audit_conform.dict_version    5.389 
_audit_conform.dict_location   http://mmcif.pdb.org/dictionaries/ascii/mmcif_pdbx.dic 
# 
loop_
_database_2.database_id 
_database_2.database_code 
_database_2.pdbx_database_accession 
_database_2.pdbx_DOI 
PDB   2UGI         pdb_00002ugi 10.2210/pdb2ugi/pdb 
RCSB  RCSB000043   ?            ?                   
WWPDB D_1000000043 ?            ?                   
# 
loop_
_pdbx_audit_revision_history.ordinal 
_pdbx_audit_revision_history.data_content_type 
_pdbx_audit_revision_history.major_revision 
_pdbx_audit_revision_history.minor_revision 
_pdbx_audit_revision_history.revision_date 
1 'Structure model' 1 0 1999-03-25 
2 'Structure model' 1 1 2008-04-26 
3 'Structure model' 1 2 2011-07-13 
4 'Structure model' 1 3 2023-12-27 
5 'Structure model' 1 4 2024-04-03 
# 
_pdbx_audit_revision_details.ordinal             1 
_pdbx_audit_revision_details.revision_ordinal    1 
_pdbx_audit_revision_details.data_content_type   'Structure model' 
_pdbx_audit_revision_details.provider            repository 
_pdbx_audit_revision_details.type                'Initial release' 
_pdbx_audit_revision_details.description         ? 
_pdbx_audit_revision_details.details             ? 
# 
loop_
_pdbx_audit_revision_group.ordinal 
_pdbx_audit_revision_group.revision_ordinal 
_pdbx_audit_revision_group.data_content_type 
_pdbx_audit_revision_group.group 
1 2 'Structure model' 'Version format compliance' 
2 3 'Structure model' 'Version format compliance' 
3 4 'Structure model' 'Data collection'           
4 4 'Structure model' 'Database references'       
5 4 'Structure model' 'Derived calculations'      
6 5 'Structure model' 'Refinement description'    
# 
loop_
_pdbx_audit_revision_category.ordinal 
_pdbx_audit_revision_category.revision_ordinal 
_pdbx_audit_revision_category.data_content_type 
_pdbx_audit_revision_category.category 
1 4 'Structure model' chem_comp_atom                
2 4 'Structure model' chem_comp_bond                
3 4 'Structure model' database_2                    
4 4 'Structure model' struct_site                   
5 5 'Structure model' pdbx_initial_refinement_model 
# 
loop_
_pdbx_audit_revision_item.ordinal 
_pdbx_audit_revision_item.revision_ordinal 
_pdbx_audit_revision_item.data_content_type 
_pdbx_audit_revision_item.item 
1 4 'Structure model' '_database_2.pdbx_DOI'                
2 4 'Structure model' '_database_2.pdbx_database_accession' 
3 4 'Structure model' '_struct_site.pdbx_auth_asym_id'      
4 4 'Structure model' '_struct_site.pdbx_auth_comp_id'      
5 4 'Structure model' '_struct_site.pdbx_auth_seq_id'       
# 
_pdbx_database_status.status_code                     REL 
_pdbx_database_status.entry_id                        2UGI 
_pdbx_database_status.recvd_initial_deposition_date   1998-11-06 
_pdbx_database_status.deposit_site                    BNL 
_pdbx_database_status.process_site                    RCSB 
_pdbx_database_status.status_code_sf                  REL 
_pdbx_database_status.SG_entry                        N 
_pdbx_database_status.status_code_mr                  ? 
_pdbx_database_status.pdb_format_compatible           Y 
_pdbx_database_status.status_code_cs                  ? 
_pdbx_database_status.status_code_nmr_data            ? 
_pdbx_database_status.methods_development_category    ? 
# 
loop_
_audit_author.name 
_audit_author.pdbx_ordinal 
'Putnam, C.D.' 1 
'Arvai, A.S.'  2 
'Mol, C.D.'    3 
'Tainer, J.A.' 4 
# 
_citation.id                        primary 
_citation.title                     
;Protein mimicry of DNA from crystal structures of the uracil-DNA glycosylase inhibitor protein and its complex with Escherichia coli uracil-DNA glycosylase
;
_citation.journal_abbrev            J.Mol.Biol. 
_citation.journal_volume            287 
_citation.page_first                331 
_citation.page_last                 346 
_citation.year                      1999 
_citation.journal_id_ASTM           JMOBAK 
_citation.country                   UK 
_citation.journal_id_ISSN           0022-2836 
_citation.journal_id_CSD            0070 
_citation.book_publisher            ? 
_citation.pdbx_database_id_PubMed   10080896 
_citation.pdbx_database_id_DOI      10.1006/jmbi.1999.2605 
# 
loop_
_citation_author.citation_id 
_citation_author.name 
_citation_author.ordinal 
_citation_author.identifier_ORCID 
primary 'Putnam, C.D.'    1 ? 
primary 'Shroyer, M.J.'   2 ? 
primary 'Lundquist, A.J.' 3 ? 
primary 'Mol, C.D.'       4 ? 
primary 'Arvai, A.S.'     5 ? 
primary 'Mosbaugh, D.W.'  6 ? 
primary 'Tainer, J.A.'    7 ? 
# 
loop_
_entity.id 
_entity.type 
_entity.src_method 
_entity.pdbx_description 
_entity.formula_weight 
_entity.pdbx_number_of_molecules 
_entity.pdbx_ec 
_entity.pdbx_mutation 
_entity.pdbx_fragment 
_entity.details 
1 polymer     man 'URACIL-DNA GLYCOSYLASE INHIBITOR' 9482.674 2  ? ? ? ? 
2 non-polymer syn IMIDAZOLE                          69.085   1  ? ? ? ? 
3 water       nat water                              18.015   71 ? ? ? ? 
# 
_entity_name_com.entity_id   1 
_entity_name_com.name        UGI 
# 
_entity_poly.entity_id                      1 
_entity_poly.type                           'polypeptide(L)' 
_entity_poly.nstd_linkage                   no 
_entity_poly.nstd_monomer                   no 
_entity_poly.pdbx_seq_one_letter_code       
;MTNLSDIIEKETGKQLVIQESILMLPEEVEEVIGNKPESDILVHTAYDESTDENVMLLTSDAPEYKPWALVIQDSNGENK
IKML
;
_entity_poly.pdbx_seq_one_letter_code_can   
;MTNLSDIIEKETGKQLVIQESILMLPEEVEEVIGNKPESDILVHTAYDESTDENVMLLTSDAPEYKPWALVIQDSNGENK
IKML
;
_entity_poly.pdbx_strand_id                 A,B 
_entity_poly.pdbx_target_identifier         ? 
# 
loop_
_pdbx_entity_nonpoly.entity_id 
_pdbx_entity_nonpoly.name 
_pdbx_entity_nonpoly.comp_id 
2 IMIDAZOLE IMD 
3 water     HOH 
# 
loop_
_entity_poly_seq.entity_id 
_entity_poly_seq.num 
_entity_poly_seq.mon_id 
_entity_poly_seq.hetero 
1 1  MET n 
1 2  THR n 
1 3  ASN n 
1 4  LEU n 
1 5  SER n 
1 6  ASP n 
1 7  ILE n 
1 8  ILE n 
1 9  GLU n 
1 10 LYS n 
1 11 GLU n 
1 12 THR n 
1 13 GLY n 
1 14 LYS n 
1 15 GLN n 
1 16 LEU n 
1 17 VAL n 
1 18 ILE n 
1 19 GLN n 
1 20 GLU n 
1 21 SER n 
1 22 ILE n 
1 23 LEU n 
1 24 MET n 
1 25 LEU n 
1 26 PRO n 
1 27 GLU n 
1 28 GLU n 
1 29 VAL n 
1 30 GLU n 
1 31 GLU n 
1 32 VAL n 
1 33 ILE n 
1 34 GLY n 
1 35 ASN n 
1 36 LYS n 
1 37 PRO n 
1 38 GLU n 
1 39 SER n 
1 40 ASP n 
1 41 ILE n 
1 42 LEU n 
1 43 VAL n 
1 44 HIS n 
1 45 THR n 
1 46 ALA n 
1 47 TYR n 
1 48 ASP n 
1 49 GLU n 
1 50 SER n 
1 51 THR n 
1 52 ASP n 
1 53 GLU n 
1 54 ASN n 
1 55 VAL n 
1 56 MET n 
1 57 LEU n 
1 58 LEU n 
1 59 THR n 
1 60 SER n 
1 61 ASP n 
1 62 ALA n 
1 63 PRO n 
1 64 GLU n 
1 65 TYR n 
1 66 LYS n 
1 67 PRO n 
1 68 TRP n 
1 69 ALA n 
1 70 LEU n 
1 71 VAL n 
1 72 ILE n 
1 73 GLN n 
1 74 ASP n 
1 75 SER n 
1 76 ASN n 
1 77 GLY n 
1 78 GLU n 
1 79 ASN n 
1 80 LYS n 
1 81 ILE n 
1 82 LYS n 
1 83 MET n 
1 84 LEU n 
# 
_entity_src_gen.entity_id                          1 
_entity_src_gen.pdbx_src_id                        1 
_entity_src_gen.pdbx_alt_source_flag               sample 
_entity_src_gen.pdbx_seq_type                      ? 
_entity_src_gen.pdbx_beg_seq_num                   ? 
_entity_src_gen.pdbx_end_seq_num                   ? 
_entity_src_gen.gene_src_common_name               ? 
_entity_src_gen.gene_src_genus                     ? 
_entity_src_gen.pdbx_gene_src_gene                 ? 
_entity_src_gen.gene_src_species                   ? 
_entity_src_gen.gene_src_strain                    ? 
_entity_src_gen.gene_src_tissue                    ? 
_entity_src_gen.gene_src_tissue_fraction           ? 
_entity_src_gen.gene_src_details                   ? 
_entity_src_gen.pdbx_gene_src_fragment             ? 
_entity_src_gen.pdbx_gene_src_scientific_name      'Bacillus phage PBS2' 
_entity_src_gen.pdbx_gene_src_ncbi_taxonomy_id     10684 
_entity_src_gen.pdbx_gene_src_variant              ? 
_entity_src_gen.pdbx_gene_src_cell_line            ? 
_entity_src_gen.pdbx_gene_src_atcc                 ? 
_entity_src_gen.pdbx_gene_src_organ                ? 
_entity_src_gen.pdbx_gene_src_organelle            ? 
_entity_src_gen.pdbx_gene_src_cell                 ? 
_entity_src_gen.pdbx_gene_src_cellular_location    CYTOPLASM 
_entity_src_gen.host_org_common_name               ? 
_entity_src_gen.pdbx_host_org_scientific_name      'Escherichia coli' 
_entity_src_gen.pdbx_host_org_ncbi_taxonomy_id     562 
_entity_src_gen.host_org_genus                     Escherichia 
_entity_src_gen.pdbx_host_org_gene                 TAC 
_entity_src_gen.pdbx_host_org_organ                ? 
_entity_src_gen.host_org_species                   ? 
_entity_src_gen.pdbx_host_org_tissue               ? 
_entity_src_gen.pdbx_host_org_tissue_fraction      ? 
_entity_src_gen.pdbx_host_org_strain               JM105 
_entity_src_gen.pdbx_host_org_variant              ? 
_entity_src_gen.pdbx_host_org_cell_line            ? 
_entity_src_gen.pdbx_host_org_atcc                 ? 
_entity_src_gen.pdbx_host_org_culture_collection   ? 
_entity_src_gen.pdbx_host_org_cell                 ? 
_entity_src_gen.pdbx_host_org_organelle            ? 
_entity_src_gen.pdbx_host_org_cellular_location    CYTOPLASM 
_entity_src_gen.pdbx_host_org_vector_type          PLASMID 
_entity_src_gen.pdbx_host_org_vector               PKK223-3 
_entity_src_gen.host_org_details                   ? 
_entity_src_gen.expression_system_id               ? 
_entity_src_gen.plasmid_name                       PZWTAC1 
_entity_src_gen.plasmid_details                    ? 
_entity_src_gen.pdbx_description                   ? 
# 
loop_
_chem_comp.id 
_chem_comp.type 
_chem_comp.mon_nstd_flag 
_chem_comp.name 
_chem_comp.pdbx_synonyms 
_chem_comp.formula 
_chem_comp.formula_weight 
ALA 'L-peptide linking' y ALANINE         ? 'C3 H7 N O2'     89.093  
ASN 'L-peptide linking' y ASPARAGINE      ? 'C4 H8 N2 O3'    132.118 
ASP 'L-peptide linking' y 'ASPARTIC ACID' ? 'C4 H7 N O4'     133.103 
GLN 'L-peptide linking' y GLUTAMINE       ? 'C5 H10 N2 O3'   146.144 
GLU 'L-peptide linking' y 'GLUTAMIC ACID' ? 'C5 H9 N O4'     147.129 
GLY 'peptide linking'   y GLYCINE         ? 'C2 H5 N O2'     75.067  
HIS 'L-peptide linking' y HISTIDINE       ? 'C6 H10 N3 O2 1' 156.162 
HOH non-polymer         . WATER           ? 'H2 O'           18.015  
ILE 'L-peptide linking' y ISOLEUCINE      ? 'C6 H13 N O2'    131.173 
IMD non-polymer         . IMIDAZOLE       ? 'C3 H5 N2 1'     69.085  
LEU 'L-peptide linking' y LEUCINE         ? 'C6 H13 N O2'    131.173 
LYS 'L-peptide linking' y LYSINE          ? 'C6 H15 N2 O2 1' 147.195 
MET 'L-peptide linking' y METHIONINE      ? 'C5 H11 N O2 S'  149.211 
PRO 'L-peptide linking' y PROLINE         ? 'C5 H9 N O2'     115.130 
SER 'L-peptide linking' y SERINE          ? 'C3 H7 N O3'     105.093 
THR 'L-peptide linking' y THREONINE       ? 'C4 H9 N O3'     119.119 
TRP 'L-peptide linking' y TRYPTOPHAN      ? 'C11 H12 N2 O2'  204.225 
TYR 'L-peptide linking' y TYROSINE        ? 'C9 H11 N O3'    181.189 
VAL 'L-peptide linking' y VALINE          ? 'C5 H11 N O2'    117.146 
# 
loop_
_pdbx_poly_seq_scheme.asym_id 
_pdbx_poly_seq_scheme.entity_id 
_pdbx_poly_seq_scheme.seq_id 
_pdbx_poly_seq_scheme.mon_id 
_pdbx_poly_seq_scheme.ndb_seq_num 
_pdbx_poly_seq_scheme.pdb_seq_num 
_pdbx_poly_seq_scheme.auth_seq_num 
_pdbx_poly_seq_scheme.pdb_mon_id 
_pdbx_poly_seq_scheme.auth_mon_id 
_pdbx_poly_seq_scheme.pdb_strand_id 
_pdbx_poly_seq_scheme.pdb_ins_code 
_pdbx_poly_seq_scheme.hetero 
A 1 1  MET 1  1  ?  ?   ?   A . n 
A 1 2  THR 2  2  2  THR THR A . n 
A 1 3  ASN 3  3  3  ASN ASN A . n 
A 1 4  LEU 4  4  4  LEU LEU A . n 
A 1 5  SER 5  5  5  SER SER A . n 
A 1 6  ASP 6  6  6  ASP ASP A . n 
A 1 7  ILE 7  7  7  ILE ILE A . n 
A 1 8  ILE 8  8  8  ILE ILE A . n 
A 1 9  GLU 9  9  9  GLU GLU A . n 
A 1 10 LYS 10 10 10 LYS LYS A . n 
A 1 11 GLU 11 11 11 GLU GLU A . n 
A 1 12 THR 12 12 12 THR THR A . n 
A 1 13 GLY 13 13 13 GLY GLY A . n 
A 1 14 LYS 14 14 14 LYS LYS A . n 
A 1 15 GLN 15 15 15 GLN GLN A . n 
A 1 16 LEU 16 16 16 LEU LEU A . n 
A 1 17 VAL 17 17 17 VAL VAL A . n 
A 1 18 ILE 18 18 18 ILE ILE A . n 
A 1 19 GLN 19 19 19 GLN GLN A . n 
A 1 20 GLU 20 20 20 GLU GLU A . n 
A 1 21 SER 21 21 21 SER SER A . n 
A 1 22 ILE 22 22 22 ILE ILE A . n 
A 1 23 LEU 23 23 23 LEU LEU A . n 
A 1 24 MET 24 24 24 MET MET A . n 
A 1 25 LEU 25 25 25 LEU LEU A . n 
A 1 26 PRO 26 26 26 PRO PRO A . n 
A 1 27 GLU 27 27 27 GLU GLU A . n 
A 1 28 GLU 28 28 28 GLU GLU A . n 
A 1 29 VAL 29 29 29 VAL VAL A . n 
A 1 30 GLU 30 30 30 GLU GLU A . n 
A 1 31 GLU 31 31 31 GLU GLU A . n 
A 1 32 VAL 32 32 32 VAL VAL A . n 
A 1 33 ILE 33 33 33 ILE ILE A . n 
A 1 34 GLY 34 34 34 GLY GLY A . n 
A 1 35 ASN 35 35 35 ASN ASN A . n 
A 1 36 LYS 36 36 36 LYS LYS A . n 
A 1 37 PRO 37 37 37 PRO PRO A . n 
A 1 38 GLU 38 38 38 GLU GLU A . n 
A 1 39 SER 39 39 39 SER SER A . n 
A 1 40 ASP 40 40 40 ASP ASP A . n 
A 1 41 ILE 41 41 41 ILE ILE A . n 
A 1 42 LEU 42 42 42 LEU LEU A . n 
A 1 43 VAL 43 43 43 VAL VAL A . n 
A 1 44 HIS 44 44 44 HIS HIS A . n 
A 1 45 THR 45 45 45 THR THR A . n 
A 1 46 ALA 46 46 46 ALA ALA A . n 
A 1 47 TYR 47 47 47 TYR TYR A . n 
A 1 48 ASP 48 48 48 ASP ASP A . n 
A 1 49 GLU 49 49 49 GLU GLU A . n 
A 1 50 SER 50 50 50 SER SER A . n 
A 1 51 THR 51 51 51 THR THR A . n 
A 1 52 ASP 52 52 52 ASP ASP A . n 
A 1 53 GLU 53 53 53 GLU GLU A . n 
A 1 54 ASN 54 54 54 ASN ASN A . n 
A 1 55 VAL 55 55 55 VAL VAL A . n 
A 1 56 MET 56 56 56 MET MET A . n 
A 1 57 LEU 57 57 57 LEU LEU A . n 
A 1 58 LEU 58 58 58 LEU LEU A . n 
A 1 59 THR 59 59 59 THR THR A . n 
A 1 60 SER 60 60 60 SER SER A . n 
A 1 61 ASP 61 61 61 ASP ASP A . n 
A 1 62 ALA 62 62 62 ALA ALA A . n 
A 1 63 PRO 63 63 63 PRO PRO A . n 
A 1 64 GLU 64 64 64 GLU GLU A . n 
A 1 65 TYR 65 65 65 TYR TYR A . n 
A 1 66 LYS 66 66 66 LYS LYS A . n 
A 1 67 PRO 67 67 67 PRO PRO A . n 
A 1 68 TRP 68 68 68 TRP TRP A . n 
A 1 69 ALA 69 69 69 ALA ALA A . n 
A 1 70 LEU 70 70 70 LEU LEU A . n 
A 1 71 VAL 71 71 71 VAL VAL A . n 
A 1 72 ILE 72 72 72 ILE ILE A . n 
A 1 73 GLN 73 73 73 GLN GLN A . n 
A 1 74 ASP 74 74 74 ASP ASP A . n 
A 1 75 SER 75 75 75 SER SER A . n 
A 1 76 ASN 76 76 76 ASN ASN A . n 
A 1 77 GLY 77 77 77 GLY GLY A . n 
A 1 78 GLU 78 78 78 GLU GLU A . n 
A 1 79 ASN 79 79 79 ASN ASN A . n 
A 1 80 LYS 80 80 80 LYS LYS A . n 
A 1 81 ILE 81 81 81 ILE ILE A . n 
A 1 82 LYS 82 82 82 LYS LYS A . n 
A 1 83 MET 83 83 83 MET MET A . n 
A 1 84 LEU 84 84 84 LEU LEU A . n 
B 1 1  MET 1  1  ?  ?   ?   B . n 
B 1 2  THR 2  2  2  THR THR B . n 
B 1 3  ASN 3  3  3  ASN ASN B . n 
B 1 4  LEU 4  4  4  LEU LEU B . n 
B 1 5  SER 5  5  5  SER SER B . n 
B 1 6  ASP 6  6  6  ASP ASP B . n 
B 1 7  ILE 7  7  7  ILE ILE B . n 
B 1 8  ILE 8  8  8  ILE ILE B . n 
B 1 9  GLU 9  9  9  GLU GLU B . n 
B 1 10 LYS 10 10 10 LYS LYS B . n 
B 1 11 GLU 11 11 11 GLU GLU B . n 
B 1 12 THR 12 12 12 THR THR B . n 
B 1 13 GLY 13 13 13 GLY GLY B . n 
B 1 14 LYS 14 14 14 LYS LYS B . n 
B 1 15 GLN 15 15 15 GLN GLN B . n 
B 1 16 LEU 16 16 16 LEU LEU B . n 
B 1 17 VAL 17 17 17 VAL VAL B . n 
B 1 18 ILE 18 18 18 ILE ILE B . n 
B 1 19 GLN 19 19 19 GLN GLN B . n 
B 1 20 GLU 20 20 20 GLU GLU B . n 
B 1 21 SER 21 21 21 SER SER B . n 
B 1 22 ILE 22 22 22 ILE ILE B . n 
B 1 23 LEU 23 23 23 LEU LEU B . n 
B 1 24 MET 24 24 24 MET MET B . n 
B 1 25 LEU 25 25 25 LEU LEU B . n 
B 1 26 PRO 26 26 26 PRO PRO B . n 
B 1 27 GLU 27 27 27 GLU GLU B . n 
B 1 28 GLU 28 28 28 GLU GLU B . n 
B 1 29 VAL 29 29 29 VAL VAL B . n 
B 1 30 GLU 30 30 30 GLU GLU B . n 
B 1 31 GLU 31 31 31 GLU GLU B . n 
B 1 32 VAL 32 32 32 VAL VAL B . n 
B 1 33 ILE 33 33 33 ILE ILE B . n 
B 1 34 GLY 34 34 34 GLY GLY B . n 
B 1 35 ASN 35 35 35 ASN ASN B . n 
B 1 36 LYS 36 36 36 LYS LYS B . n 
B 1 37 PRO 37 37 37 PRO PRO B . n 
B 1 38 GLU 38 38 38 GLU GLU B . n 
B 1 39 SER 39 39 39 SER SER B . n 
B 1 40 ASP 40 40 40 ASP ASP B . n 
B 1 41 ILE 41 41 41 ILE ILE B . n 
B 1 42 LEU 42 42 42 LEU LEU B . n 
B 1 43 VAL 43 43 43 VAL VAL B . n 
B 1 44 HIS 44 44 44 HIS HIS B . n 
B 1 45 THR 45 45 45 THR THR B . n 
B 1 46 ALA 46 46 46 ALA ALA B . n 
B 1 47 TYR 47 47 47 TYR TYR B . n 
B 1 48 ASP 48 48 48 ASP ASP B . n 
B 1 49 GLU 49 49 49 GLU GLU B . n 
B 1 50 SER 50 50 50 SER SER B . n 
B 1 51 THR 51 51 51 THR THR B . n 
B 1 52 ASP 52 52 52 ASP ASP B . n 
B 1 53 GLU 53 53 53 GLU GLU B . n 
B 1 54 ASN 54 54 54 ASN ASN B . n 
B 1 55 VAL 55 55 55 VAL VAL B . n 
B 1 56 MET 56 56 56 MET MET B . n 
B 1 57 LEU 57 57 57 LEU LEU B . n 
B 1 58 LEU 58 58 58 LEU LEU B . n 
B 1 59 THR 59 59 59 THR THR B . n 
B 1 60 SER 60 60 60 SER SER B . n 
B 1 61 ASP 61 61 61 ASP ASP B . n 
B 1 62 ALA 62 62 62 ALA ALA B . n 
B 1 63 PRO 63 63 63 PRO PRO B . n 
B 1 64 GLU 64 64 64 GLU GLU B . n 
B 1 65 TYR 65 65 65 TYR TYR B . n 
B 1 66 LYS 66 66 66 LYS LYS B . n 
B 1 67 PRO 67 67 67 PRO PRO B . n 
B 1 68 TRP 68 68 68 TRP TRP B . n 
B 1 69 ALA 69 69 69 ALA ALA B . n 
B 1 70 LEU 70 70 70 LEU LEU B . n 
B 1 71 VAL 71 71 71 VAL VAL B . n 
B 1 72 ILE 72 72 72 ILE ILE B . n 
B 1 73 GLN 73 73 73 GLN GLN B . n 
B 1 74 ASP 74 74 74 ASP ASP B . n 
B 1 75 SER 75 75 75 SER SER B . n 
B 1 76 ASN 76 76 76 ASN ASN B . n 
B 1 77 GLY 77 77 77 GLY GLY B . n 
B 1 78 GLU 78 78 78 GLU GLU B . n 
B 1 79 ASN 79 79 79 ASN ASN B . n 
B 1 80 LYS 80 80 80 LYS LYS B . n 
B 1 81 ILE 81 81 81 ILE ILE B . n 
B 1 82 LYS 82 82 82 LYS LYS B . n 
B 1 83 MET 83 83 83 MET MET B . n 
B 1 84 LEU 84 84 84 LEU LEU B . n 
# 
loop_
_pdbx_nonpoly_scheme.asym_id 
_pdbx_nonpoly_scheme.entity_id 
_pdbx_nonpoly_scheme.mon_id 
_pdbx_nonpoly_scheme.ndb_seq_num 
_pdbx_nonpoly_scheme.pdb_seq_num 
_pdbx_nonpoly_scheme.auth_seq_num 
_pdbx_nonpoly_scheme.pdb_mon_id 
_pdbx_nonpoly_scheme.auth_mon_id 
_pdbx_nonpoly_scheme.pdb_strand_id 
_pdbx_nonpoly_scheme.pdb_ins_code 
C 2 IMD 1  1500 1500 IMD IMD A . 
D 3 HOH 1  2002 2002 HOH HOH A . 
D 3 HOH 2  2003 2003 HOH HOH A . 
D 3 HOH 3  2004 2004 HOH HOH A . 
D 3 HOH 4  2005 2005 HOH HOH A . 
D 3 HOH 5  2010 2010 HOH HOH A . 
D 3 HOH 6  2011 2011 HOH HOH A . 
D 3 HOH 7  2012 2012 HOH HOH A . 
D 3 HOH 8  2013 2013 HOH HOH A . 
D 3 HOH 9  2014 2014 HOH HOH A . 
D 3 HOH 10 2016 2016 HOH HOH A . 
D 3 HOH 11 2017 2017 HOH HOH A . 
D 3 HOH 12 2018 2018 HOH HOH A . 
D 3 HOH 13 2019 2019 HOH HOH A . 
D 3 HOH 14 2020 2020 HOH HOH A . 
D 3 HOH 15 2021 2021 HOH HOH A . 
D 3 HOH 16 2022 2022 HOH HOH A . 
D 3 HOH 17 2023 2023 HOH HOH A . 
D 3 HOH 18 2024 2024 HOH HOH A . 
D 3 HOH 19 2025 2025 HOH HOH A . 
D 3 HOH 20 2026 2026 HOH HOH A . 
D 3 HOH 21 2027 2027 HOH HOH A . 
D 3 HOH 22 2028 2028 HOH HOH A . 
D 3 HOH 23 2029 2029 HOH HOH A . 
D 3 HOH 24 2030 2030 HOH HOH A . 
D 3 HOH 25 2033 2033 HOH HOH A . 
D 3 HOH 26 2034 2034 HOH HOH A . 
D 3 HOH 27 2035 2035 HOH HOH A . 
D 3 HOH 28 2037 2037 HOH HOH A . 
D 3 HOH 29 2038 2038 HOH HOH A . 
D 3 HOH 30 2039 2039 HOH HOH A . 
D 3 HOH 31 2040 2040 HOH HOH A . 
D 3 HOH 32 2042 2042 HOH HOH A . 
D 3 HOH 33 2043 2043 HOH HOH A . 
D 3 HOH 34 2047 2047 HOH HOH A . 
D 3 HOH 35 2054 2054 HOH HOH A . 
D 3 HOH 36 2055 2055 HOH HOH A . 
D 3 HOH 37 2056 2056 HOH HOH A . 
D 3 HOH 38 2057 2057 HOH HOH A . 
D 3 HOH 39 2060 2060 HOH HOH A . 
D 3 HOH 40 2062 2062 HOH HOH A . 
E 3 HOH 1  2001 2001 HOH HOH B . 
E 3 HOH 2  2006 2006 HOH HOH B . 
E 3 HOH 3  2007 2007 HOH HOH B . 
E 3 HOH 4  2008 2008 HOH HOH B . 
E 3 HOH 5  2009 2009 HOH HOH B . 
E 3 HOH 6  2015 2015 HOH HOH B . 
E 3 HOH 7  2031 2031 HOH HOH B . 
E 3 HOH 8  2032 2032 HOH HOH B . 
E 3 HOH 9  2036 2036 HOH HOH B . 
E 3 HOH 10 2041 2041 HOH HOH B . 
E 3 HOH 11 2044 2044 HOH HOH B . 
E 3 HOH 12 2045 2045 HOH HOH B . 
E 3 HOH 13 2046 2046 HOH HOH B . 
E 3 HOH 14 2048 2048 HOH HOH B . 
E 3 HOH 15 2049 2049 HOH HOH B . 
E 3 HOH 16 2050 2050 HOH HOH B . 
E 3 HOH 17 2051 2051 HOH HOH B . 
E 3 HOH 18 2052 2052 HOH HOH B . 
E 3 HOH 19 2053 2053 HOH HOH B . 
E 3 HOH 20 2058 2058 HOH HOH B . 
E 3 HOH 21 2059 2059 HOH HOH B . 
E 3 HOH 22 2061 2061 HOH HOH B . 
E 3 HOH 23 2063 2063 HOH HOH B . 
E 3 HOH 24 2064 2064 HOH HOH B . 
E 3 HOH 25 2065 2065 HOH HOH B . 
E 3 HOH 26 2066 2066 HOH HOH B . 
E 3 HOH 27 2067 2067 HOH HOH B . 
E 3 HOH 28 2068 2068 HOH HOH B . 
E 3 HOH 29 2069 2069 HOH HOH B . 
E 3 HOH 30 2070 2070 HOH HOH B . 
E 3 HOH 31 2071 2071 HOH HOH B . 
# 
loop_
_software.name 
_software.classification 
_software.version 
_software.citation_id 
_software.pdbx_ordinal 
DENZO     'data reduction' .     ? 1 
SCALEPACK 'data scaling'   .     ? 2 
AMoRE     phasing          .     ? 3 
X-PLOR    refinement       3.851 ? 4 
# 
_cell.entry_id           2UGI 
_cell.length_a           42.092 
_cell.length_b           59.387 
_cell.length_c           73.583 
_cell.angle_alpha        90.00 
_cell.angle_beta         90.00 
_cell.angle_gamma        90.00 
_cell.Z_PDB              8 
_cell.pdbx_unique_axis   ? 
# 
_symmetry.entry_id                         2UGI 
_symmetry.space_group_name_H-M             'P 21 21 21' 
_symmetry.pdbx_full_space_group_name_H-M   ? 
_symmetry.cell_setting                     orthorhombic 
_symmetry.Int_Tables_number                19 
_symmetry.space_group_name_Hall            ? 
# 
_exptl.entry_id          2UGI 
_exptl.method            'X-RAY DIFFRACTION' 
_exptl.crystals_number   1 
# 
_exptl_crystal.id                    1 
_exptl_crystal.density_meas          ? 
_exptl_crystal.density_Matthews      2.4 
_exptl_crystal.density_percent_sol   48.0 
_exptl_crystal.description           ? 
_exptl_crystal.F_000                 ? 
_exptl_crystal.preparation           ? 
# 
_exptl_crystal_grow.crystal_id      1 
_exptl_crystal_grow.method          ? 
_exptl_crystal_grow.temp            293.0 
_exptl_crystal_grow.temp_details    ? 
_exptl_crystal_grow.pH              8.2 
_exptl_crystal_grow.pdbx_details    '(NH4)2SO4, IMIDAZOLE, MALATE, (NH4)2SO4, pH 8.2, temperature 293.0K' 
_exptl_crystal_grow.pdbx_pH_range   . 
# 
loop_
_exptl_crystal_grow_comp.crystal_id 
_exptl_crystal_grow_comp.id 
_exptl_crystal_grow_comp.sol_id 
_exptl_crystal_grow_comp.name 
_exptl_crystal_grow_comp.volume 
_exptl_crystal_grow_comp.conc 
_exptl_crystal_grow_comp.details 
1 1 1 '(NH4)2SO4' ? ? ? 
1 2 1 IMIDAZOLE   ? ? ? 
1 3 1 MALATE      ? ? ? 
1 4 2 '(NH4)2SO4' ? ? ? 
# 
_diffrn.id                     1 
_diffrn.ambient_temp           150 
_diffrn.ambient_temp_details   ? 
_diffrn.crystal_id             1 
# 
_diffrn_detector.diffrn_id              1 
_diffrn_detector.detector               CCD 
_diffrn_detector.type                   'PRINCETON 2K' 
_diffrn_detector.pdbx_collection_date   ? 
_diffrn_detector.details                ? 
# 
_diffrn_radiation.diffrn_id                        1 
_diffrn_radiation.wavelength_id                    1 
_diffrn_radiation.pdbx_monochromatic_or_laue_m_l   M 
_diffrn_radiation.monochromator                    ? 
_diffrn_radiation.pdbx_diffrn_protocol             'SINGLE WAVELENGTH' 
_diffrn_radiation.pdbx_scattering_type             x-ray 
# 
_diffrn_radiation_wavelength.id           1 
_diffrn_radiation_wavelength.wavelength   0.918 
_diffrn_radiation_wavelength.wt           1.0 
# 
_diffrn_source.diffrn_id                   1 
_diffrn_source.source                      SYNCHROTRON 
_diffrn_source.type                        'CHESS BEAMLINE A1' 
_diffrn_source.pdbx_synchrotron_site       CHESS 
_diffrn_source.pdbx_synchrotron_beamline   A1 
_diffrn_source.pdbx_wavelength             0.918 
_diffrn_source.pdbx_wavelength_list        ? 
# 
_reflns.entry_id                     2UGI 
_reflns.observed_criterion_sigma_I   ? 
_reflns.observed_criterion_sigma_F   ? 
_reflns.d_resolution_low             30.0 
_reflns.d_resolution_high            2.20 
_reflns.number_obs                   9507 
_reflns.number_all                   ? 
_reflns.percent_possible_obs         95.5 
_reflns.pdbx_Rmerge_I_obs            ? 
_reflns.pdbx_Rsym_value              0.069 
_reflns.pdbx_netI_over_sigmaI        19.7 
_reflns.B_iso_Wilson_estimate        35.2 
_reflns.pdbx_redundancy              3.6 
_reflns.R_free_details               ? 
_reflns.limit_h_max                  ? 
_reflns.limit_h_min                  ? 
_reflns.limit_k_max                  ? 
_reflns.limit_k_min                  ? 
_reflns.limit_l_max                  ? 
_reflns.limit_l_min                  ? 
_reflns.observed_criterion_F_max     ? 
_reflns.observed_criterion_F_min     ? 
_reflns.pdbx_chi_squared             ? 
_reflns.pdbx_scaling_rejects         ? 
_reflns.pdbx_diffrn_id               1 
_reflns.pdbx_ordinal                 1 
# 
_reflns_shell.d_res_high             2.20 
_reflns_shell.d_res_low              2.26 
_reflns_shell.percent_possible_all   91.8 
_reflns_shell.Rmerge_I_obs           ? 
_reflns_shell.pdbx_Rsym_value        0.251 
_reflns_shell.meanI_over_sigI_obs    6.2 
_reflns_shell.pdbx_redundancy        3 
_reflns_shell.percent_possible_obs   ? 
_reflns_shell.number_unique_all      ? 
_reflns_shell.number_measured_all    ? 
_reflns_shell.number_measured_obs    ? 
_reflns_shell.number_unique_obs      ? 
_reflns_shell.pdbx_chi_squared       ? 
_reflns_shell.pdbx_diffrn_id         ? 
_reflns_shell.pdbx_ordinal           1 
# 
_refine.entry_id                                 2UGI 
_refine.ls_number_reflns_obs                     9435 
_refine.ls_number_reflns_all                     9435 
_refine.pdbx_ls_sigma_I                          ? 
_refine.pdbx_ls_sigma_F                          0.0 
_refine.pdbx_data_cutoff_high_absF               100000 
_refine.pdbx_data_cutoff_low_absF                0.1 
_refine.pdbx_data_cutoff_high_rms_absF           ? 
_refine.ls_d_res_low                             20.0 
_refine.ls_d_res_high                            2.2 
_refine.ls_percent_reflns_obs                    96.1 
_refine.ls_R_factor_obs                          ? 
_refine.ls_R_factor_all                          ? 
_refine.ls_R_factor_R_work                       0.227 
_refine.ls_R_factor_R_free                       0.28 
_refine.ls_R_factor_R_free_error                 ? 
_refine.ls_R_factor_R_free_error_details         ? 
_refine.ls_percent_reflns_R_free                 10 
_refine.ls_number_reflns_R_free                  958 
_refine.ls_number_parameters                     ? 
_refine.ls_number_restraints                     ? 
_refine.occupancy_min                            ? 
_refine.occupancy_max                            ? 
_refine.B_iso_mean                               47.0 
_refine.aniso_B[1][1]                            -8.34 
_refine.aniso_B[2][2]                            5.643 
_refine.aniso_B[3][3]                            2.700 
_refine.aniso_B[1][2]                            0.000 
_refine.aniso_B[1][3]                            0.000 
_refine.aniso_B[2][3]                            0.000 
_refine.solvent_model_details                    ? 
_refine.solvent_model_param_ksol                 ? 
_refine.solvent_model_param_bsol                 ? 
_refine.pdbx_ls_cross_valid_method               THROUGHOUT 
_refine.details                                  ? 
_refine.pdbx_starting_model                      'UGI FROM THE HUMAN UDG:UGI CRYSTAL STRUCTURE' 
_refine.pdbx_method_to_determine_struct          'MOLECULAR REPLACEMENT' 
_refine.pdbx_isotropic_thermal_model             RESTRAINED 
_refine.pdbx_stereochemistry_target_values       ? 
_refine.pdbx_stereochem_target_val_spec_case     ? 
_refine.pdbx_R_Free_selection_details            RANDOM 
_refine.pdbx_overall_ESU_R                       ? 
_refine.pdbx_overall_ESU_R_Free                  ? 
_refine.overall_SU_ML                            ? 
_refine.overall_SU_B                             ? 
_refine.ls_redundancy_reflns_obs                 ? 
_refine.B_iso_min                                ? 
_refine.B_iso_max                                ? 
_refine.correlation_coeff_Fo_to_Fc               ? 
_refine.correlation_coeff_Fo_to_Fc_free          ? 
_refine.pdbx_solvent_vdw_probe_radii             ? 
_refine.pdbx_solvent_ion_probe_radii             ? 
_refine.pdbx_solvent_shrinkage_radii             ? 
_refine.overall_SU_R_Cruickshank_DPI             ? 
_refine.overall_SU_R_free                        ? 
_refine.ls_wR_factor_R_free                      ? 
_refine.ls_wR_factor_R_work                      ? 
_refine.overall_FOM_free_R_set                   ? 
_refine.overall_FOM_work_R_set                   ? 
_refine.pdbx_refine_id                           'X-RAY DIFFRACTION' 
_refine.pdbx_diffrn_id                           1 
_refine.pdbx_TLS_residual_ADP_flag               ? 
_refine.pdbx_overall_phase_error                 ? 
_refine.pdbx_overall_SU_R_free_Cruickshank_DPI   ? 
_refine.pdbx_overall_SU_R_Blow_DPI               ? 
_refine.pdbx_overall_SU_R_free_Blow_DPI          ? 
# 
_refine_hist.pdbx_refine_id                   'X-RAY DIFFRACTION' 
_refine_hist.cycle_id                         LAST 
_refine_hist.pdbx_number_atoms_protein        1308 
_refine_hist.pdbx_number_atoms_nucleic_acid   0 
_refine_hist.pdbx_number_atoms_ligand         5 
_refine_hist.number_atoms_solvent             71 
_refine_hist.number_atoms_total               1384 
_refine_hist.d_res_high                       2.2 
_refine_hist.d_res_low                        20.0 
# 
loop_
_refine_ls_restr.type 
_refine_ls_restr.dev_ideal 
_refine_ls_restr.dev_ideal_target 
_refine_ls_restr.weight 
_refine_ls_restr.number 
_refine_ls_restr.pdbx_refine_id 
_refine_ls_restr.pdbx_restraint_function 
x_bond_d                0.008 ? ? ? 'X-RAY DIFFRACTION' ? 
x_bond_d_na             ?     ? ? ? 'X-RAY DIFFRACTION' ? 
x_bond_d_prot           ?     ? ? ? 'X-RAY DIFFRACTION' ? 
x_angle_d               ?     ? ? ? 'X-RAY DIFFRACTION' ? 
x_angle_d_na            ?     ? ? ? 'X-RAY DIFFRACTION' ? 
x_angle_d_prot          ?     ? ? ? 'X-RAY DIFFRACTION' ? 
x_angle_deg             1.5   ? ? ? 'X-RAY DIFFRACTION' ? 
x_angle_deg_na          ?     ? ? ? 'X-RAY DIFFRACTION' ? 
x_angle_deg_prot        ?     ? ? ? 'X-RAY DIFFRACTION' ? 
x_dihedral_angle_d      25.3  ? ? ? 'X-RAY DIFFRACTION' ? 
x_dihedral_angle_d_na   ?     ? ? ? 'X-RAY DIFFRACTION' ? 
x_dihedral_angle_d_prot ?     ? ? ? 'X-RAY DIFFRACTION' ? 
x_improper_angle_d      1.25  ? ? ? 'X-RAY DIFFRACTION' ? 
x_improper_angle_d_na   ?     ? ? ? 'X-RAY DIFFRACTION' ? 
x_improper_angle_d_prot ?     ? ? ? 'X-RAY DIFFRACTION' ? 
x_mcbond_it             1.556 ? ? ? 'X-RAY DIFFRACTION' ? 
x_mcangle_it            2.724 ? ? ? 'X-RAY DIFFRACTION' ? 
x_scbond_it             2.417 ? ? ? 'X-RAY DIFFRACTION' ? 
x_scangle_it            3.888 ? ? ? 'X-RAY DIFFRACTION' ? 
# 
_refine_ls_shell.pdbx_total_number_of_bins_used   8 
_refine_ls_shell.d_res_high                       2.20 
_refine_ls_shell.d_res_low                        2.30 
_refine_ls_shell.number_reflns_R_work             1081 
_refine_ls_shell.R_factor_R_work                  0.362 
_refine_ls_shell.percent_reflns_obs               97.2 
_refine_ls_shell.R_factor_R_free                  0.363 
_refine_ls_shell.R_factor_R_free_error            ? 
_refine_ls_shell.percent_reflns_R_free            8 
_refine_ls_shell.number_reflns_R_free             95 
_refine_ls_shell.redundancy_reflns_obs            ? 
_refine_ls_shell.number_reflns_all                ? 
_refine_ls_shell.number_reflns_obs                ? 
_refine_ls_shell.pdbx_refine_id                   'X-RAY DIFFRACTION' 
_refine_ls_shell.R_factor_all                     ? 
# 
loop_
_pdbx_xplor_file.serial_no 
_pdbx_xplor_file.param_file 
_pdbx_xplor_file.topol_file 
_pdbx_xplor_file.pdbx_refine_id 
1 PARAM19X.PRO TOPH19X.PRO  'X-RAY DIFFRACTION' 
2 PARHCSDX.PRO TOPHCSDX.PRO 'X-RAY DIFFRACTION' 
# 
_struct_ncs_oper.id             1 
_struct_ncs_oper.code           given 
_struct_ncs_oper.details        ? 
_struct_ncs_oper.matrix[1][1]   0.70614521 
_struct_ncs_oper.matrix[1][2]   0.70805461 
_struct_ncs_oper.matrix[1][3]   -0.00483565 
_struct_ncs_oper.matrix[2][1]   0.70783399 
_struct_ncs_oper.matrix[2][2]   -0.70606709 
_struct_ncs_oper.matrix[2][3]   -0.02091532 
_struct_ncs_oper.matrix[3][1]   -0.01822775 
_struct_ncs_oper.matrix[3][2]   0.01134149 
_struct_ncs_oper.matrix[3][3]   -0.99976812 
_struct_ncs_oper.vector[1]      -0.08227 
_struct_ncs_oper.vector[2]      -0.20407 
_struct_ncs_oper.vector[3]      -0.03842 
# 
_struct.entry_id                  2UGI 
_struct.title                     
;PROTEIN MIMICRY OF DNA FROM CRYSTAL STRUCTURES OF THE URACIL GLYCOSYLASE INHIBITOR PROTEIN AND ITS COMPLEX WITH ESCHERICHIA COLI URACIL-DNA GLYCOSYLASE
;
_struct.pdbx_model_details        ? 
_struct.pdbx_CASP_flag            ? 
_struct.pdbx_model_type_details   ? 
# 
_struct_keywords.entry_id        2UGI 
_struct_keywords.pdbx_keywords   'HYDROLASE INHIBITOR' 
_struct_keywords.text            'PROTEIN MIMICRY OF DNA, PROTEIN INHIBITOR, HYDROLASE INHIBITOR' 
# 
loop_
_struct_asym.id 
_struct_asym.pdbx_blank_PDB_chainid_flag 
_struct_asym.pdbx_modified 
_struct_asym.entity_id 
_struct_asym.details 
A N N 1 ? 
B N N 1 ? 
C N N 2 ? 
D N N 3 ? 
E N N 3 ? 
# 
_struct_ref.id                         1 
_struct_ref.entity_id                  1 
_struct_ref.db_name                    UNP 
_struct_ref.db_code                    UNGI_BPPB2 
_struct_ref.pdbx_db_accession          P14739 
_struct_ref.pdbx_align_begin           1 
_struct_ref.pdbx_seq_one_letter_code   ? 
_struct_ref.pdbx_db_isoform            ? 
# 
loop_
_struct_ref_seq.align_id 
_struct_ref_seq.ref_id 
_struct_ref_seq.pdbx_PDB_id_code 
_struct_ref_seq.pdbx_strand_id 
_struct_ref_seq.seq_align_beg 
_struct_ref_seq.pdbx_seq_align_beg_ins_code 
_struct_ref_seq.seq_align_end 
_struct_ref_seq.pdbx_seq_align_end_ins_code 
_struct_ref_seq.pdbx_db_accession 
_struct_ref_seq.db_align_beg 
_struct_ref_seq.pdbx_db_align_beg_ins_code 
_struct_ref_seq.db_align_end 
_struct_ref_seq.pdbx_db_align_end_ins_code 
_struct_ref_seq.pdbx_auth_seq_align_beg 
_struct_ref_seq.pdbx_auth_seq_align_end 
1 1 2UGI A 1 ? 84 ? P14739 1 ? 84 ? 1 84 
2 1 2UGI B 1 ? 84 ? P14739 1 ? 84 ? 1 84 
# 
loop_
_pdbx_struct_assembly.id 
_pdbx_struct_assembly.details 
_pdbx_struct_assembly.method_details 
_pdbx_struct_assembly.oligomeric_details 
_pdbx_struct_assembly.oligomeric_count 
1 author_defined_assembly ? monomeric 1 
2 author_defined_assembly ? monomeric 1 
# 
loop_
_pdbx_struct_assembly_gen.assembly_id 
_pdbx_struct_assembly_gen.oper_expression 
_pdbx_struct_assembly_gen.asym_id_list 
1 1 A,C,D 
2 1 B,E   
# 
_pdbx_struct_oper_list.id                   1 
_pdbx_struct_oper_list.type                 'identity operation' 
_pdbx_struct_oper_list.name                 1_555 
_pdbx_struct_oper_list.symmetry_operation   x,y,z 
_pdbx_struct_oper_list.matrix[1][1]         1.0000000000 
_pdbx_struct_oper_list.matrix[1][2]         0.0000000000 
_pdbx_struct_oper_list.matrix[1][3]         0.0000000000 
_pdbx_struct_oper_list.vector[1]            0.0000000000 
_pdbx_struct_oper_list.matrix[2][1]         0.0000000000 
_pdbx_struct_oper_list.matrix[2][2]         1.0000000000 
_pdbx_struct_oper_list.matrix[2][3]         0.0000000000 
_pdbx_struct_oper_list.vector[2]            0.0000000000 
_pdbx_struct_oper_list.matrix[3][1]         0.0000000000 
_pdbx_struct_oper_list.matrix[3][2]         0.0000000000 
_pdbx_struct_oper_list.matrix[3][3]         1.0000000000 
_pdbx_struct_oper_list.vector[3]            0.0000000000 
# 
loop_
_struct_biol.id 
_struct_biol.pdbx_parent_biol_id 
_struct_biol.details 
1 ? ? 
2 ? ? 
# 
loop_
_struct_conf.conf_type_id 
_struct_conf.id 
_struct_conf.pdbx_PDB_helix_id 
_struct_conf.beg_label_comp_id 
_struct_conf.beg_label_asym_id 
_struct_conf.beg_label_seq_id 
_struct_conf.pdbx_beg_PDB_ins_code 
_struct_conf.end_label_comp_id 
_struct_conf.end_label_asym_id 
_struct_conf.end_label_seq_id 
_struct_conf.pdbx_end_PDB_ins_code 
_struct_conf.beg_auth_comp_id 
_struct_conf.beg_auth_asym_id 
_struct_conf.beg_auth_seq_id 
_struct_conf.end_auth_comp_id 
_struct_conf.end_auth_asym_id 
_struct_conf.end_auth_seq_id 
_struct_conf.pdbx_PDB_helix_class 
_struct_conf.details 
_struct_conf.pdbx_PDB_helix_length 
HELX_P HELX_P1 1 SER A 5  ? THR A 12 ? SER A 5  THR A 12 1 ? 8 
HELX_P HELX_P2 2 PRO A 26 ? ILE A 33 ? PRO A 26 ILE A 33 1 ? 8 
HELX_P HELX_P3 3 LEU B 4  ? THR B 12 ? LEU B 4  THR B 12 1 ? 9 
HELX_P HELX_P4 4 GLU B 27 ? ILE B 33 ? GLU B 27 ILE B 33 1 ? 7 
# 
_struct_conf_type.id          HELX_P 
_struct_conf_type.criteria    ? 
_struct_conf_type.reference   ? 
# 
loop_
_struct_mon_prot_cis.pdbx_id 
_struct_mon_prot_cis.label_comp_id 
_struct_mon_prot_cis.label_seq_id 
_struct_mon_prot_cis.label_asym_id 
_struct_mon_prot_cis.label_alt_id 
_struct_mon_prot_cis.pdbx_PDB_ins_code 
_struct_mon_prot_cis.auth_comp_id 
_struct_mon_prot_cis.auth_seq_id 
_struct_mon_prot_cis.auth_asym_id 
_struct_mon_prot_cis.pdbx_label_comp_id_2 
_struct_mon_prot_cis.pdbx_label_seq_id_2 
_struct_mon_prot_cis.pdbx_label_asym_id_2 
_struct_mon_prot_cis.pdbx_PDB_ins_code_2 
_struct_mon_prot_cis.pdbx_auth_comp_id_2 
_struct_mon_prot_cis.pdbx_auth_seq_id_2 
_struct_mon_prot_cis.pdbx_auth_asym_id_2 
_struct_mon_prot_cis.pdbx_PDB_model_num 
_struct_mon_prot_cis.pdbx_omega_angle 
1 ALA 62 A . ? ALA 62 A PRO 63 A ? PRO 63 A 1 0.46  
2 ALA 62 B . ? ALA 62 B PRO 63 B ? PRO 63 B 1 -0.23 
# 
loop_
_struct_sheet.id 
_struct_sheet.type 
_struct_sheet.number_strands 
_struct_sheet.details 
A ? 5 ? 
B ? 5 ? 
# 
loop_
_struct_sheet_order.sheet_id 
_struct_sheet_order.range_id_1 
_struct_sheet_order.range_id_2 
_struct_sheet_order.offset 
_struct_sheet_order.sense 
A 1 2 ? anti-parallel 
A 2 3 ? anti-parallel 
A 3 4 ? anti-parallel 
A 4 5 ? anti-parallel 
B 1 2 ? anti-parallel 
B 2 3 ? anti-parallel 
B 3 4 ? anti-parallel 
B 4 5 ? anti-parallel 
# 
loop_
_struct_sheet_range.sheet_id 
_struct_sheet_range.id 
_struct_sheet_range.beg_label_comp_id 
_struct_sheet_range.beg_label_asym_id 
_struct_sheet_range.beg_label_seq_id 
_struct_sheet_range.pdbx_beg_PDB_ins_code 
_struct_sheet_range.end_label_comp_id 
_struct_sheet_range.end_label_asym_id 
_struct_sheet_range.end_label_seq_id 
_struct_sheet_range.pdbx_end_PDB_ins_code 
_struct_sheet_range.beg_auth_comp_id 
_struct_sheet_range.beg_auth_asym_id 
_struct_sheet_range.beg_auth_seq_id 
_struct_sheet_range.end_auth_comp_id 
_struct_sheet_range.end_auth_asym_id 
_struct_sheet_range.end_auth_seq_id 
A 1 SER A 21 ? MET A 24 ? SER A 21 MET A 24 
A 2 ILE A 41 ? ASP A 48 ? ILE A 41 ASP A 48 
A 3 GLU A 53 ? SER A 60 ? GLU A 53 SER A 60 
A 4 PRO A 67 ? GLN A 73 ? PRO A 67 GLN A 73 
A 5 ASN A 79 ? MET A 83 ? ASN A 79 MET A 83 
B 1 ILE B 22 ? MET B 24 ? ILE B 22 MET B 24 
B 2 ILE B 41 ? ASP B 48 ? ILE B 41 ASP B 48 
B 3 GLU B 53 ? SER B 60 ? GLU B 53 SER B 60 
B 4 PRO B 67 ? GLN B 73 ? PRO B 67 GLN B 73 
B 5 ASN B 79 ? MET B 83 ? ASN B 79 MET B 83 
# 
loop_
_pdbx_struct_sheet_hbond.sheet_id 
_pdbx_struct_sheet_hbond.range_id_1 
_pdbx_struct_sheet_hbond.range_id_2 
_pdbx_struct_sheet_hbond.range_1_label_atom_id 
_pdbx_struct_sheet_hbond.range_1_label_comp_id 
_pdbx_struct_sheet_hbond.range_1_label_asym_id 
_pdbx_struct_sheet_hbond.range_1_label_seq_id 
_pdbx_struct_sheet_hbond.range_1_PDB_ins_code 
_pdbx_struct_sheet_hbond.range_1_auth_atom_id 
_pdbx_struct_sheet_hbond.range_1_auth_comp_id 
_pdbx_struct_sheet_hbond.range_1_auth_asym_id 
_pdbx_struct_sheet_hbond.range_1_auth_seq_id 
_pdbx_struct_sheet_hbond.range_2_label_atom_id 
_pdbx_struct_sheet_hbond.range_2_label_comp_id 
_pdbx_struct_sheet_hbond.range_2_label_asym_id 
_pdbx_struct_sheet_hbond.range_2_label_seq_id 
_pdbx_struct_sheet_hbond.range_2_PDB_ins_code 
_pdbx_struct_sheet_hbond.range_2_auth_atom_id 
_pdbx_struct_sheet_hbond.range_2_auth_comp_id 
_pdbx_struct_sheet_hbond.range_2_auth_asym_id 
_pdbx_struct_sheet_hbond.range_2_auth_seq_id 
A 1 2 O ILE A 22 ? O ILE A 22 N VAL A 43 ? N VAL A 43 
A 2 3 O LEU A 42 ? O LEU A 42 N THR A 59 ? N THR A 59 
A 3 4 O ASN A 54 ? O ASN A 54 N GLN A 73 ? N GLN A 73 
A 4 5 O LEU A 70 ? O LEU A 70 N LYS A 82 ? N LYS A 82 
B 1 2 O ILE B 22 ? O ILE B 22 N VAL B 43 ? N VAL B 43 
B 2 3 O LEU B 42 ? O LEU B 42 N THR B 59 ? N THR B 59 
B 3 4 O ASN B 54 ? O ASN B 54 N GLN B 73 ? N GLN B 73 
B 4 5 O LEU B 70 ? O LEU B 70 N LYS B 82 ? N LYS B 82 
# 
_struct_site.id                   AC1 
_struct_site.pdbx_evidence_code   Software 
_struct_site.pdbx_auth_asym_id    A 
_struct_site.pdbx_auth_comp_id    IMD 
_struct_site.pdbx_auth_seq_id     1500 
_struct_site.pdbx_auth_ins_code   ? 
_struct_site.pdbx_num_residues    7 
_struct_site.details              'BINDING SITE FOR RESIDUE IMD A 1500' 
# 
loop_
_struct_site_gen.id 
_struct_site_gen.site_id 
_struct_site_gen.pdbx_num_res 
_struct_site_gen.label_comp_id 
_struct_site_gen.label_asym_id 
_struct_site_gen.label_seq_id 
_struct_site_gen.pdbx_auth_ins_code 
_struct_site_gen.auth_comp_id 
_struct_site_gen.auth_asym_id 
_struct_site_gen.auth_seq_id 
_struct_site_gen.label_atom_id 
_struct_site_gen.label_alt_id 
_struct_site_gen.symmetry 
_struct_site_gen.details 
1 AC1 7 GLN A 73 ? GLN A 73 . ? 1_555 ? 
2 AC1 7 GLY A 77 ? GLY A 77 . ? 1_555 ? 
3 AC1 7 ASN A 79 ? ASN A 79 . ? 1_555 ? 
4 AC1 7 LEU B 23 ? LEU B 23 . ? 1_555 ? 
5 AC1 7 LEU B 25 ? LEU B 25 . ? 1_555 ? 
6 AC1 7 GLU B 28 ? GLU B 28 . ? 1_555 ? 
7 AC1 7 GLU B 78 ? GLU B 78 . ? 3_645 ? 
# 
loop_
_pdbx_validate_torsion.id 
_pdbx_validate_torsion.PDB_model_num 
_pdbx_validate_torsion.auth_comp_id 
_pdbx_validate_torsion.auth_asym_id 
_pdbx_validate_torsion.auth_seq_id 
_pdbx_validate_torsion.PDB_ins_code 
_pdbx_validate_torsion.label_alt_id 
_pdbx_validate_torsion.phi 
_pdbx_validate_torsion.psi 
1 1 SER B 39 ? ? -119.21 -164.90 
2 1 ASP B 52 ? ? 71.08   50.67   
# 
loop_
_pdbx_unobs_or_zero_occ_residues.id 
_pdbx_unobs_or_zero_occ_residues.PDB_model_num 
_pdbx_unobs_or_zero_occ_residues.polymer_flag 
_pdbx_unobs_or_zero_occ_residues.occupancy_flag 
_pdbx_unobs_or_zero_occ_residues.auth_asym_id 
_pdbx_unobs_or_zero_occ_residues.auth_comp_id 
_pdbx_unobs_or_zero_occ_residues.auth_seq_id 
_pdbx_unobs_or_zero_occ_residues.PDB_ins_code 
_pdbx_unobs_or_zero_occ_residues.label_asym_id 
_pdbx_unobs_or_zero_occ_residues.label_comp_id 
_pdbx_unobs_or_zero_occ_residues.label_seq_id 
1 1 Y 1 A MET 1 ? A MET 1 
2 1 Y 1 B MET 1 ? B MET 1 
# 
loop_
_chem_comp_atom.comp_id 
_chem_comp_atom.atom_id 
_chem_comp_atom.type_symbol 
_chem_comp_atom.pdbx_aromatic_flag 
_chem_comp_atom.pdbx_stereo_config 
_chem_comp_atom.pdbx_ordinal 
ALA N    N N N 1   
ALA CA   C N S 2   
ALA C    C N N 3   
ALA O    O N N 4   
ALA CB   C N N 5   
ALA OXT  O N N 6   
ALA H    H N N 7   
ALA H2   H N N 8   
ALA HA   H N N 9   
ALA HB1  H N N 10  
ALA HB2  H N N 11  
ALA HB3  H N N 12  
ALA HXT  H N N 13  
ASN N    N N N 14  
ASN CA   C N S 15  
ASN C    C N N 16  
ASN O    O N N 17  
ASN CB   C N N 18  
ASN CG   C N N 19  
ASN OD1  O N N 20  
ASN ND2  N N N 21  
ASN OXT  O N N 22  
ASN H    H N N 23  
ASN H2   H N N 24  
ASN HA   H N N 25  
ASN HB2  H N N 26  
ASN HB3  H N N 27  
ASN HD21 H N N 28  
ASN HD22 H N N 29  
ASN HXT  H N N 30  
ASP N    N N N 31  
ASP CA   C N S 32  
ASP C    C N N 33  
ASP O    O N N 34  
ASP CB   C N N 35  
ASP CG   C N N 36  
ASP OD1  O N N 37  
ASP OD2  O N N 38  
ASP OXT  O N N 39  
ASP H    H N N 40  
ASP H2   H N N 41  
ASP HA   H N N 42  
ASP HB2  H N N 43  
ASP HB3  H N N 44  
ASP HD2  H N N 45  
ASP HXT  H N N 46  
GLN N    N N N 47  
GLN CA   C N S 48  
GLN C    C N N 49  
GLN O    O N N 50  
GLN CB   C N N 51  
GLN CG   C N N 52  
GLN CD   C N N 53  
GLN OE1  O N N 54  
GLN NE2  N N N 55  
GLN OXT  O N N 56  
GLN H    H N N 57  
GLN H2   H N N 58  
GLN HA   H N N 59  
GLN HB2  H N N 60  
GLN HB3  H N N 61  
GLN HG2  H N N 62  
GLN HG3  H N N 63  
GLN HE21 H N N 64  
GLN HE22 H N N 65  
GLN HXT  H N N 66  
GLU N    N N N 67  
GLU CA   C N S 68  
GLU C    C N N 69  
GLU O    O N N 70  
GLU CB   C N N 71  
GLU CG   C N N 72  
GLU CD   C N N 73  
GLU OE1  O N N 74  
GLU OE2  O N N 75  
GLU OXT  O N N 76  
GLU H    H N N 77  
GLU H2   H N N 78  
GLU HA   H N N 79  
GLU HB2  H N N 80  
GLU HB3  H N N 81  
GLU HG2  H N N 82  
GLU HG3  H N N 83  
GLU HE2  H N N 84  
GLU HXT  H N N 85  
GLY N    N N N 86  
GLY CA   C N N 87  
GLY C    C N N 88  
GLY O    O N N 89  
GLY OXT  O N N 90  
GLY H    H N N 91  
GLY H2   H N N 92  
GLY HA2  H N N 93  
GLY HA3  H N N 94  
GLY HXT  H N N 95  
HIS N    N N N 96  
HIS CA   C N S 97  
HIS C    C N N 98  
HIS O    O N N 99  
HIS CB   C N N 100 
HIS CG   C Y N 101 
HIS ND1  N Y N 102 
HIS CD2  C Y N 103 
HIS CE1  C Y N 104 
HIS NE2  N Y N 105 
HIS OXT  O N N 106 
HIS H    H N N 107 
HIS H2   H N N 108 
HIS HA   H N N 109 
HIS HB2  H N N 110 
HIS HB3  H N N 111 
HIS HD1  H N N 112 
HIS HD2  H N N 113 
HIS HE1  H N N 114 
HIS HE2  H N N 115 
HIS HXT  H N N 116 
HOH O    O N N 117 
HOH H1   H N N 118 
HOH H2   H N N 119 
ILE N    N N N 120 
ILE CA   C N S 121 
ILE C    C N N 122 
ILE O    O N N 123 
ILE CB   C N S 124 
ILE CG1  C N N 125 
ILE CG2  C N N 126 
ILE CD1  C N N 127 
ILE OXT  O N N 128 
ILE H    H N N 129 
ILE H2   H N N 130 
ILE HA   H N N 131 
ILE HB   H N N 132 
ILE HG12 H N N 133 
ILE HG13 H N N 134 
ILE HG21 H N N 135 
ILE HG22 H N N 136 
ILE HG23 H N N 137 
ILE HD11 H N N 138 
ILE HD12 H N N 139 
ILE HD13 H N N 140 
ILE HXT  H N N 141 
IMD N1   N Y N 142 
IMD C2   C Y N 143 
IMD N3   N Y N 144 
IMD C4   C Y N 145 
IMD C5   C Y N 146 
IMD HN1  H N N 147 
IMD H2   H N N 148 
IMD HN3  H N N 149 
IMD H4   H N N 150 
IMD H5   H N N 151 
LEU N    N N N 152 
LEU CA   C N S 153 
LEU C    C N N 154 
LEU O    O N N 155 
LEU CB   C N N 156 
LEU CG   C N N 157 
LEU CD1  C N N 158 
LEU CD2  C N N 159 
LEU OXT  O N N 160 
LEU H    H N N 161 
LEU H2   H N N 162 
LEU HA   H N N 163 
LEU HB2  H N N 164 
LEU HB3  H N N 165 
LEU HG   H N N 166 
LEU HD11 H N N 167 
LEU HD12 H N N 168 
LEU HD13 H N N 169 
LEU HD21 H N N 170 
LEU HD22 H N N 171 
LEU HD23 H N N 172 
LEU HXT  H N N 173 
LYS N    N N N 174 
LYS CA   C N S 175 
LYS C    C N N 176 
LYS O    O N N 177 
LYS CB   C N N 178 
LYS CG   C N N 179 
LYS CD   C N N 180 
LYS CE   C N N 181 
LYS NZ   N N N 182 
LYS OXT  O N N 183 
LYS H    H N N 184 
LYS H2   H N N 185 
LYS HA   H N N 186 
LYS HB2  H N N 187 
LYS HB3  H N N 188 
LYS HG2  H N N 189 
LYS HG3  H N N 190 
LYS HD2  H N N 191 
LYS HD3  H N N 192 
LYS HE2  H N N 193 
LYS HE3  H N N 194 
LYS HZ1  H N N 195 
LYS HZ2  H N N 196 
LYS HZ3  H N N 197 
LYS HXT  H N N 198 
MET N    N N N 199 
MET CA   C N S 200 
MET C    C N N 201 
MET O    O N N 202 
MET CB   C N N 203 
MET CG   C N N 204 
MET SD   S N N 205 
MET CE   C N N 206 
MET OXT  O N N 207 
MET H    H N N 208 
MET H2   H N N 209 
MET HA   H N N 210 
MET HB2  H N N 211 
MET HB3  H N N 212 
MET HG2  H N N 213 
MET HG3  H N N 214 
MET HE1  H N N 215 
MET HE2  H N N 216 
MET HE3  H N N 217 
MET HXT  H N N 218 
PRO N    N N N 219 
PRO CA   C N S 220 
PRO C    C N N 221 
PRO O    O N N 222 
PRO CB   C N N 223 
PRO CG   C N N 224 
PRO CD   C N N 225 
PRO OXT  O N N 226 
PRO H    H N N 227 
PRO HA   H N N 228 
PRO HB2  H N N 229 
PRO HB3  H N N 230 
PRO HG2  H N N 231 
PRO HG3  H N N 232 
PRO HD2  H N N 233 
PRO HD3  H N N 234 
PRO HXT  H N N 235 
SER N    N N N 236 
SER CA   C N S 237 
SER C    C N N 238 
SER O    O N N 239 
SER CB   C N N 240 
SER OG   O N N 241 
SER OXT  O N N 242 
SER H    H N N 243 
SER H2   H N N 244 
SER HA   H N N 245 
SER HB2  H N N 246 
SER HB3  H N N 247 
SER HG   H N N 248 
SER HXT  H N N 249 
THR N    N N N 250 
THR CA   C N S 251 
THR C    C N N 252 
THR O    O N N 253 
THR CB   C N R 254 
THR OG1  O N N 255 
THR CG2  C N N 256 
THR OXT  O N N 257 
THR H    H N N 258 
THR H2   H N N 259 
THR HA   H N N 260 
THR HB   H N N 261 
THR HG1  H N N 262 
THR HG21 H N N 263 
THR HG22 H N N 264 
THR HG23 H N N 265 
THR HXT  H N N 266 
TRP N    N N N 267 
TRP CA   C N S 268 
TRP C    C N N 269 
TRP O    O N N 270 
TRP CB   C N N 271 
TRP CG   C Y N 272 
TRP CD1  C Y N 273 
TRP CD2  C Y N 274 
TRP NE1  N Y N 275 
TRP CE2  C Y N 276 
TRP CE3  C Y N 277 
TRP CZ2  C Y N 278 
TRP CZ3  C Y N 279 
TRP CH2  C Y N 280 
TRP OXT  O N N 281 
TRP H    H N N 282 
TRP H2   H N N 283 
TRP HA   H N N 284 
TRP HB2  H N N 285 
TRP HB3  H N N 286 
TRP HD1  H N N 287 
TRP HE1  H N N 288 
TRP HE3  H N N 289 
TRP HZ2  H N N 290 
TRP HZ3  H N N 291 
TRP HH2  H N N 292 
TRP HXT  H N N 293 
TYR N    N N N 294 
TYR CA   C N S 295 
TYR C    C N N 296 
TYR O    O N N 297 
TYR CB   C N N 298 
TYR CG   C Y N 299 
TYR CD1  C Y N 300 
TYR CD2  C Y N 301 
TYR CE1  C Y N 302 
TYR CE2  C Y N 303 
TYR CZ   C Y N 304 
TYR OH   O N N 305 
TYR OXT  O N N 306 
TYR H    H N N 307 
TYR H2   H N N 308 
TYR HA   H N N 309 
TYR HB2  H N N 310 
TYR HB3  H N N 311 
TYR HD1  H N N 312 
TYR HD2  H N N 313 
TYR HE1  H N N 314 
TYR HE2  H N N 315 
TYR HH   H N N 316 
TYR HXT  H N N 317 
VAL N    N N N 318 
VAL CA   C N S 319 
VAL C    C N N 320 
VAL O    O N N 321 
VAL CB   C N N 322 
VAL CG1  C N N 323 
VAL CG2  C N N 324 
VAL OXT  O N N 325 
VAL H    H N N 326 
VAL H2   H N N 327 
VAL HA   H N N 328 
VAL HB   H N N 329 
VAL HG11 H N N 330 
VAL HG12 H N N 331 
VAL HG13 H N N 332 
VAL HG21 H N N 333 
VAL HG22 H N N 334 
VAL HG23 H N N 335 
VAL HXT  H N N 336 
# 
loop_
_chem_comp_bond.comp_id 
_chem_comp_bond.atom_id_1 
_chem_comp_bond.atom_id_2 
_chem_comp_bond.value_order 
_chem_comp_bond.pdbx_aromatic_flag 
_chem_comp_bond.pdbx_stereo_config 
_chem_comp_bond.pdbx_ordinal 
ALA N   CA   sing N N 1   
ALA N   H    sing N N 2   
ALA N   H2   sing N N 3   
ALA CA  C    sing N N 4   
ALA CA  CB   sing N N 5   
ALA CA  HA   sing N N 6   
ALA C   O    doub N N 7   
ALA C   OXT  sing N N 8   
ALA CB  HB1  sing N N 9   
ALA CB  HB2  sing N N 10  
ALA CB  HB3  sing N N 11  
ALA OXT HXT  sing N N 12  
ASN N   CA   sing N N 13  
ASN N   H    sing N N 14  
ASN N   H2   sing N N 15  
ASN CA  C    sing N N 16  
ASN CA  CB   sing N N 17  
ASN CA  HA   sing N N 18  
ASN C   O    doub N N 19  
ASN C   OXT  sing N N 20  
ASN CB  CG   sing N N 21  
ASN CB  HB2  sing N N 22  
ASN CB  HB3  sing N N 23  
ASN CG  OD1  doub N N 24  
ASN CG  ND2  sing N N 25  
ASN ND2 HD21 sing N N 26  
ASN ND2 HD22 sing N N 27  
ASN OXT HXT  sing N N 28  
ASP N   CA   sing N N 29  
ASP N   H    sing N N 30  
ASP N   H2   sing N N 31  
ASP CA  C    sing N N 32  
ASP CA  CB   sing N N 33  
ASP CA  HA   sing N N 34  
ASP C   O    doub N N 35  
ASP C   OXT  sing N N 36  
ASP CB  CG   sing N N 37  
ASP CB  HB2  sing N N 38  
ASP CB  HB3  sing N N 39  
ASP CG  OD1  doub N N 40  
ASP CG  OD2  sing N N 41  
ASP OD2 HD2  sing N N 42  
ASP OXT HXT  sing N N 43  
GLN N   CA   sing N N 44  
GLN N   H    sing N N 45  
GLN N   H2   sing N N 46  
GLN CA  C    sing N N 47  
GLN CA  CB   sing N N 48  
GLN CA  HA   sing N N 49  
GLN C   O    doub N N 50  
GLN C   OXT  sing N N 51  
GLN CB  CG   sing N N 52  
GLN CB  HB2  sing N N 53  
GLN CB  HB3  sing N N 54  
GLN CG  CD   sing N N 55  
GLN CG  HG2  sing N N 56  
GLN CG  HG3  sing N N 57  
GLN CD  OE1  doub N N 58  
GLN CD  NE2  sing N N 59  
GLN NE2 HE21 sing N N 60  
GLN NE2 HE22 sing N N 61  
GLN OXT HXT  sing N N 62  
GLU N   CA   sing N N 63  
GLU N   H    sing N N 64  
GLU N   H2   sing N N 65  
GLU CA  C    sing N N 66  
GLU CA  CB   sing N N 67  
GLU CA  HA   sing N N 68  
GLU C   O    doub N N 69  
GLU C   OXT  sing N N 70  
GLU CB  CG   sing N N 71  
GLU CB  HB2  sing N N 72  
GLU CB  HB3  sing N N 73  
GLU CG  CD   sing N N 74  
GLU CG  HG2  sing N N 75  
GLU CG  HG3  sing N N 76  
GLU CD  OE1  doub N N 77  
GLU CD  OE2  sing N N 78  
GLU OE2 HE2  sing N N 79  
GLU OXT HXT  sing N N 80  
GLY N   CA   sing N N 81  
GLY N   H    sing N N 82  
GLY N   H2   sing N N 83  
GLY CA  C    sing N N 84  
GLY CA  HA2  sing N N 85  
GLY CA  HA3  sing N N 86  
GLY C   O    doub N N 87  
GLY C   OXT  sing N N 88  
GLY OXT HXT  sing N N 89  
HIS N   CA   sing N N 90  
HIS N   H    sing N N 91  
HIS N   H2   sing N N 92  
HIS CA  C    sing N N 93  
HIS CA  CB   sing N N 94  
HIS CA  HA   sing N N 95  
HIS C   O    doub N N 96  
HIS C   OXT  sing N N 97  
HIS CB  CG   sing N N 98  
HIS CB  HB2  sing N N 99  
HIS CB  HB3  sing N N 100 
HIS CG  ND1  sing Y N 101 
HIS CG  CD2  doub Y N 102 
HIS ND1 CE1  doub Y N 103 
HIS ND1 HD1  sing N N 104 
HIS CD2 NE2  sing Y N 105 
HIS CD2 HD2  sing N N 106 
HIS CE1 NE2  sing Y N 107 
HIS CE1 HE1  sing N N 108 
HIS NE2 HE2  sing N N 109 
HIS OXT HXT  sing N N 110 
HOH O   H1   sing N N 111 
HOH O   H2   sing N N 112 
ILE N   CA   sing N N 113 
ILE N   H    sing N N 114 
ILE N   H2   sing N N 115 
ILE CA  C    sing N N 116 
ILE CA  CB   sing N N 117 
ILE CA  HA   sing N N 118 
ILE C   O    doub N N 119 
ILE C   OXT  sing N N 120 
ILE CB  CG1  sing N N 121 
ILE CB  CG2  sing N N 122 
ILE CB  HB   sing N N 123 
ILE CG1 CD1  sing N N 124 
ILE CG1 HG12 sing N N 125 
ILE CG1 HG13 sing N N 126 
ILE CG2 HG21 sing N N 127 
ILE CG2 HG22 sing N N 128 
ILE CG2 HG23 sing N N 129 
ILE CD1 HD11 sing N N 130 
ILE CD1 HD12 sing N N 131 
ILE CD1 HD13 sing N N 132 
ILE OXT HXT  sing N N 133 
IMD N1  C2   sing Y N 134 
IMD N1  C5   sing Y N 135 
IMD N1  HN1  sing N N 136 
IMD C2  N3   doub Y N 137 
IMD C2  H2   sing N N 138 
IMD N3  C4   sing Y N 139 
IMD N3  HN3  sing N N 140 
IMD C4  C5   doub Y N 141 
IMD C4  H4   sing N N 142 
IMD C5  H5   sing N N 143 
LEU N   CA   sing N N 144 
LEU N   H    sing N N 145 
LEU N   H2   sing N N 146 
LEU CA  C    sing N N 147 
LEU CA  CB   sing N N 148 
LEU CA  HA   sing N N 149 
LEU C   O    doub N N 150 
LEU C   OXT  sing N N 151 
LEU CB  CG   sing N N 152 
LEU CB  HB2  sing N N 153 
LEU CB  HB3  sing N N 154 
LEU CG  CD1  sing N N 155 
LEU CG  CD2  sing N N 156 
LEU CG  HG   sing N N 157 
LEU CD1 HD11 sing N N 158 
LEU CD1 HD12 sing N N 159 
LEU CD1 HD13 sing N N 160 
LEU CD2 HD21 sing N N 161 
LEU CD2 HD22 sing N N 162 
LEU CD2 HD23 sing N N 163 
LEU OXT HXT  sing N N 164 
LYS N   CA   sing N N 165 
LYS N   H    sing N N 166 
LYS N   H2   sing N N 167 
LYS CA  C    sing N N 168 
LYS CA  CB   sing N N 169 
LYS CA  HA   sing N N 170 
LYS C   O    doub N N 171 
LYS C   OXT  sing N N 172 
LYS CB  CG   sing N N 173 
LYS CB  HB2  sing N N 174 
LYS CB  HB3  sing N N 175 
LYS CG  CD   sing N N 176 
LYS CG  HG2  sing N N 177 
LYS CG  HG3  sing N N 178 
LYS CD  CE   sing N N 179 
LYS CD  HD2  sing N N 180 
LYS CD  HD3  sing N N 181 
LYS CE  NZ   sing N N 182 
LYS CE  HE2  sing N N 183 
LYS CE  HE3  sing N N 184 
LYS NZ  HZ1  sing N N 185 
LYS NZ  HZ2  sing N N 186 
LYS NZ  HZ3  sing N N 187 
LYS OXT HXT  sing N N 188 
MET N   CA   sing N N 189 
MET N   H    sing N N 190 
MET N   H2   sing N N 191 
MET CA  C    sing N N 192 
MET CA  CB   sing N N 193 
MET CA  HA   sing N N 194 
MET C   O    doub N N 195 
MET C   OXT  sing N N 196 
MET CB  CG   sing N N 197 
MET CB  HB2  sing N N 198 
MET CB  HB3  sing N N 199 
MET CG  SD   sing N N 200 
MET CG  HG2  sing N N 201 
MET CG  HG3  sing N N 202 
MET SD  CE   sing N N 203 
MET CE  HE1  sing N N 204 
MET CE  HE2  sing N N 205 
MET CE  HE3  sing N N 206 
MET OXT HXT  sing N N 207 
PRO N   CA   sing N N 208 
PRO N   CD   sing N N 209 
PRO N   H    sing N N 210 
PRO CA  C    sing N N 211 
PRO CA  CB   sing N N 212 
PRO CA  HA   sing N N 213 
PRO C   O    doub N N 214 
PRO C   OXT  sing N N 215 
PRO CB  CG   sing N N 216 
PRO CB  HB2  sing N N 217 
PRO CB  HB3  sing N N 218 
PRO CG  CD   sing N N 219 
PRO CG  HG2  sing N N 220 
PRO CG  HG3  sing N N 221 
PRO CD  HD2  sing N N 222 
PRO CD  HD3  sing N N 223 
PRO OXT HXT  sing N N 224 
SER N   CA   sing N N 225 
SER N   H    sing N N 226 
SER N   H2   sing N N 227 
SER CA  C    sing N N 228 
SER CA  CB   sing N N 229 
SER CA  HA   sing N N 230 
SER C   O    doub N N 231 
SER C   OXT  sing N N 232 
SER CB  OG   sing N N 233 
SER CB  HB2  sing N N 234 
SER CB  HB3  sing N N 235 
SER OG  HG   sing N N 236 
SER OXT HXT  sing N N 237 
THR N   CA   sing N N 238 
THR N   H    sing N N 239 
THR N   H2   sing N N 240 
THR CA  C    sing N N 241 
THR CA  CB   sing N N 242 
THR CA  HA   sing N N 243 
THR C   O    doub N N 244 
THR C   OXT  sing N N 245 
THR CB  OG1  sing N N 246 
THR CB  CG2  sing N N 247 
THR CB  HB   sing N N 248 
THR OG1 HG1  sing N N 249 
THR CG2 HG21 sing N N 250 
THR CG2 HG22 sing N N 251 
THR CG2 HG23 sing N N 252 
THR OXT HXT  sing N N 253 
TRP N   CA   sing N N 254 
TRP N   H    sing N N 255 
TRP N   H2   sing N N 256 
TRP CA  C    sing N N 257 
TRP CA  CB   sing N N 258 
TRP CA  HA   sing N N 259 
TRP C   O    doub N N 260 
TRP C   OXT  sing N N 261 
TRP CB  CG   sing N N 262 
TRP CB  HB2  sing N N 263 
TRP CB  HB3  sing N N 264 
TRP CG  CD1  doub Y N 265 
TRP CG  CD2  sing Y N 266 
TRP CD1 NE1  sing Y N 267 
TRP CD1 HD1  sing N N 268 
TRP CD2 CE2  doub Y N 269 
TRP CD2 CE3  sing Y N 270 
TRP NE1 CE2  sing Y N 271 
TRP NE1 HE1  sing N N 272 
TRP CE2 CZ2  sing Y N 273 
TRP CE3 CZ3  doub Y N 274 
TRP CE3 HE3  sing N N 275 
TRP CZ2 CH2  doub Y N 276 
TRP CZ2 HZ2  sing N N 277 
TRP CZ3 CH2  sing Y N 278 
TRP CZ3 HZ3  sing N N 279 
TRP CH2 HH2  sing N N 280 
TRP OXT HXT  sing N N 281 
TYR N   CA   sing N N 282 
TYR N   H    sing N N 283 
TYR N   H2   sing N N 284 
TYR CA  C    sing N N 285 
TYR CA  CB   sing N N 286 
TYR CA  HA   sing N N 287 
TYR C   O    doub N N 288 
TYR C   OXT  sing N N 289 
TYR CB  CG   sing N N 290 
TYR CB  HB2  sing N N 291 
TYR CB  HB3  sing N N 292 
TYR CG  CD1  doub Y N 293 
TYR CG  CD2  sing Y N 294 
TYR CD1 CE1  sing Y N 295 
TYR CD1 HD1  sing N N 296 
TYR CD2 CE2  doub Y N 297 
TYR CD2 HD2  sing N N 298 
TYR CE1 CZ   doub Y N 299 
TYR CE1 HE1  sing N N 300 
TYR CE2 CZ   sing Y N 301 
TYR CE2 HE2  sing N N 302 
TYR CZ  OH   sing N N 303 
TYR OH  HH   sing N N 304 
TYR OXT HXT  sing N N 305 
VAL N   CA   sing N N 306 
VAL N   H    sing N N 307 
VAL N   H2   sing N N 308 
VAL CA  C    sing N N 309 
VAL CA  CB   sing N N 310 
VAL CA  HA   sing N N 311 
VAL C   O    doub N N 312 
VAL C   OXT  sing N N 313 
VAL CB  CG1  sing N N 314 
VAL CB  CG2  sing N N 315 
VAL CB  HB   sing N N 316 
VAL CG1 HG11 sing N N 317 
VAL CG1 HG12 sing N N 318 
VAL CG1 HG13 sing N N 319 
VAL CG2 HG21 sing N N 320 
VAL CG2 HG22 sing N N 321 
VAL CG2 HG23 sing N N 322 
VAL OXT HXT  sing N N 323 
# 
_pdbx_initial_refinement_model.accession_code   ? 
_pdbx_initial_refinement_model.id               1 
_pdbx_initial_refinement_model.entity_id_list   ? 
_pdbx_initial_refinement_model.type             'experimental model' 
_pdbx_initial_refinement_model.source_name      Other 
_pdbx_initial_refinement_model.details          'UGI FROM THE HUMAN UDG:UGI CRYSTAL STRUCTURE' 
# 
_atom_sites.entry_id                    2UGI 
_atom_sites.fract_transf_matrix[1][1]   -0.00636100 
_atom_sites.fract_transf_matrix[1][2]   -0.01977264 
_atom_sites.fract_transf_matrix[1][3]   0.01153150 
_atom_sites.fract_transf_matrix[2][1]   -0.00378737 
_atom_sites.fract_transf_matrix[2][2]   0.00915809 
_atom_sites.fract_transf_matrix[2][3]   0.01361386 
_atom_sites.fract_transf_matrix[3][1]   -0.01273203 
_atom_sites.fract_transf_matrix[3][2]   0.00145817 
_atom_sites.fract_transf_matrix[3][3]   -0.00452296 
_atom_sites.fract_transf_vector[1]      0.630840 
_atom_sites.fract_transf_vector[2]      0.315909 
_atom_sites.fract_transf_vector[3]      0.312645 
# 
loop_
_atom_type.symbol 
C 
N 
O 
S 
# 
loop_
_atom_site.group_PDB 
_atom_site.id 
_atom_site.type_symbol 
_atom_site.label_atom_id 
_atom_site.label_alt_id 
_atom_site.label_comp_id 
_atom_site.label_asym_id 
_atom_site.label_entity_id 
_atom_site.label_seq_id 
_atom_site.pdbx_PDB_ins_code 
_atom_site.Cartn_x 
_atom_site.Cartn_y 
_atom_site.Cartn_z 
_atom_site.occupancy 
_atom_site.B_iso_or_equiv 
_atom_site.pdbx_formal_charge 
_atom_site.auth_seq_id 
_atom_site.auth_comp_id 
_atom_site.auth_asym_id 
_atom_site.auth_atom_id 
_atom_site.pdbx_PDB_model_num 
ATOM   1    N N   . THR A 1 2  ? -15.026 3.156   -11.393 1.00 67.29 ? 2    THR A N   1 
ATOM   2    C CA  . THR A 1 2  ? -14.874 4.619   -11.153 1.00 66.84 ? 2    THR A CA  1 
ATOM   3    C C   . THR A 1 2  ? -13.888 5.215   -12.151 1.00 66.20 ? 2    THR A C   1 
ATOM   4    O O   . THR A 1 2  ? -13.424 4.533   -13.070 1.00 65.20 ? 2    THR A O   1 
ATOM   5    C CB  . THR A 1 2  ? -14.360 4.922   -9.711  1.00 67.40 ? 2    THR A CB  1 
ATOM   6    O OG1 . THR A 1 2  ? -13.051 4.355   -9.521  1.00 65.85 ? 2    THR A OG1 1 
ATOM   7    C CG2 . THR A 1 2  ? -15.314 4.363   -8.672  1.00 67.34 ? 2    THR A CG2 1 
ATOM   8    N N   . ASN A 1 3  ? -13.553 6.484   -11.931 1.00 65.75 ? 3    ASN A N   1 
ATOM   9    C CA  . ASN A 1 3  ? -12.612 7.216   -12.773 1.00 65.19 ? 3    ASN A CA  1 
ATOM   10   C C   . ASN A 1 3  ? -11.214 6.602   -12.661 1.00 61.97 ? 3    ASN A C   1 
ATOM   11   O O   . ASN A 1 3  ? -10.352 6.863   -13.504 1.00 62.91 ? 3    ASN A O   1 
ATOM   12   C CB  . ASN A 1 3  ? -12.554 8.704   -12.355 1.00 70.32 ? 3    ASN A CB  1 
ATOM   13   C CG  . ASN A 1 3  ? -13.948 9.363   -12.261 1.00 75.15 ? 3    ASN A CG  1 
ATOM   14   O OD1 . ASN A 1 3  ? -14.544 9.436   -11.179 1.00 76.97 ? 3    ASN A OD1 1 
ATOM   15   N ND2 . ASN A 1 3  ? -14.451 9.867   -13.393 1.00 76.25 ? 3    ASN A ND2 1 
ATOM   16   N N   . LEU A 1 4  ? -10.992 5.811   -11.608 1.00 55.95 ? 4    LEU A N   1 
ATOM   17   C CA  . LEU A 1 4  ? -9.702  5.162   -11.371 1.00 50.92 ? 4    LEU A CA  1 
ATOM   18   C C   . LEU A 1 4  ? -9.638  3.768   -12.012 1.00 49.81 ? 4    LEU A C   1 
ATOM   19   O O   . LEU A 1 4  ? -8.618  3.397   -12.609 1.00 46.48 ? 4    LEU A O   1 
ATOM   20   C CB  . LEU A 1 4  ? -9.412  5.086   -9.865  1.00 48.51 ? 4    LEU A CB  1 
ATOM   21   C CG  . LEU A 1 4  ? -9.294  6.411   -9.101  1.00 45.63 ? 4    LEU A CG  1 
ATOM   22   C CD1 . LEU A 1 4  ? -9.300  6.138   -7.610  1.00 45.63 ? 4    LEU A CD1 1 
ATOM   23   C CD2 . LEU A 1 4  ? -8.050  7.193   -9.509  1.00 42.66 ? 4    LEU A CD2 1 
ATOM   24   N N   . SER A 1 5  ? -10.730 3.005   -11.882 1.00 50.00 ? 5    SER A N   1 
ATOM   25   C CA  . SER A 1 5  ? -10.837 1.662   -12.463 1.00 49.26 ? 5    SER A CA  1 
ATOM   26   C C   . SER A 1 5  ? -10.558 1.815   -13.942 1.00 48.27 ? 5    SER A C   1 
ATOM   27   O O   . SER A 1 5  ? -9.838  1.027   -14.557 1.00 48.47 ? 5    SER A O   1 
ATOM   28   C CB  . SER A 1 5  ? -12.264 1.141   -12.335 1.00 50.27 ? 5    SER A CB  1 
ATOM   29   O OG  . SER A 1 5  ? -12.709 1.165   -11.000 1.00 55.11 ? 5    SER A OG  1 
ATOM   30   N N   . ASP A 1 6  ? -11.170 2.850   -14.497 1.00 46.29 ? 6    ASP A N   1 
ATOM   31   C CA  . ASP A 1 6  ? -11.037 3.176   -15.894 1.00 44.86 ? 6    ASP A CA  1 
ATOM   32   C C   . ASP A 1 6  ? -9.589  3.329   -16.316 1.00 43.27 ? 6    ASP A C   1 
ATOM   33   O O   . ASP A 1 6  ? -9.212  2.888   -17.396 1.00 44.61 ? 6    ASP A O   1 
ATOM   34   C CB  . ASP A 1 6  ? -11.845 4.431   -16.183 1.00 47.66 ? 6    ASP A CB  1 
ATOM   35   C CG  . ASP A 1 6  ? -13.342 4.194   -16.052 1.00 51.27 ? 6    ASP A CG  1 
ATOM   36   O OD1 . ASP A 1 6  ? -13.762 3.015   -15.991 1.00 52.01 ? 6    ASP A OD1 1 
ATOM   37   O OD2 . ASP A 1 6  ? -14.101 5.184   -16.016 1.00 54.81 ? 6    ASP A OD2 1 
ATOM   38   N N   . ILE A 1 7  ? -8.767  3.916   -15.452 1.00 41.89 ? 7    ILE A N   1 
ATOM   39   C CA  . ILE A 1 7  ? -7.354  4.089   -15.759 1.00 41.73 ? 7    ILE A CA  1 
ATOM   40   C C   . ILE A 1 7  ? -6.656  2.743   -15.828 1.00 40.69 ? 7    ILE A C   1 
ATOM   41   O O   . ILE A 1 7  ? -5.802  2.522   -16.684 1.00 40.73 ? 7    ILE A O   1 
ATOM   42   C CB  . ILE A 1 7  ? -6.640  4.941   -14.707 1.00 41.61 ? 7    ILE A CB  1 
ATOM   43   C CG1 . ILE A 1 7  ? -7.191  6.363   -14.732 1.00 40.74 ? 7    ILE A CG1 1 
ATOM   44   C CG2 . ILE A 1 7  ? -5.132  4.950   -14.969 1.00 41.02 ? 7    ILE A CG2 1 
ATOM   45   C CD1 . ILE A 1 7  ? -6.576  7.267   -13.679 1.00 41.53 ? 7    ILE A CD1 1 
ATOM   46   N N   . ILE A 1 8  ? -7.003  1.850   -14.913 1.00 39.12 ? 8    ILE A N   1 
ATOM   47   C CA  . ILE A 1 8  ? -6.389  0.538   -14.917 1.00 39.95 ? 8    ILE A CA  1 
ATOM   48   C C   . ILE A 1 8  ? -6.873  -0.233  -16.127 1.00 41.16 ? 8    ILE A C   1 
ATOM   49   O O   . ILE A 1 8  ? -6.062  -0.837  -16.828 1.00 42.70 ? 8    ILE A O   1 
ATOM   50   C CB  . ILE A 1 8  ? -6.689  -0.262  -13.643 1.00 39.94 ? 8    ILE A CB  1 
ATOM   51   C CG1 . ILE A 1 8  ? -5.971  0.378   -12.453 1.00 40.40 ? 8    ILE A CG1 1 
ATOM   52   C CG2 . ILE A 1 8  ? -6.231  -1.720  -13.802 1.00 36.05 ? 8    ILE A CG2 1 
ATOM   53   C CD1 . ILE A 1 8  ? -6.258  -0.301  -11.129 1.00 39.76 ? 8    ILE A CD1 1 
ATOM   54   N N   . GLU A 1 9  ? -8.176  -0.164  -16.409 1.00 41.32 ? 9    GLU A N   1 
ATOM   55   C CA  . GLU A 1 9  ? -8.725  -0.887  -17.556 1.00 44.69 ? 9    GLU A CA  1 
ATOM   56   C C   . GLU A 1 9  ? -8.033  -0.513  -18.867 1.00 45.26 ? 9    GLU A C   1 
ATOM   57   O O   . GLU A 1 9  ? -7.695  -1.376  -19.675 1.00 44.55 ? 9    GLU A O   1 
ATOM   58   C CB  . GLU A 1 9  ? -10.234 -0.683  -17.692 1.00 44.72 ? 9    GLU A CB  1 
ATOM   59   C CG  . GLU A 1 9  ? -10.880 -1.755  -18.560 1.00 44.94 ? 9    GLU A CG  1 
ATOM   60   C CD  . GLU A 1 9  ? -12.367 -1.559  -18.761 1.00 48.34 ? 9    GLU A CD  1 
ATOM   61   O OE1 . GLU A 1 9  ? -13.014 -0.900  -17.916 1.00 48.70 ? 9    GLU A OE1 1 
ATOM   62   O OE2 . GLU A 1 9  ? -12.894 -2.075  -19.771 1.00 49.23 ? 9    GLU A OE2 1 
ATOM   63   N N   . LYS A 1 10 ? -7.809  0.777   -19.064 1.00 47.04 ? 10   LYS A N   1 
ATOM   64   C CA  . LYS A 1 10 ? -7.144  1.268   -20.254 1.00 48.02 ? 10   LYS A CA  1 
ATOM   65   C C   . LYS A 1 10 ? -5.696  0.753   -20.398 1.00 45.09 ? 10   LYS A C   1 
ATOM   66   O O   . LYS A 1 10 ? -5.323  0.238   -21.442 1.00 46.19 ? 10   LYS A O   1 
ATOM   67   C CB  . LYS A 1 10 ? -7.203  2.800   -20.257 1.00 53.73 ? 10   LYS A CB  1 
ATOM   68   C CG  . LYS A 1 10 ? -6.386  3.478   -21.339 1.00 63.54 ? 10   LYS A CG  1 
ATOM   69   C CD  . LYS A 1 10 ? -6.342  4.994   -21.132 1.00 72.60 ? 10   LYS A CD  1 
ATOM   70   C CE  . LYS A 1 10 ? -5.184  5.607   -21.936 1.00 77.35 ? 10   LYS A CE  1 
ATOM   71   N NZ  . LYS A 1 10 ? -4.983  7.082   -21.731 1.00 78.78 ? 10   LYS A NZ  1 
ATOM   72   N N   . GLU A 1 11 ? -4.908  0.815   -19.334 1.00 41.16 ? 11   GLU A N   1 
ATOM   73   C CA  . GLU A 1 11 ? -3.525  0.375   -19.420 1.00 37.84 ? 11   GLU A CA  1 
ATOM   74   C C   . GLU A 1 11 ? -3.262  -1.121  -19.372 1.00 39.15 ? 11   GLU A C   1 
ATOM   75   O O   . GLU A 1 11 ? -2.256  -1.583  -19.909 1.00 39.50 ? 11   GLU A O   1 
ATOM   76   C CB  . GLU A 1 11 ? -2.700  1.075   -18.345 1.00 33.82 ? 11   GLU A CB  1 
ATOM   77   C CG  . GLU A 1 11 ? -2.856  2.581   -18.347 1.00 30.52 ? 11   GLU A CG  1 
ATOM   78   C CD  . GLU A 1 11 ? -2.308  3.256   -19.603 1.00 27.99 ? 11   GLU A CD  1 
ATOM   79   O OE1 . GLU A 1 11 ? -1.958  2.566   -20.578 1.00 30.05 ? 11   GLU A OE1 1 
ATOM   80   O OE2 . GLU A 1 11 ? -2.221  4.496   -19.622 1.00 25.59 ? 11   GLU A OE2 1 
ATOM   81   N N   . THR A 1 12 ? -4.182  -1.881  -18.780 1.00 40.62 ? 12   THR A N   1 
ATOM   82   C CA  . THR A 1 12 ? -3.994  -3.329  -18.617 1.00 42.46 ? 12   THR A CA  1 
ATOM   83   C C   . THR A 1 12 ? -5.074  -4.255  -19.170 1.00 43.41 ? 12   THR A C   1 
ATOM   84   O O   . THR A 1 12 ? -4.861  -5.472  -19.256 1.00 41.96 ? 12   THR A O   1 
ATOM   85   C CB  . THR A 1 12 ? -3.814  -3.710  -17.118 1.00 44.29 ? 12   THR A CB  1 
ATOM   86   O OG1 . THR A 1 12 ? -5.061  -3.543  -16.435 1.00 43.34 ? 12   THR A OG1 1 
ATOM   87   C CG2 . THR A 1 12 ? -2.778  -2.832  -16.456 1.00 44.97 ? 12   THR A CG2 1 
ATOM   88   N N   . GLY A 1 13 ? -6.241  -3.696  -19.486 1.00 44.82 ? 13   GLY A N   1 
ATOM   89   C CA  . GLY A 1 13 ? -7.342  -4.495  -19.998 1.00 45.31 ? 13   GLY A CA  1 
ATOM   90   C C   . GLY A 1 13 ? -8.254  -5.089  -18.930 1.00 46.24 ? 13   GLY A C   1 
ATOM   91   O O   . GLY A 1 13 ? -9.389  -5.483  -19.226 1.00 46.28 ? 13   GLY A O   1 
ATOM   92   N N   . LYS A 1 14 ? -7.794  -5.122  -17.682 1.00 46.40 ? 14   LYS A N   1 
ATOM   93   C CA  . LYS A 1 14 ? -8.606  -5.683  -16.602 1.00 47.30 ? 14   LYS A CA  1 
ATOM   94   C C   . LYS A 1 14 ? -9.508  -4.708  -15.833 1.00 46.65 ? 14   LYS A C   1 
ATOM   95   O O   . LYS A 1 14 ? -9.214  -3.517  -15.721 1.00 46.46 ? 14   LYS A O   1 
ATOM   96   C CB  . LYS A 1 14 ? -7.723  -6.479  -15.645 1.00 47.38 ? 14   LYS A CB  1 
ATOM   97   C CG  . LYS A 1 14 ? -6.425  -5.815  -15.283 1.00 46.87 ? 14   LYS A CG  1 
ATOM   98   C CD  . LYS A 1 14 ? -5.483  -6.863  -14.770 1.00 49.94 ? 14   LYS A CD  1 
ATOM   99   C CE  . LYS A 1 14 ? -4.196  -6.295  -14.243 1.00 51.98 ? 14   LYS A CE  1 
ATOM   100  N NZ  . LYS A 1 14 ? -3.290  -7.433  -13.921 1.00 51.75 ? 14   LYS A NZ  1 
ATOM   101  N N   . GLN A 1 15 ? -10.621 -5.230  -15.321 1.00 44.79 ? 15   GLN A N   1 
ATOM   102  C CA  . GLN A 1 15 ? -11.573 -4.426  -14.556 1.00 43.14 ? 15   GLN A CA  1 
ATOM   103  C C   . GLN A 1 15 ? -11.567 -4.872  -13.108 1.00 40.56 ? 15   GLN A C   1 
ATOM   104  O O   . GLN A 1 15 ? -12.024 -5.970  -12.782 1.00 39.93 ? 15   GLN A O   1 
ATOM   105  C CB  . GLN A 1 15 ? -12.967 -4.581  -15.125 1.00 43.62 ? 15   GLN A CB  1 
ATOM   106  C CG  . GLN A 1 15 ? -12.987 -4.452  -16.602 1.00 49.50 ? 15   GLN A CG  1 
ATOM   107  C CD  . GLN A 1 15 ? -13.952 -5.420  -17.221 1.00 53.55 ? 15   GLN A CD  1 
ATOM   108  O OE1 . GLN A 1 15 ? -14.043 -6.581  -16.801 1.00 55.96 ? 15   GLN A OE1 1 
ATOM   109  N NE2 . GLN A 1 15 ? -14.689 -4.956  -18.223 1.00 55.17 ? 15   GLN A NE2 1 
ATOM   110  N N   . LEU A 1 16 ? -11.080 -3.984  -12.248 1.00 38.29 ? 16   LEU A N   1 
ATOM   111  C CA  . LEU A 1 16 ? -10.962 -4.244  -10.825 1.00 36.62 ? 16   LEU A CA  1 
ATOM   112  C C   . LEU A 1 16 ? -11.618 -3.164  -9.981  1.00 37.17 ? 16   LEU A C   1 
ATOM   113  O O   . LEU A 1 16 ? -11.899 -2.062  -10.457 1.00 37.22 ? 16   LEU A O   1 
ATOM   114  C CB  . LEU A 1 16 ? -9.486  -4.303  -10.451 1.00 33.40 ? 16   LEU A CB  1 
ATOM   115  C CG  . LEU A 1 16 ? -8.578  -5.263  -11.207 1.00 32.39 ? 16   LEU A CG  1 
ATOM   116  C CD1 . LEU A 1 16 ? -7.150  -5.071  -10.742 1.00 28.35 ? 16   LEU A CD1 1 
ATOM   117  C CD2 . LEU A 1 16 ? -9.048  -6.684  -10.971 1.00 31.51 ? 16   LEU A CD2 1 
ATOM   118  N N   . VAL A 1 17 ? -11.823 -3.479  -8.707  1.00 37.98 ? 17   VAL A N   1 
ATOM   119  C CA  . VAL A 1 17 ? -12.415 -2.541  -7.761  1.00 39.21 ? 17   VAL A CA  1 
ATOM   120  C C   . VAL A 1 17 ? -11.286 -1.999  -6.886  1.00 38.80 ? 17   VAL A C   1 
ATOM   121  O O   . VAL A 1 17 ? -10.531 -2.777  -6.301  1.00 38.81 ? 17   VAL A O   1 
ATOM   122  C CB  . VAL A 1 17 ? -13.480 -3.242  -6.890  1.00 39.18 ? 17   VAL A CB  1 
ATOM   123  C CG1 . VAL A 1 17 ? -14.033 -2.288  -5.850  1.00 41.18 ? 17   VAL A CG1 1 
ATOM   124  C CG2 . VAL A 1 17 ? -14.610 -3.747  -7.769  1.00 40.32 ? 17   VAL A CG2 1 
ATOM   125  N N   . ILE A 1 18 ? -11.128 -0.676  -6.855  1.00 38.38 ? 18   ILE A N   1 
ATOM   126  C CA  . ILE A 1 18 ? -10.085 -0.034  -6.039  1.00 38.89 ? 18   ILE A CA  1 
ATOM   127  C C   . ILE A 1 18 ? -10.361 -0.301  -4.563  1.00 39.85 ? 18   ILE A C   1 
ATOM   128  O O   . ILE A 1 18 ? -11.477 -0.120  -4.101  1.00 38.61 ? 18   ILE A O   1 
ATOM   129  C CB  . ILE A 1 18 ? -10.058 1.497   -6.259  1.00 37.25 ? 18   ILE A CB  1 
ATOM   130  C CG1 . ILE A 1 18 ? -9.629  1.826   -7.685  1.00 37.74 ? 18   ILE A CG1 1 
ATOM   131  C CG2 . ILE A 1 18 ? -9.178  2.184   -5.217  1.00 35.30 ? 18   ILE A CG2 1 
ATOM   132  C CD1 . ILE A 1 18 ? -8.249  1.363   -8.056  1.00 39.79 ? 18   ILE A CD1 1 
ATOM   133  N N   . GLN A 1 19 ? -9.351  -0.735  -3.826  1.00 43.61 ? 19   GLN A N   1 
ATOM   134  C CA  . GLN A 1 19 ? -9.500  -1.018  -2.415  1.00 46.67 ? 19   GLN A CA  1 
ATOM   135  C C   . GLN A 1 19 ? -9.318  0.221   -1.545  1.00 47.89 ? 19   GLN A C   1 
ATOM   136  O O   . GLN A 1 19 ? -10.293 0.731   -0.971  1.00 50.42 ? 19   GLN A O   1 
ATOM   137  C CB  . GLN A 1 19 ? -8.518  -2.117  -1.968  1.00 49.38 ? 19   GLN A CB  1 
ATOM   138  C CG  . GLN A 1 19 ? -8.642  -3.462  -2.689  1.00 53.06 ? 19   GLN A CG  1 
ATOM   139  C CD  . GLN A 1 19 ? -10.037 -4.081  -2.585  1.00 57.46 ? 19   GLN A CD  1 
ATOM   140  O OE1 . GLN A 1 19 ? -11.000 -3.568  -3.155  1.00 59.98 ? 19   GLN A OE1 1 
ATOM   141  N NE2 . GLN A 1 19 ? -10.139 -5.204  -1.881  1.00 59.14 ? 19   GLN A NE2 1 
ATOM   142  N N   . GLU A 1 20 ? -8.099  0.742   -1.469  1.00 48.86 ? 20   GLU A N   1 
ATOM   143  C CA  . GLU A 1 20 ? -7.862  1.912   -0.632  1.00 50.47 ? 20   GLU A CA  1 
ATOM   144  C C   . GLU A 1 20 ? -6.938  2.928   -1.277  1.00 48.25 ? 20   GLU A C   1 
ATOM   145  O O   . GLU A 1 20 ? -6.126  2.595   -2.141  1.00 49.28 ? 20   GLU A O   1 
ATOM   146  C CB  . GLU A 1 20 ? -7.271  1.515   0.728   1.00 54.59 ? 20   GLU A CB  1 
ATOM   147  C CG  . GLU A 1 20 ? -8.332  1.196   1.786   1.00 60.86 ? 20   GLU A CG  1 
ATOM   148  C CD  . GLU A 1 20 ? -8.289  -0.235  2.275   1.00 66.29 ? 20   GLU A CD  1 
ATOM   149  O OE1 . GLU A 1 20 ? -7.167  -0.802  2.361   1.00 69.05 ? 20   GLU A OE1 1 
ATOM   150  O OE2 . GLU A 1 20 ? -9.369  -0.787  2.594   1.00 67.95 ? 20   GLU A OE2 1 
ATOM   151  N N   . SER A 1 21 ? -7.041  4.170   -0.820  1.00 44.80 ? 21   SER A N   1 
ATOM   152  C CA  . SER A 1 21 ? -6.195  5.235   -1.338  1.00 45.26 ? 21   SER A CA  1 
ATOM   153  C C   . SER A 1 21 ? -5.350  5.794   -0.214  1.00 43.90 ? 21   SER A C   1 
ATOM   154  O O   . SER A 1 21 ? -5.881  6.265   0.785   1.00 44.66 ? 21   SER A O   1 
ATOM   155  C CB  . SER A 1 21 ? -7.038  6.303   -2.011  1.00 45.22 ? 21   SER A CB  1 
ATOM   156  O OG  . SER A 1 21 ? -7.761  5.704   -3.074  1.00 47.14 ? 21   SER A OG  1 
ATOM   157  N N   . ILE A 1 22 ? -4.033  5.643   -0.348  1.00 42.48 ? 22   ILE A N   1 
ATOM   158  C CA  . ILE A 1 22 ? -3.068  6.093   0.661   1.00 39.63 ? 22   ILE A CA  1 
ATOM   159  C C   . ILE A 1 22 ? -2.101  7.130   0.090   1.00 37.99 ? 22   ILE A C   1 
ATOM   160  O O   . ILE A 1 22 ? -1.504  6.911   -0.967  1.00 37.40 ? 22   ILE A O   1 
ATOM   161  C CB  . ILE A 1 22 ? -2.262  4.887   1.212   1.00 38.32 ? 22   ILE A CB  1 
ATOM   162  C CG1 . ILE A 1 22 ? -3.218  3.767   1.648   1.00 38.64 ? 22   ILE A CG1 1 
ATOM   163  C CG2 . ILE A 1 22 ? -1.388  5.327   2.357   1.00 34.51 ? 22   ILE A CG2 1 
ATOM   164  C CD1 . ILE A 1 22 ? -2.535  2.480   2.084   1.00 39.43 ? 22   ILE A CD1 1 
ATOM   165  N N   . LEU A 1 23 ? -1.955  8.258   0.787   1.00 36.06 ? 23   LEU A N   1 
ATOM   166  C CA  . LEU A 1 23 ? -1.080  9.337   0.328   1.00 35.43 ? 23   LEU A CA  1 
ATOM   167  C C   . LEU A 1 23 ? 0.396   9.114   0.652   1.00 36.42 ? 23   LEU A C   1 
ATOM   168  O O   . LEU A 1 23 ? 0.738   8.499   1.665   1.00 36.08 ? 23   LEU A O   1 
ATOM   169  C CB  . LEU A 1 23 ? -1.551  10.680  0.900   1.00 33.70 ? 23   LEU A CB  1 
ATOM   170  C CG  . LEU A 1 23 ? -0.862  11.955  0.393   1.00 33.45 ? 23   LEU A CG  1 
ATOM   171  C CD1 . LEU A 1 23 ? -1.189  12.220  -1.070  1.00 31.39 ? 23   LEU A CD1 1 
ATOM   172  C CD2 . LEU A 1 23 ? -1.300  13.136  1.228   1.00 33.99 ? 23   LEU A CD2 1 
ATOM   173  N N   . MET A 1 24 ? 1.262   9.593   -0.241  1.00 37.28 ? 24   MET A N   1 
ATOM   174  C CA  . MET A 1 24 ? 2.715   9.486   -0.086  1.00 39.20 ? 24   MET A CA  1 
ATOM   175  C C   . MET A 1 24 ? 3.441   10.743  -0.566  1.00 39.21 ? 24   MET A C   1 
ATOM   176  O O   . MET A 1 24 ? 3.000   11.410  -1.507  1.00 40.83 ? 24   MET A O   1 
ATOM   177  C CB  . MET A 1 24 ? 3.268   8.277   -0.850  1.00 40.65 ? 24   MET A CB  1 
ATOM   178  C CG  . MET A 1 24 ? 2.840   6.957   -0.266  1.00 44.83 ? 24   MET A CG  1 
ATOM   179  S SD  . MET A 1 24 ? 3.701   5.553   -0.949  1.00 50.59 ? 24   MET A SD  1 
ATOM   180  C CE  . MET A 1 24 ? 5.012   5.341   0.251   1.00 45.83 ? 24   MET A CE  1 
ATOM   181  N N   . LEU A 1 25 ? 4.524   11.086  0.123   1.00 36.97 ? 25   LEU A N   1 
ATOM   182  C CA  . LEU A 1 25 ? 5.333   12.234  -0.252  1.00 36.57 ? 25   LEU A CA  1 
ATOM   183  C C   . LEU A 1 25 ? 6.209   11.764  -1.396  1.00 34.63 ? 25   LEU A C   1 
ATOM   184  O O   . LEU A 1 25 ? 6.369   10.558  -1.607  1.00 35.44 ? 25   LEU A O   1 
ATOM   185  C CB  . LEU A 1 25 ? 6.232   12.667  0.904   1.00 38.92 ? 25   LEU A CB  1 
ATOM   186  C CG  . LEU A 1 25 ? 5.539   13.125  2.184   1.00 39.26 ? 25   LEU A CG  1 
ATOM   187  C CD1 . LEU A 1 25 ? 6.577   13.399  3.260   1.00 40.38 ? 25   LEU A CD1 1 
ATOM   188  C CD2 . LEU A 1 25 ? 4.715   14.362  1.899   1.00 39.97 ? 25   LEU A CD2 1 
ATOM   189  N N   . PRO A 1 26 ? 6.791   12.697  -2.152  1.00 33.10 ? 26   PRO A N   1 
ATOM   190  C CA  . PRO A 1 26 ? 7.650   12.300  -3.268  1.00 33.86 ? 26   PRO A CA  1 
ATOM   191  C C   . PRO A 1 26 ? 8.866   11.456  -2.872  1.00 36.25 ? 26   PRO A C   1 
ATOM   192  O O   . PRO A 1 26 ? 9.180   10.462  -3.537  1.00 35.45 ? 26   PRO A O   1 
ATOM   193  C CB  . PRO A 1 26 ? 8.043   13.647  -3.867  1.00 31.00 ? 26   PRO A CB  1 
ATOM   194  C CG  . PRO A 1 26 ? 6.789   14.459  -3.640  1.00 29.43 ? 26   PRO A CG  1 
ATOM   195  C CD  . PRO A 1 26 ? 6.489   14.136  -2.208  1.00 30.63 ? 26   PRO A CD  1 
ATOM   196  N N   . GLU A 1 27 ? 9.509   11.827  -1.762  1.00 38.55 ? 27   GLU A N   1 
ATOM   197  C CA  . GLU A 1 27 ? 10.703  11.136  -1.255  1.00 40.15 ? 27   GLU A CA  1 
ATOM   198  C C   . GLU A 1 27 ? 10.442  9.702   -0.814  1.00 40.55 ? 27   GLU A C   1 
ATOM   199  O O   . GLU A 1 27 ? 11.321  8.838   -0.899  1.00 38.60 ? 27   GLU A O   1 
ATOM   200  C CB  . GLU A 1 27 ? 11.298  11.904  -0.077  1.00 42.25 ? 27   GLU A CB  1 
ATOM   201  C CG  . GLU A 1 27 ? 11.833  13.288  -0.406  1.00 49.02 ? 27   GLU A CG  1 
ATOM   202  C CD  . GLU A 1 27 ? 10.744  14.347  -0.611  1.00 53.26 ? 27   GLU A CD  1 
ATOM   203  O OE1 . GLU A 1 27 ? 9.583   14.137  -0.173  1.00 53.87 ? 27   GLU A OE1 1 
ATOM   204  O OE2 . GLU A 1 27 ? 11.067  15.405  -1.208  1.00 53.35 ? 27   GLU A OE2 1 
ATOM   205  N N   . GLU A 1 28 ? 9.238   9.478   -0.297  1.00 41.83 ? 28   GLU A N   1 
ATOM   206  C CA  . GLU A 1 28 ? 8.808   8.168   0.182   1.00 42.75 ? 28   GLU A CA  1 
ATOM   207  C C   . GLU A 1 28 ? 8.570   7.174   -0.971  1.00 43.98 ? 28   GLU A C   1 
ATOM   208  O O   . GLU A 1 28 ? 8.930   6.001   -0.878  1.00 45.78 ? 28   GLU A O   1 
ATOM   209  C CB  . GLU A 1 28 ? 7.533   8.321   1.034   1.00 42.60 ? 28   GLU A CB  1 
ATOM   210  C CG  . GLU A 1 28 ? 7.714   9.182   2.293   1.00 41.72 ? 28   GLU A CG  1 
ATOM   211  C CD  . GLU A 1 28 ? 6.407   9.513   3.020   1.00 41.61 ? 28   GLU A CD  1 
ATOM   212  O OE1 . GLU A 1 28 ? 5.327   9.486   2.393   1.00 40.21 ? 28   GLU A OE1 1 
ATOM   213  O OE2 . GLU A 1 28 ? 6.465   9.834   4.225   1.00 42.48 ? 28   GLU A OE2 1 
ATOM   214  N N   . VAL A 1 29 ? 8.009   7.653   -2.074  1.00 43.27 ? 29   VAL A N   1 
ATOM   215  C CA  . VAL A 1 29 ? 7.730   6.779   -3.201  1.00 43.37 ? 29   VAL A CA  1 
ATOM   216  C C   . VAL A 1 29 ? 8.891   6.635   -4.213  1.00 44.05 ? 29   VAL A C   1 
ATOM   217  O O   . VAL A 1 29 ? 8.859   5.765   -5.093  1.00 43.96 ? 29   VAL A O   1 
ATOM   218  C CB  . VAL A 1 29 ? 6.440   7.242   -3.901  1.00 43.02 ? 29   VAL A CB  1 
ATOM   219  C CG1 . VAL A 1 29 ? 6.717   8.417   -4.810  1.00 42.62 ? 29   VAL A CG1 1 
ATOM   220  C CG2 . VAL A 1 29 ? 5.790   6.082   -4.641  1.00 45.01 ? 29   VAL A CG2 1 
ATOM   221  N N   . GLU A 1 30 ? 9.944   7.432   -4.042  1.00 44.35 ? 30   GLU A N   1 
ATOM   222  C CA  . GLU A 1 30 ? 11.094  7.407   -4.948  1.00 44.14 ? 30   GLU A CA  1 
ATOM   223  C C   . GLU A 1 30 ? 11.827  6.070   -5.092  1.00 44.44 ? 30   GLU A C   1 
ATOM   224  O O   . GLU A 1 30 ? 12.264  5.726   -6.187  1.00 43.10 ? 30   GLU A O   1 
ATOM   225  C CB  . GLU A 1 30 ? 12.078  8.512   -4.565  1.00 43.86 ? 30   GLU A CB  1 
ATOM   226  C CG  . GLU A 1 30 ? 13.265  8.657   -5.495  1.00 44.66 ? 30   GLU A CG  1 
ATOM   227  C CD  . GLU A 1 30 ? 14.105  9.881   -5.173  1.00 43.73 ? 30   GLU A CD  1 
ATOM   228  O OE1 . GLU A 1 30 ? 14.098  10.336  -4.006  1.00 42.28 ? 30   GLU A OE1 1 
ATOM   229  O OE2 . GLU A 1 30 ? 14.761  10.396  -6.098  1.00 44.21 ? 30   GLU A OE2 1 
ATOM   230  N N   . GLU A 1 31 ? 11.960  5.317   -4.003  1.00 45.48 ? 31   GLU A N   1 
ATOM   231  C CA  . GLU A 1 31 ? 12.653  4.033   -4.072  1.00 49.00 ? 31   GLU A CA  1 
ATOM   232  C C   . GLU A 1 31 ? 11.882  2.945   -4.826  1.00 49.03 ? 31   GLU A C   1 
ATOM   233  O O   . GLU A 1 31 ? 12.451  2.272   -5.689  1.00 51.13 ? 31   GLU A O   1 
ATOM   234  C CB  . GLU A 1 31 ? 13.033  3.529   -2.672  1.00 50.79 ? 31   GLU A CB  1 
ATOM   235  C CG  . GLU A 1 31 ? 14.021  2.342   -2.670  1.00 55.63 ? 31   GLU A CG  1 
ATOM   236  C CD  . GLU A 1 31 ? 15.414  2.700   -3.213  1.00 58.44 ? 31   GLU A CD  1 
ATOM   237  O OE1 . GLU A 1 31 ? 15.637  2.578   -4.439  1.00 60.75 ? 31   GLU A OE1 1 
ATOM   238  O OE2 . GLU A 1 31 ? 16.289  3.094   -2.409  1.00 59.49 ? 31   GLU A OE2 1 
ATOM   239  N N   . VAL A 1 32 ? 10.601  2.764   -4.489  1.00 46.80 ? 32   VAL A N   1 
ATOM   240  C CA  . VAL A 1 32 ? 9.766   1.751   -5.136  1.00 43.91 ? 32   VAL A CA  1 
ATOM   241  C C   . VAL A 1 32 ? 9.755   1.975   -6.645  1.00 43.69 ? 32   VAL A C   1 
ATOM   242  O O   . VAL A 1 32 ? 9.856   1.032   -7.427  1.00 44.49 ? 32   VAL A O   1 
ATOM   243  C CB  . VAL A 1 32 ? 8.293   1.821   -4.656  1.00 43.31 ? 32   VAL A CB  1 
ATOM   244  C CG1 . VAL A 1 32 ? 7.477   0.712   -5.301  1.00 43.06 ? 32   VAL A CG1 1 
ATOM   245  C CG2 . VAL A 1 32 ? 8.214   1.746   -3.150  1.00 43.12 ? 32   VAL A CG2 1 
ATOM   246  N N   . ILE A 1 33 ? 9.611   3.232   -7.047  1.00 42.13 ? 33   ILE A N   1 
ATOM   247  C CA  . ILE A 1 33 ? 9.567   3.580   -8.456  1.00 41.35 ? 33   ILE A CA  1 
ATOM   248  C C   . ILE A 1 33 ? 10.964  3.802   -9.040  1.00 42.21 ? 33   ILE A C   1 
ATOM   249  O O   . ILE A 1 33 ? 11.283  3.281   -10.108 1.00 43.37 ? 33   ILE A O   1 
ATOM   250  C CB  . ILE A 1 33 ? 8.659   4.828   -8.692  1.00 40.06 ? 33   ILE A CB  1 
ATOM   251  C CG1 . ILE A 1 33 ? 7.314   4.634   -7.987  1.00 38.63 ? 33   ILE A CG1 1 
ATOM   252  C CG2 . ILE A 1 33 ? 8.389   5.038   -10.182 1.00 35.51 ? 33   ILE A CG2 1 
ATOM   253  C CD1 . ILE A 1 33 ? 6.551   3.387   -8.430  1.00 40.73 ? 33   ILE A CD1 1 
ATOM   254  N N   . GLY A 1 34 ? 11.819  4.517   -8.314  1.00 39.85 ? 34   GLY A N   1 
ATOM   255  C CA  . GLY A 1 34 ? 13.151  4.782   -8.828  1.00 38.30 ? 34   GLY A CA  1 
ATOM   256  C C   . GLY A 1 34 ? 13.139  6.052   -9.658  1.00 38.35 ? 34   GLY A C   1 
ATOM   257  O O   . GLY A 1 34 ? 13.920  6.220   -10.586 1.00 39.37 ? 34   GLY A O   1 
ATOM   258  N N   . ASN A 1 35 ? 12.172  6.906   -9.345  1.00 38.18 ? 35   ASN A N   1 
ATOM   259  C CA  . ASN A 1 35 ? 11.962  8.205   -9.980  1.00 37.78 ? 35   ASN A CA  1 
ATOM   260  C C   . ASN A 1 35 ? 11.308  9.008   -8.881  1.00 37.87 ? 35   ASN A C   1 
ATOM   261  O O   . ASN A 1 35 ? 10.677  8.435   -7.993  1.00 37.97 ? 35   ASN A O   1 
ATOM   262  C CB  . ASN A 1 35 ? 10.975  8.112   -11.145 1.00 38.63 ? 35   ASN A CB  1 
ATOM   263  C CG  . ASN A 1 35 ? 11.620  7.664   -12.432 1.00 39.66 ? 35   ASN A CG  1 
ATOM   264  O OD1 . ASN A 1 35 ? 12.354  8.421   -13.064 1.00 42.75 ? 35   ASN A OD1 1 
ATOM   265  N ND2 . ASN A 1 35 ? 11.336  6.437   -12.844 1.00 40.35 ? 35   ASN A ND2 1 
ATOM   266  N N   . LYS A 1 36 ? 11.432  10.326  -8.942  1.00 39.25 ? 36   LYS A N   1 
ATOM   267  C CA  . LYS A 1 36 ? 10.838  11.183  -7.922  1.00 40.21 ? 36   LYS A CA  1 
ATOM   268  C C   . LYS A 1 36 ? 9.760   12.052  -8.546  1.00 40.11 ? 36   LYS A C   1 
ATOM   269  O O   . LYS A 1 36 ? 10.051  12.845  -9.440  1.00 41.79 ? 36   LYS A O   1 
ATOM   270  C CB  . LYS A 1 36 ? 11.915  12.061  -7.268  1.00 40.09 ? 36   LYS A CB  1 
ATOM   271  C CG  . LYS A 1 36 ? 11.462  12.795  -6.012  1.00 38.74 ? 36   LYS A CG  1 
ATOM   272  C CD  . LYS A 1 36 ? 12.631  13.543  -5.411  1.00 40.57 ? 36   LYS A CD  1 
ATOM   273  C CE  . LYS A 1 36 ? 12.278  14.145  -4.078  1.00 41.02 ? 36   LYS A CE  1 
ATOM   274  N NZ  . LYS A 1 36 ? 13.454  14.805  -3.449  1.00 43.84 ? 36   LYS A NZ  1 
ATOM   275  N N   . PRO A 1 37 ? 8.496   11.906  -8.092  1.00 40.56 ? 37   PRO A N   1 
ATOM   276  C CA  . PRO A 1 37 ? 7.372   12.691  -8.617  1.00 40.13 ? 37   PRO A CA  1 
ATOM   277  C C   . PRO A 1 37 ? 7.459   14.121  -8.126  1.00 41.16 ? 37   PRO A C   1 
ATOM   278  O O   . PRO A 1 37 ? 8.092   14.395  -7.105  1.00 39.97 ? 37   PRO A O   1 
ATOM   279  C CB  . PRO A 1 37 ? 6.165   11.984  -8.024  1.00 39.11 ? 37   PRO A CB  1 
ATOM   280  C CG  . PRO A 1 37 ? 6.665   11.564  -6.697  1.00 39.64 ? 37   PRO A CG  1 
ATOM   281  C CD  . PRO A 1 37 ? 8.036   11.002  -7.022  1.00 40.17 ? 37   PRO A CD  1 
ATOM   282  N N   . GLU A 1 38 ? 6.819   15.031  -8.851  1.00 44.80 ? 38   GLU A N   1 
ATOM   283  C CA  . GLU A 1 38 ? 6.860   16.439  -8.476  1.00 47.95 ? 38   GLU A CA  1 
ATOM   284  C C   . GLU A 1 38 ? 5.809   16.876  -7.464  1.00 45.94 ? 38   GLU A C   1 
ATOM   285  O O   . GLU A 1 38 ? 5.818   18.016  -7.018  1.00 47.20 ? 38   GLU A O   1 
ATOM   286  C CB  . GLU A 1 38 ? 6.783   17.335  -9.713  1.00 53.16 ? 38   GLU A CB  1 
ATOM   287  C CG  . GLU A 1 38 ? 5.434   17.340  -10.426 1.00 60.85 ? 38   GLU A CG  1 
ATOM   288  C CD  . GLU A 1 38 ? 5.040   18.733  -10.912 1.00 65.09 ? 38   GLU A CD  1 
ATOM   289  O OE1 . GLU A 1 38 ? 5.946   19.570  -11.165 1.00 66.23 ? 38   GLU A OE1 1 
ATOM   290  O OE2 . GLU A 1 38 ? 3.821   18.994  -11.011 1.00 68.59 ? 38   GLU A OE2 1 
ATOM   291  N N   . SER A 1 39 ? 4.913   15.970  -7.094  1.00 43.04 ? 39   SER A N   1 
ATOM   292  C CA  . SER A 1 39 ? 3.869   16.287  -6.129  1.00 40.38 ? 39   SER A CA  1 
ATOM   293  C C   . SER A 1 39 ? 3.551   15.010  -5.382  1.00 37.38 ? 39   SER A C   1 
ATOM   294  O O   . SER A 1 39 ? 4.098   13.954  -5.702  1.00 34.14 ? 39   SER A O   1 
ATOM   295  C CB  . SER A 1 39 ? 2.624   16.800  -6.860  1.00 42.53 ? 39   SER A CB  1 
ATOM   296  O OG  . SER A 1 39 ? 2.004   17.838  -6.125  1.00 47.77 ? 39   SER A OG  1 
ATOM   297  N N   . ASP A 1 40 ? 2.716   15.106  -4.351  1.00 35.71 ? 40   ASP A N   1 
ATOM   298  C CA  . ASP A 1 40 ? 2.329   13.921  -3.595  1.00 34.08 ? 40   ASP A CA  1 
ATOM   299  C C   . ASP A 1 40 ? 1.538   13.016  -4.528  1.00 33.84 ? 40   ASP A C   1 
ATOM   300  O O   . ASP A 1 40 ? 0.954   13.483  -5.508  1.00 34.89 ? 40   ASP A O   1 
ATOM   301  C CB  . ASP A 1 40 ? 1.456   14.292  -2.404  1.00 32.98 ? 40   ASP A CB  1 
ATOM   302  C CG  . ASP A 1 40 ? 2.202   15.079  -1.356  1.00 36.65 ? 40   ASP A CG  1 
ATOM   303  O OD1 . ASP A 1 40 ? 3.447   15.181  -1.419  1.00 39.58 ? 40   ASP A OD1 1 
ATOM   304  O OD2 . ASP A 1 40 ? 1.537   15.601  -0.443  1.00 38.73 ? 40   ASP A OD2 1 
ATOM   305  N N   . ILE A 1 41 ? 1.565   11.716  -4.266  1.00 33.02 ? 41   ILE A N   1 
ATOM   306  C CA  . ILE A 1 41 ? 0.816   10.796  -5.104  1.00 31.55 ? 41   ILE A CA  1 
ATOM   307  C C   . ILE A 1 41 ? -0.002  9.832   -4.257  1.00 30.44 ? 41   ILE A C   1 
ATOM   308  O O   . ILE A 1 41 ? 0.421   9.392   -3.186  1.00 31.50 ? 41   ILE A O   1 
ATOM   309  C CB  . ILE A 1 41 ? 1.725   9.971   -6.081  1.00 31.79 ? 41   ILE A CB  1 
ATOM   310  C CG1 . ILE A 1 41 ? 2.592   8.991   -5.319  1.00 30.71 ? 41   ILE A CG1 1 
ATOM   311  C CG2 . ILE A 1 41 ? 2.561   10.866  -6.981  1.00 29.46 ? 41   ILE A CG2 1 
ATOM   312  C CD1 . ILE A 1 41 ? 2.019   7.588   -5.339  1.00 33.79 ? 41   ILE A CD1 1 
ATOM   313  N N   . LEU A 1 42 ? -1.194  9.530   -4.740  1.00 27.51 ? 42   LEU A N   1 
ATOM   314  C CA  . LEU A 1 42 ? -2.066  8.600   -4.075  1.00 26.66 ? 42   LEU A CA  1 
ATOM   315  C C   . LEU A 1 42 ? -1.813  7.213   -4.664  1.00 27.19 ? 42   LEU A C   1 
ATOM   316  O O   . LEU A 1 42 ? -1.634  7.069   -5.872  1.00 25.72 ? 42   LEU A O   1 
ATOM   317  C CB  . LEU A 1 42 ? -3.515  9.003   -4.315  1.00 27.42 ? 42   LEU A CB  1 
ATOM   318  C CG  . LEU A 1 42 ? -4.165  10.011  -3.371  1.00 28.15 ? 42   LEU A CG  1 
ATOM   319  C CD1 . LEU A 1 42 ? -5.483  10.459  -3.968  1.00 30.86 ? 42   LEU A CD1 1 
ATOM   320  C CD2 . LEU A 1 42 ? -4.392  9.373   -2.015  1.00 26.62 ? 42   LEU A CD2 1 
ATOM   321  N N   . VAL A 1 43 ? -1.768  6.207   -3.796  1.00 28.46 ? 43   VAL A N   1 
ATOM   322  C CA  . VAL A 1 43 ? -1.563  4.819   -4.203  1.00 28.89 ? 43   VAL A CA  1 
ATOM   323  C C   . VAL A 1 43 ? -2.908  4.122   -4.048  1.00 29.44 ? 43   VAL A C   1 
ATOM   324  O O   . VAL A 1 43 ? -3.439  4.002   -2.937  1.00 30.67 ? 43   VAL A O   1 
ATOM   325  C CB  . VAL A 1 43 ? -0.525  4.085   -3.301  1.00 30.07 ? 43   VAL A CB  1 
ATOM   326  C CG1 . VAL A 1 43 ? -0.303  2.647   -3.779  1.00 27.96 ? 43   VAL A CG1 1 
ATOM   327  C CG2 . VAL A 1 43 ? 0.790   4.837   -3.282  1.00 30.98 ? 43   VAL A CG2 1 
ATOM   328  N N   . HIS A 1 44 ? -3.453  3.668   -5.168  1.00 30.05 ? 44   HIS A N   1 
ATOM   329  C CA  . HIS A 1 44 ? -4.739  2.988   -5.187  1.00 30.15 ? 44   HIS A CA  1 
ATOM   330  C C   . HIS A 1 44 ? -4.472  1.501   -5.386  1.00 30.41 ? 44   HIS A C   1 
ATOM   331  O O   . HIS A 1 44 ? -3.992  1.087   -6.436  1.00 33.41 ? 44   HIS A O   1 
ATOM   332  C CB  . HIS A 1 44 ? -5.564  3.532   -6.347  1.00 29.85 ? 44   HIS A CB  1 
ATOM   333  C CG  . HIS A 1 44 ? -5.587  5.022   -6.415  1.00 30.19 ? 44   HIS A CG  1 
ATOM   334  N ND1 . HIS A 1 44 ? -6.322  5.797   -5.540  1.00 27.82 ? 44   HIS A ND1 1 
ATOM   335  C CD2 . HIS A 1 44 ? -4.982  5.886   -7.267  1.00 30.26 ? 44   HIS A CD2 1 
ATOM   336  C CE1 . HIS A 1 44 ? -6.172  7.070   -5.855  1.00 29.38 ? 44   HIS A CE1 1 
ATOM   337  N NE2 . HIS A 1 44 ? -5.361  7.150   -6.900  1.00 30.41 ? 44   HIS A NE2 1 
ATOM   338  N N   . THR A 1 45 ? -4.772  0.693   -4.380  1.00 31.14 ? 45   THR A N   1 
ATOM   339  C CA  . THR A 1 45 ? -4.523  -0.741  -4.480  1.00 30.99 ? 45   THR A CA  1 
ATOM   340  C C   . THR A 1 45 ? -5.684  -1.519  -5.079  1.00 31.20 ? 45   THR A C   1 
ATOM   341  O O   . THR A 1 45 ? -6.837  -1.115  -4.978  1.00 33.12 ? 45   THR A O   1 
ATOM   342  C CB  . THR A 1 45 ? -4.196  -1.335  -3.109  1.00 30.43 ? 45   THR A CB  1 
ATOM   343  O OG1 . THR A 1 45 ? -5.311  -1.128  -2.239  1.00 32.51 ? 45   THR A OG1 1 
ATOM   344  C CG2 . THR A 1 45 ? -2.983  -0.656  -2.514  1.00 28.68 ? 45   THR A CG2 1 
ATOM   345  N N   . ALA A 1 46 ? -5.367  -2.642  -5.709  1.00 29.90 ? 46   ALA A N   1 
ATOM   346  C CA  . ALA A 1 46 ? -6.374  -3.492  -6.314  1.00 29.64 ? 46   ALA A CA  1 
ATOM   347  C C   . ALA A 1 46 ? -5.818  -4.904  -6.391  1.00 30.50 ? 46   ALA A C   1 
ATOM   348  O O   . ALA A 1 46 ? -4.636  -5.130  -6.134  1.00 30.91 ? 46   ALA A O   1 
ATOM   349  C CB  . ALA A 1 46 ? -6.745  -2.974  -7.687  1.00 28.75 ? 46   ALA A CB  1 
ATOM   350  N N   . TYR A 1 47 ? -6.656  -5.860  -6.763  1.00 31.93 ? 47   TYR A N   1 
ATOM   351  C CA  . TYR A 1 47 ? -6.199  -7.232  -6.826  1.00 34.06 ? 47   TYR A CA  1 
ATOM   352  C C   . TYR A 1 47 ? -6.876  -8.076  -7.906  1.00 34.66 ? 47   TYR A C   1 
ATOM   353  O O   . TYR A 1 47 ? -8.093  -8.215  -7.929  1.00 34.47 ? 47   TYR A O   1 
ATOM   354  C CB  . TYR A 1 47 ? -6.375  -7.871  -5.445  1.00 36.49 ? 47   TYR A CB  1 
ATOM   355  C CG  . TYR A 1 47 ? -5.944  -9.310  -5.362  1.00 40.45 ? 47   TYR A CG  1 
ATOM   356  C CD1 . TYR A 1 47 ? -4.592  -9.653  -5.369  1.00 40.26 ? 47   TYR A CD1 1 
ATOM   357  C CD2 . TYR A 1 47 ? -6.891  -10.338 -5.314  1.00 40.89 ? 47   TYR A CD2 1 
ATOM   358  C CE1 . TYR A 1 47 ? -4.194  -10.979 -5.327  1.00 41.17 ? 47   TYR A CE1 1 
ATOM   359  C CE2 . TYR A 1 47 ? -6.507  -11.666 -5.272  1.00 41.61 ? 47   TYR A CE2 1 
ATOM   360  C CZ  . TYR A 1 47 ? -5.159  -11.980 -5.286  1.00 43.15 ? 47   TYR A CZ  1 
ATOM   361  O OH  . TYR A 1 47 ? -4.786  -13.299 -5.264  1.00 47.25 ? 47   TYR A OH  1 
ATOM   362  N N   . ASP A 1 48 ? -6.073  -8.608  -8.823  1.00 35.73 ? 48   ASP A N   1 
ATOM   363  C CA  . ASP A 1 48 ? -6.593  -9.459  -9.885  1.00 37.82 ? 48   ASP A CA  1 
ATOM   364  C C   . ASP A 1 48 ? -6.513  -10.904 -9.419  1.00 40.83 ? 48   ASP A C   1 
ATOM   365  O O   . ASP A 1 48 ? -5.431  -11.462 -9.237  1.00 42.66 ? 48   ASP A O   1 
ATOM   366  C CB  . ASP A 1 48 ? -5.796  -9.295  -11.178 1.00 35.24 ? 48   ASP A CB  1 
ATOM   367  C CG  . ASP A 1 48 ? -6.473  -9.968  -12.369 1.00 36.03 ? 48   ASP A CG  1 
ATOM   368  O OD1 . ASP A 1 48 ? -7.271  -10.915 -12.182 1.00 35.05 ? 48   ASP A OD1 1 
ATOM   369  O OD2 . ASP A 1 48 ? -6.214  -9.538  -13.510 1.00 35.17 ? 48   ASP A OD2 1 
ATOM   370  N N   . GLU A 1 49 ? -7.667  -11.522 -9.265  1.00 43.34 ? 49   GLU A N   1 
ATOM   371  C CA  . GLU A 1 49 ? -7.701  -12.888 -8.805  1.00 47.56 ? 49   GLU A CA  1 
ATOM   372  C C   . GLU A 1 49 ? -7.427  -13.932 -9.883  1.00 46.83 ? 49   GLU A C   1 
ATOM   373  O O   . GLU A 1 49 ? -6.947  -15.023 -9.582  1.00 47.69 ? 49   GLU A O   1 
ATOM   374  C CB  . GLU A 1 49 ? -9.031  -13.146 -8.140  1.00 53.59 ? 49   GLU A CB  1 
ATOM   375  C CG  . GLU A 1 49 ? -9.164  -14.530 -7.598  1.00 63.42 ? 49   GLU A CG  1 
ATOM   376  C CD  . GLU A 1 49 ? -10.553 -15.066 -7.819  1.00 68.14 ? 49   GLU A CD  1 
ATOM   377  O OE1 . GLU A 1 49 ? -11.079 -14.873 -8.943  1.00 69.61 ? 49   GLU A OE1 1 
ATOM   378  O OE2 . GLU A 1 49 ? -11.116 -15.668 -6.874  1.00 70.86 ? 49   GLU A OE2 1 
ATOM   379  N N   . SER A 1 50 ? -7.723  -13.605 -11.136 1.00 44.95 ? 50   SER A N   1 
ATOM   380  C CA  . SER A 1 50 ? -7.478  -14.544 -12.224 1.00 45.21 ? 50   SER A CA  1 
ATOM   381  C C   . SER A 1 50 ? -5.980  -14.658 -12.559 1.00 45.85 ? 50   SER A C   1 
ATOM   382  O O   . SER A 1 50 ? -5.552  -15.557 -13.288 1.00 45.80 ? 50   SER A O   1 
ATOM   383  C CB  . SER A 1 50 ? -8.271  -14.129 -13.471 1.00 45.13 ? 50   SER A CB  1 
ATOM   384  O OG  . SER A 1 50 ? -7.887  -12.844 -13.924 1.00 44.07 ? 50   SER A OG  1 
ATOM   385  N N   . THR A 1 51 ? -5.178  -13.760 -12.002 1.00 46.29 ? 51   THR A N   1 
ATOM   386  C CA  . THR A 1 51 ? -3.752  -13.765 -12.277 1.00 46.79 ? 51   THR A CA  1 
ATOM   387  C C   . THR A 1 51 ? -2.935  -13.665 -10.999 1.00 48.52 ? 51   THR A C   1 
ATOM   388  O O   . THR A 1 51 ? -1.711  -13.605 -11.046 1.00 50.98 ? 51   THR A O   1 
ATOM   389  C CB  . THR A 1 51 ? -3.373  -12.601 -13.210 1.00 46.56 ? 51   THR A CB  1 
ATOM   390  O OG1 . THR A 1 51 ? -3.813  -11.365 -12.638 1.00 46.62 ? 51   THR A OG1 1 
ATOM   391  C CG2 . THR A 1 51 ? -4.020  -12.773 -14.568 1.00 47.58 ? 51   THR A CG2 1 
ATOM   392  N N   . ASP A 1 52 ? -3.619  -13.655 -9.857  1.00 49.41 ? 52   ASP A N   1 
ATOM   393  C CA  . ASP A 1 52 ? -2.968  -13.553 -8.553  1.00 49.42 ? 52   ASP A CA  1 
ATOM   394  C C   . ASP A 1 52 ? -2.008  -12.367 -8.507  1.00 47.55 ? 52   ASP A C   1 
ATOM   395  O O   . ASP A 1 52 ? -0.866  -12.480 -8.063  1.00 47.05 ? 52   ASP A O   1 
ATOM   396  C CB  . ASP A 1 52 ? -2.226  -14.851 -8.220  1.00 53.02 ? 52   ASP A CB  1 
ATOM   397  C CG  . ASP A 1 52 ? -1.872  -14.953 -6.749  1.00 57.45 ? 52   ASP A CG  1 
ATOM   398  O OD1 . ASP A 1 52 ? -2.800  -14.912 -5.919  1.00 61.07 ? 52   ASP A OD1 1 
ATOM   399  O OD2 . ASP A 1 52 ? -0.672  -15.054 -6.415  1.00 60.97 ? 52   ASP A OD2 1 
ATOM   400  N N   . GLU A 1 53 ? -2.484  -11.211 -8.951  1.00 45.01 ? 53   GLU A N   1 
ATOM   401  C CA  . GLU A 1 53 ? -1.642  -10.030 -8.963  1.00 42.86 ? 53   GLU A CA  1 
ATOM   402  C C   . GLU A 1 53 ? -2.188  -8.878  -8.162  1.00 40.75 ? 53   GLU A C   1 
ATOM   403  O O   . GLU A 1 53 ? -3.394  -8.632  -8.133  1.00 40.48 ? 53   GLU A O   1 
ATOM   404  C CB  . GLU A 1 53 ? -1.418  -9.568  -10.392 1.00 44.58 ? 53   GLU A CB  1 
ATOM   405  C CG  . GLU A 1 53 ? -0.689  -10.576 -11.239 1.00 48.25 ? 53   GLU A CG  1 
ATOM   406  C CD  . GLU A 1 53 ? -0.620  -10.177 -12.692 1.00 50.85 ? 53   GLU A CD  1 
ATOM   407  O OE1 . GLU A 1 53 ? -1.635  -9.675  -13.228 1.00 49.83 ? 53   GLU A OE1 1 
ATOM   408  O OE2 . GLU A 1 53 ? 0.453   -10.371 -13.298 1.00 54.78 ? 53   GLU A OE2 1 
ATOM   409  N N   . ASN A 1 54 ? -1.278  -8.201  -7.470  1.00 37.83 ? 54   ASN A N   1 
ATOM   410  C CA  . ASN A 1 54 ? -1.608  -7.022  -6.681  1.00 35.38 ? 54   ASN A CA  1 
ATOM   411  C C   . ASN A 1 54 ? -1.410  -5.885  -7.676  1.00 32.91 ? 54   ASN A C   1 
ATOM   412  O O   . ASN A 1 54 ? -0.446  -5.902  -8.438  1.00 33.07 ? 54   ASN A O   1 
ATOM   413  C CB  . ASN A 1 54 ? -0.628  -6.884  -5.510  1.00 35.38 ? 54   ASN A CB  1 
ATOM   414  C CG  . ASN A 1 54 ? -0.631  -8.099  -4.604  1.00 36.79 ? 54   ASN A CG  1 
ATOM   415  O OD1 . ASN A 1 54 ? 0.195   -9.004  -4.747  1.00 36.84 ? 54   ASN A OD1 1 
ATOM   416  N ND2 . ASN A 1 54 ? -1.575  -8.133  -3.674  1.00 37.35 ? 54   ASN A ND2 1 
ATOM   417  N N   . VAL A 1 55 ? -2.370  -4.972  -7.764  1.00 31.51 ? 55   VAL A N   1 
ATOM   418  C CA  . VAL A 1 55 ? -2.260  -3.846  -8.693  1.00 29.97 ? 55   VAL A CA  1 
ATOM   419  C C   . VAL A 1 55 ? -2.183  -2.557  -7.902  1.00 31.81 ? 55   VAL A C   1 
ATOM   420  O O   . VAL A 1 55 ? -2.945  -2.355  -6.958  1.00 33.48 ? 55   VAL A O   1 
ATOM   421  C CB  . VAL A 1 55 ? -3.469  -3.767  -9.647  1.00 30.40 ? 55   VAL A CB  1 
ATOM   422  C CG1 . VAL A 1 55 ? -3.348  -2.554  -10.571 1.00 27.83 ? 55   VAL A CG1 1 
ATOM   423  C CG2 . VAL A 1 55 ? -3.576  -5.040  -10.466 1.00 30.28 ? 55   VAL A CG2 1 
ATOM   424  N N   . MET A 1 56 ? -1.246  -1.695  -8.272  1.00 32.55 ? 56   MET A N   1 
ATOM   425  C CA  . MET A 1 56 ? -1.080  -0.419  -7.592  1.00 31.84 ? 56   MET A CA  1 
ATOM   426  C C   . MET A 1 56 ? -0.995  0.688   -8.611  1.00 30.48 ? 56   MET A C   1 
ATOM   427  O O   . MET A 1 56 ? -0.072  0.743   -9.418  1.00 30.35 ? 56   MET A O   1 
ATOM   428  C CB  . MET A 1 56 ? 0.168   -0.423  -6.708  1.00 35.47 ? 56   MET A CB  1 
ATOM   429  C CG  . MET A 1 56 ? 0.020   -1.304  -5.483  1.00 42.06 ? 56   MET A CG  1 
ATOM   430  S SD  . MET A 1 56 ? 1.593   -1.795  -4.764  1.00 49.27 ? 56   MET A SD  1 
ATOM   431  C CE  . MET A 1 56 ? 1.888   -0.454  -3.617  1.00 49.01 ? 56   MET A CE  1 
ATOM   432  N N   . LEU A 1 57 ? -2.023  1.524   -8.608  1.00 28.97 ? 57   LEU A N   1 
ATOM   433  C CA  . LEU A 1 57 ? -2.114  2.659   -9.502  1.00 26.77 ? 57   LEU A CA  1 
ATOM   434  C C   . LEU A 1 57 ? -1.721  3.887   -8.704  1.00 26.89 ? 57   LEU A C   1 
ATOM   435  O O   . LEU A 1 57 ? -2.291  4.144   -7.640  1.00 27.78 ? 57   LEU A O   1 
ATOM   436  C CB  . LEU A 1 57 ? -3.553  2.802   -10.001 1.00 24.35 ? 57   LEU A CB  1 
ATOM   437  C CG  . LEU A 1 57 ? -3.856  4.121   -10.699 1.00 24.91 ? 57   LEU A CG  1 
ATOM   438  C CD1 . LEU A 1 57 ? -3.045  4.237   -11.982 1.00 26.49 ? 57   LEU A CD1 1 
ATOM   439  C CD2 . LEU A 1 57 ? -5.341  4.231   -10.979 1.00 26.51 ? 57   LEU A CD2 1 
ATOM   440  N N   . LEU A 1 58 ? -0.725  4.623   -9.191  1.00 26.68 ? 58   LEU A N   1 
ATOM   441  C CA  . LEU A 1 58 ? -0.278  5.828   -8.512  1.00 26.81 ? 58   LEU A CA  1 
ATOM   442  C C   . LEU A 1 58 ? -0.696  7.034   -9.316  1.00 28.73 ? 58   LEU A C   1 
ATOM   443  O O   . LEU A 1 58 ? -0.381  7.134   -10.497 1.00 31.30 ? 58   LEU A O   1 
ATOM   444  C CB  . LEU A 1 58 ? 1.237   5.863   -8.384  1.00 26.39 ? 58   LEU A CB  1 
ATOM   445  C CG  . LEU A 1 58 ? 1.989   4.628   -7.937  1.00 25.50 ? 58   LEU A CG  1 
ATOM   446  C CD1 . LEU A 1 58 ? 3.323   5.094   -7.417  1.00 25.28 ? 58   LEU A CD1 1 
ATOM   447  C CD2 . LEU A 1 58 ? 1.247   3.881   -6.883  1.00 24.28 ? 58   LEU A CD2 1 
ATOM   448  N N   . THR A 1 59 ? -1.369  7.974   -8.661  1.00 29.56 ? 59   THR A N   1 
ATOM   449  C CA  . THR A 1 59 ? -1.834  9.194   -9.313  1.00 29.57 ? 59   THR A CA  1 
ATOM   450  C C   . THR A 1 59 ? -1.531  10.390  -8.419  1.00 29.32 ? 59   THR A C   1 
ATOM   451  O O   . THR A 1 59 ? -1.191  10.218  -7.257  1.00 29.62 ? 59   THR A O   1 
ATOM   452  C CB  . THR A 1 59 ? -3.373  9.159   -9.511  1.00 29.74 ? 59   THR A CB  1 
ATOM   453  O OG1 . THR A 1 59 ? -4.019  9.234   -8.232  1.00 29.54 ? 59   THR A OG1 1 
ATOM   454  C CG2 . THR A 1 59 ? -3.808  7.880   -10.205 1.00 28.10 ? 59   THR A CG2 1 
ATOM   455  N N   . SER A 1 60 ? -1.656  11.601  -8.949  1.00 30.64 ? 60   SER A N   1 
ATOM   456  C CA  . SER A 1 60 ? -1.457  12.782  -8.114  1.00 33.29 ? 60   SER A CA  1 
ATOM   457  C C   . SER A 1 60 ? -2.660  12.815  -7.150  1.00 34.67 ? 60   SER A C   1 
ATOM   458  O O   . SER A 1 60 ? -3.553  11.966  -7.249  1.00 36.20 ? 60   SER A O   1 
ATOM   459  C CB  . SER A 1 60 ? -1.387  14.059  -8.958  1.00 33.29 ? 60   SER A CB  1 
ATOM   460  O OG  . SER A 1 60 ? -2.647  14.392  -9.511  1.00 37.69 ? 60   SER A OG  1 
ATOM   461  N N   . ASP A 1 61 ? -2.705  13.792  -6.244  1.00 35.51 ? 61   ASP A N   1 
ATOM   462  C CA  . ASP A 1 61 ? -3.791  13.869  -5.264  1.00 34.84 ? 61   ASP A CA  1 
ATOM   463  C C   . ASP A 1 61 ? -5.123  14.338  -5.834  1.00 35.53 ? 61   ASP A C   1 
ATOM   464  O O   . ASP A 1 61 ? -5.173  14.956  -6.898  1.00 37.02 ? 61   ASP A O   1 
ATOM   465  C CB  . ASP A 1 61 ? -3.384  14.782  -4.100  1.00 35.65 ? 61   ASP A CB  1 
ATOM   466  C CG  . ASP A 1 61 ? -4.115  14.461  -2.795  1.00 36.23 ? 61   ASP A CG  1 
ATOM   467  O OD1 . ASP A 1 61 ? -5.093  13.676  -2.787  1.00 35.31 ? 61   ASP A OD1 1 
ATOM   468  O OD2 . ASP A 1 61 ? -3.691  14.999  -1.756  1.00 37.63 ? 61   ASP A OD2 1 
ATOM   469  N N   . ALA A 1 62 ? -6.199  14.033  -5.114  1.00 36.20 ? 62   ALA A N   1 
ATOM   470  C CA  . ALA A 1 62 ? -7.541  14.435  -5.509  1.00 37.77 ? 62   ALA A CA  1 
ATOM   471  C C   . ALA A 1 62 ? -7.591  15.962  -5.500  1.00 39.19 ? 62   ALA A C   1 
ATOM   472  O O   . ALA A 1 62 ? -6.926  16.606  -4.694  1.00 39.62 ? 62   ALA A O   1 
ATOM   473  C CB  . ALA A 1 62 ? -8.575  13.856  -4.533  1.00 35.86 ? 62   ALA A CB  1 
ATOM   474  N N   . PRO A 1 63 ? -8.409  16.562  -6.372  1.00 41.94 ? 63   PRO A N   1 
ATOM   475  C CA  . PRO A 1 63 ? -9.293  15.926  -7.354  1.00 42.40 ? 63   PRO A CA  1 
ATOM   476  C C   . PRO A 1 63 ? -8.630  15.681  -8.707  1.00 41.56 ? 63   PRO A C   1 
ATOM   477  O O   . PRO A 1 63 ? -9.254  15.127  -9.604  1.00 43.50 ? 63   PRO A O   1 
ATOM   478  C CB  . PRO A 1 63 ? -10.380 16.970  -7.516  1.00 45.11 ? 63   PRO A CB  1 
ATOM   479  C CG  . PRO A 1 63 ? -9.531  18.249  -7.581  1.00 44.29 ? 63   PRO A CG  1 
ATOM   480  C CD  . PRO A 1 63 ? -8.523  18.035  -6.447  1.00 42.06 ? 63   PRO A CD  1 
ATOM   481  N N   . GLU A 1 64 ? -7.390  16.123  -8.866  1.00 38.34 ? 64   GLU A N   1 
ATOM   482  C CA  . GLU A 1 64 ? -6.724  15.951  -10.135 1.00 37.10 ? 64   GLU A CA  1 
ATOM   483  C C   . GLU A 1 64 ? -6.575  14.508  -10.616 1.00 37.01 ? 64   GLU A C   1 
ATOM   484  O O   . GLU A 1 64 ? -6.895  14.207  -11.765 1.00 36.94 ? 64   GLU A O   1 
ATOM   485  C CB  . GLU A 1 64 ? -5.374  16.636  -10.126 1.00 36.32 ? 64   GLU A CB  1 
ATOM   486  C CG  . GLU A 1 64 ? -4.764  16.650  -11.491 1.00 36.14 ? 64   GLU A CG  1 
ATOM   487  C CD  . GLU A 1 64 ? -3.409  17.269  -11.510 1.00 36.94 ? 64   GLU A CD  1 
ATOM   488  O OE1 . GLU A 1 64 ? -2.565  16.872  -10.681 1.00 39.65 ? 64   GLU A OE1 1 
ATOM   489  O OE2 . GLU A 1 64 ? -3.185  18.144  -12.369 1.00 37.24 ? 64   GLU A OE2 1 
ATOM   490  N N   . TYR A 1 65 ? -6.053  13.634  -9.761  1.00 36.31 ? 65   TYR A N   1 
ATOM   491  C CA  . TYR A 1 65 ? -5.863  12.226  -10.099 1.00 36.17 ? 65   TYR A CA  1 
ATOM   492  C C   . TYR A 1 65 ? -5.087  11.993  -11.386 1.00 36.11 ? 65   TYR A C   1 
ATOM   493  O O   . TYR A 1 65 ? -5.479  11.149  -12.190 1.00 35.82 ? 65   TYR A O   1 
ATOM   494  C CB  . TYR A 1 65 ? -7.201  11.500  -10.226 1.00 38.31 ? 65   TYR A CB  1 
ATOM   495  C CG  . TYR A 1 65 ? -8.008  11.421  -8.964  1.00 40.09 ? 65   TYR A CG  1 
ATOM   496  C CD1 . TYR A 1 65 ? -7.520  10.752  -7.847  1.00 41.10 ? 65   TYR A CD1 1 
ATOM   497  C CD2 . TYR A 1 65 ? -9.271  12.010  -8.893  1.00 41.00 ? 65   TYR A CD2 1 
ATOM   498  C CE1 . TYR A 1 65 ? -8.265  10.667  -6.689  1.00 43.23 ? 65   TYR A CE1 1 
ATOM   499  C CE2 . TYR A 1 65 ? -10.027 11.937  -7.742  1.00 42.99 ? 65   TYR A CE2 1 
ATOM   500  C CZ  . TYR A 1 65 ? -9.517  11.262  -6.644  1.00 45.25 ? 65   TYR A CZ  1 
ATOM   501  O OH  . TYR A 1 65 ? -10.257 11.186  -5.492  1.00 50.50 ? 65   TYR A OH  1 
ATOM   502  N N   . LYS A 1 66 ? -4.004  12.735  -11.603 1.00 35.44 ? 66   LYS A N   1 
ATOM   503  C CA  . LYS A 1 66 ? -3.212  12.535  -12.813 1.00 35.56 ? 66   LYS A CA  1 
ATOM   504  C C   . LYS A 1 66 ? -2.362  11.262  -12.695 1.00 36.09 ? 66   LYS A C   1 
ATOM   505  O O   . LYS A 1 66 ? -1.546  11.123  -11.778 1.00 37.71 ? 66   LYS A O   1 
ATOM   506  C CB  . LYS A 1 66 ? -2.318  13.734  -13.095 1.00 34.90 ? 66   LYS A CB  1 
ATOM   507  C CG  . LYS A 1 66 ? -1.613  13.653  -14.433 1.00 37.33 ? 66   LYS A CG  1 
ATOM   508  C CD  . LYS A 1 66 ? -0.722  14.845  -14.604 1.00 41.52 ? 66   LYS A CD  1 
ATOM   509  C CE  . LYS A 1 66 ? 0.036   14.809  -15.900 1.00 42.96 ? 66   LYS A CE  1 
ATOM   510  N NZ  . LYS A 1 66 ? 0.885   16.035  -15.967 1.00 49.86 ? 66   LYS A NZ  1 
ATOM   511  N N   . PRO A 1 67 ? -2.565  10.311  -13.616 1.00 34.80 ? 67   PRO A N   1 
ATOM   512  C CA  . PRO A 1 67 ? -1.853  9.030   -13.668 1.00 34.75 ? 67   PRO A CA  1 
ATOM   513  C C   . PRO A 1 67 ? -0.363  9.276   -13.724 1.00 34.31 ? 67   PRO A C   1 
ATOM   514  O O   . PRO A 1 67 ? 0.092   10.177  -14.434 1.00 34.34 ? 67   PRO A O   1 
ATOM   515  C CB  . PRO A 1 67 ? -2.329  8.435   -14.985 1.00 36.06 ? 67   PRO A CB  1 
ATOM   516  C CG  . PRO A 1 67 ? -3.696  9.012   -15.145 1.00 37.58 ? 67   PRO A CG  1 
ATOM   517  C CD  . PRO A 1 67 ? -3.488  10.441  -14.753 1.00 35.72 ? 67   PRO A CD  1 
ATOM   518  N N   . TRP A 1 68 ? 0.392   8.493   -12.961 1.00 34.60 ? 68   TRP A N   1 
ATOM   519  C CA  . TRP A 1 68 ? 1.842   8.634   -12.928 1.00 32.90 ? 68   TRP A CA  1 
ATOM   520  C C   . TRP A 1 68 ? 2.508   7.298   -13.248 1.00 31.08 ? 68   TRP A C   1 
ATOM   521  O O   . TRP A 1 68 ? 3.372   7.206   -14.122 1.00 31.01 ? 68   TRP A O   1 
ATOM   522  C CB  . TRP A 1 68 ? 2.303   9.123   -11.544 1.00 32.70 ? 68   TRP A CB  1 
ATOM   523  C CG  . TRP A 1 68 ? 3.752   9.479   -11.504 1.00 34.13 ? 68   TRP A CG  1 
ATOM   524  C CD1 . TRP A 1 68 ? 4.406   10.322  -12.358 1.00 35.07 ? 68   TRP A CD1 1 
ATOM   525  C CD2 . TRP A 1 68 ? 4.742   8.994   -10.587 1.00 34.08 ? 68   TRP A CD2 1 
ATOM   526  N NE1 . TRP A 1 68 ? 5.743   10.390  -12.033 1.00 36.48 ? 68   TRP A NE1 1 
ATOM   527  C CE2 . TRP A 1 68 ? 5.977   9.586   -10.950 1.00 34.75 ? 68   TRP A CE2 1 
ATOM   528  C CE3 . TRP A 1 68 ? 4.708   8.117   -9.496  1.00 34.84 ? 68   TRP A CE3 1 
ATOM   529  C CZ2 . TRP A 1 68 ? 7.170   9.328   -10.257 1.00 31.67 ? 68   TRP A CZ2 1 
ATOM   530  C CZ3 . TRP A 1 68 ? 5.904   7.860   -8.804  1.00 34.78 ? 68   TRP A CZ3 1 
ATOM   531  C CH2 . TRP A 1 68 ? 7.111   8.464   -9.191  1.00 32.45 ? 68   TRP A CH2 1 
ATOM   532  N N   . ALA A 1 69 ? 2.068   6.254   -12.563 1.00 29.81 ? 69   ALA A N   1 
ATOM   533  C CA  . ALA A 1 69 ? 2.640   4.932   -12.741 1.00 31.26 ? 69   ALA A CA  1 
ATOM   534  C C   . ALA A 1 69 ? 1.684   3.821   -12.329 1.00 32.08 ? 69   ALA A C   1 
ATOM   535  O O   . ALA A 1 69 ? 0.733   4.035   -11.585 1.00 32.79 ? 69   ALA A O   1 
ATOM   536  C CB  . ALA A 1 69 ? 3.940   4.816   -11.942 1.00 27.96 ? 69   ALA A CB  1 
ATOM   537  N N   . LEU A 1 70 ? 2.000   2.614   -12.783 1.00 35.02 ? 70   LEU A N   1 
ATOM   538  C CA  . LEU A 1 70 ? 1.208   1.432   -12.491 1.00 35.48 ? 70   LEU A CA  1 
ATOM   539  C C   . LEU A 1 70 ? 2.233   0.377   -12.085 1.00 35.75 ? 70   LEU A C   1 
ATOM   540  O O   . LEU A 1 70 ? 3.234   0.196   -12.771 1.00 35.23 ? 70   LEU A O   1 
ATOM   541  C CB  . LEU A 1 70 ? 0.451   1.018   -13.764 1.00 38.68 ? 70   LEU A CB  1 
ATOM   542  C CG  . LEU A 1 70 ? -0.792  0.123   -13.723 1.00 39.92 ? 70   LEU A CG  1 
ATOM   543  C CD1 . LEU A 1 70 ? -0.404  -1.306  -13.534 1.00 42.58 ? 70   LEU A CD1 1 
ATOM   544  C CD2 . LEU A 1 70 ? -1.740  0.571   -12.634 1.00 42.46 ? 70   LEU A CD2 1 
ATOM   545  N N   . VAL A 1 71 ? 2.029   -0.244  -10.927 1.00 34.47 ? 71   VAL A N   1 
ATOM   546  C CA  . VAL A 1 71 ? 2.937   -1.274  -10.431 1.00 31.97 ? 71   VAL A CA  1 
ATOM   547  C C   . VAL A 1 71 ? 2.175   -2.578  -10.278 1.00 31.43 ? 71   VAL A C   1 
ATOM   548  O O   . VAL A 1 71 ? 1.110   -2.598  -9.670  1.00 31.60 ? 71   VAL A O   1 
ATOM   549  C CB  . VAL A 1 71 ? 3.522   -0.905  -9.062  1.00 32.60 ? 71   VAL A CB  1 
ATOM   550  C CG1 . VAL A 1 71 ? 4.544   -1.941  -8.647  1.00 31.89 ? 71   VAL A CG1 1 
ATOM   551  C CG2 . VAL A 1 71 ? 4.160   0.478   -9.110  1.00 33.67 ? 71   VAL A CG2 1 
ATOM   552  N N   . ILE A 1 72 ? 2.735   -3.662  -10.807 1.00 30.66 ? 72   ILE A N   1 
ATOM   553  C CA  . ILE A 1 72 ? 2.106   -4.985  -10.744 1.00 31.69 ? 72   ILE A CA  1 
ATOM   554  C C   . ILE A 1 72 ? 3.018   -6.023  -10.062 1.00 30.83 ? 72   ILE A C   1 
ATOM   555  O O   . ILE A 1 72 ? 4.137   -6.263  -10.522 1.00 29.63 ? 72   ILE A O   1 
ATOM   556  C CB  . ILE A 1 72 ? 1.769   -5.517  -12.176 1.00 32.80 ? 72   ILE A CB  1 
ATOM   557  C CG1 . ILE A 1 72 ? 0.910   -4.514  -12.941 1.00 32.71 ? 72   ILE A CG1 1 
ATOM   558  C CG2 . ILE A 1 72 ? 1.004   -6.832  -12.100 1.00 32.17 ? 72   ILE A CG2 1 
ATOM   559  C CD1 . ILE A 1 72 ? -0.445  -4.331  -12.341 1.00 36.34 ? 72   ILE A CD1 1 
ATOM   560  N N   . GLN A 1 73 ? 2.533   -6.644  -8.985  1.00 30.36 ? 73   GLN A N   1 
ATOM   561  C CA  . GLN A 1 73 ? 3.300   -7.666  -8.270  1.00 32.77 ? 73   GLN A CA  1 
ATOM   562  C C   . GLN A 1 73 ? 2.670   -9.055  -8.482  1.00 34.75 ? 73   GLN A C   1 
ATOM   563  O O   . GLN A 1 73 ? 1.487   -9.266  -8.176  1.00 34.88 ? 73   GLN A O   1 
ATOM   564  C CB  . GLN A 1 73 ? 3.385   -7.328  -6.773  1.00 32.97 ? 73   GLN A CB  1 
ATOM   565  C CG  . GLN A 1 73 ? 4.531   -8.036  -6.048  1.00 31.68 ? 73   GLN A CG  1 
ATOM   566  C CD  . GLN A 1 73 ? 4.734   -7.552  -4.627  1.00 32.36 ? 73   GLN A CD  1 
ATOM   567  O OE1 . GLN A 1 73 ? 4.117   -8.062  -3.695  1.00 34.37 ? 73   GLN A OE1 1 
ATOM   568  N NE2 . GLN A 1 73 ? 5.610   -6.575  -4.454  1.00 28.25 ? 73   GLN A NE2 1 
ATOM   569  N N   . ASP A 1 74 ? 3.461   -9.999  -8.997  1.00 36.80 ? 74   ASP A N   1 
ATOM   570  C CA  . ASP A 1 74 ? 2.957   -11.345 -9.272  1.00 38.70 ? 74   ASP A CA  1 
ATOM   571  C C   . ASP A 1 74 ? 2.977   -12.339 -8.120  1.00 37.93 ? 74   ASP A C   1 
ATOM   572  O O   . ASP A 1 74 ? 3.226   -11.978 -6.976  1.00 39.41 ? 74   ASP A O   1 
ATOM   573  C CB  . ASP A 1 74 ? 3.596   -11.943 -10.550 1.00 40.40 ? 74   ASP A CB  1 
ATOM   574  C CG  . ASP A 1 74 ? 5.121   -12.095 -10.470 1.00 41.89 ? 74   ASP A CG  1 
ATOM   575  O OD1 . ASP A 1 74 ? 5.691   -12.031 -9.356  1.00 43.89 ? 74   ASP A OD1 1 
ATOM   576  O OD2 . ASP A 1 74 ? 5.747   -12.298 -11.538 1.00 38.67 ? 74   ASP A OD2 1 
ATOM   577  N N   . SER A 1 75 ? 2.674   -13.592 -8.438  1.00 38.57 ? 75   SER A N   1 
ATOM   578  C CA  . SER A 1 75 ? 2.634   -14.666 -7.467  1.00 39.31 ? 75   SER A CA  1 
ATOM   579  C C   . SER A 1 75 ? 3.963   -14.778 -6.750  1.00 40.47 ? 75   SER A C   1 
ATOM   580  O O   . SER A 1 75 ? 4.013   -15.114 -5.570  1.00 41.35 ? 75   SER A O   1 
ATOM   581  C CB  . SER A 1 75 ? 2.330   -15.969 -8.187  1.00 40.59 ? 75   SER A CB  1 
ATOM   582  O OG  . SER A 1 75 ? 1.278   -15.776 -9.121  1.00 45.25 ? 75   SER A OG  1 
ATOM   583  N N   . ASN A 1 76 ? 5.030   -14.439 -7.470  1.00 42.55 ? 76   ASN A N   1 
ATOM   584  C CA  . ASN A 1 76 ? 6.399   -14.487 -6.955  1.00 44.35 ? 76   ASN A CA  1 
ATOM   585  C C   . ASN A 1 76 ? 6.889   -13.223 -6.220  1.00 45.52 ? 76   ASN A C   1 
ATOM   586  O O   . ASN A 1 76 ? 8.078   -13.118 -5.882  1.00 46.68 ? 76   ASN A O   1 
ATOM   587  C CB  . ASN A 1 76 ? 7.370   -14.820 -8.099  1.00 44.96 ? 76   ASN A CB  1 
ATOM   588  C CG  . ASN A 1 76 ? 7.067   -16.158 -8.755  1.00 47.89 ? 76   ASN A CG  1 
ATOM   589  O OD1 . ASN A 1 76 ? 6.833   -16.229 -9.961  1.00 48.61 ? 76   ASN A OD1 1 
ATOM   590  N ND2 . ASN A 1 76 ? 7.069   -17.227 -7.959  1.00 48.74 ? 76   ASN A ND2 1 
ATOM   591  N N   . GLY A 1 77 ? 6.001   -12.256 -5.993  1.00 43.23 ? 77   GLY A N   1 
ATOM   592  C CA  . GLY A 1 77 ? 6.412   -11.044 -5.300  1.00 40.64 ? 77   GLY A CA  1 
ATOM   593  C C   . GLY A 1 77 ? 7.389   -10.186 -6.078  1.00 38.00 ? 77   GLY A C   1 
ATOM   594  O O   . GLY A 1 77 ? 8.120   -9.385  -5.498  1.00 36.78 ? 77   GLY A O   1 
ATOM   595  N N   . GLU A 1 78 ? 7.390   -10.353 -7.395  1.00 37.78 ? 78   GLU A N   1 
ATOM   596  C CA  . GLU A 1 78 ? 8.269   -9.595  -8.278  1.00 38.13 ? 78   GLU A CA  1 
ATOM   597  C C   . GLU A 1 78 ? 7.453   -8.508  -8.974  1.00 37.74 ? 78   GLU A C   1 
ATOM   598  O O   . GLU A 1 78 ? 6.375   -8.781  -9.508  1.00 38.76 ? 78   GLU A O   1 
ATOM   599  C CB  . GLU A 1 78 ? 8.907   -10.529 -9.309  1.00 38.93 ? 78   GLU A CB  1 
ATOM   600  C CG  . GLU A 1 78 ? 9.723   -11.662 -8.691  1.00 42.21 ? 78   GLU A CG  1 
ATOM   601  C CD  . GLU A 1 78 ? 10.193  -12.699 -9.710  1.00 44.79 ? 78   GLU A CD  1 
ATOM   602  O OE1 . GLU A 1 78 ? 9.723   -12.678 -10.872 1.00 47.90 ? 78   GLU A OE1 1 
ATOM   603  O OE2 . GLU A 1 78 ? 11.033  -13.554 -9.352  1.00 45.21 ? 78   GLU A OE2 1 
ATOM   604  N N   . ASN A 1 79 ? 7.988   -7.284  -8.981  1.00 37.08 ? 79   ASN A N   1 
ATOM   605  C CA  . ASN A 1 79 ? 7.332   -6.111  -9.577  1.00 34.59 ? 79   ASN A CA  1 
ATOM   606  C C   . ASN A 1 79 ? 7.614   -5.867  -11.058 1.00 34.26 ? 79   ASN A C   1 
ATOM   607  O O   . ASN A 1 79 ? 8.584   -6.368  -11.622 1.00 36.44 ? 79   ASN A O   1 
ATOM   608  C CB  . ASN A 1 79 ? 7.725   -4.830  -8.817  1.00 34.22 ? 79   ASN A CB  1 
ATOM   609  C CG  . ASN A 1 79 ? 7.201   -4.790  -7.380  1.00 35.18 ? 79   ASN A CG  1 
ATOM   610  O OD1 . ASN A 1 79 ? 7.493   -3.853  -6.639  1.00 36.08 ? 79   ASN A OD1 1 
ATOM   611  N ND2 . ASN A 1 79 ? 6.433   -5.797  -6.986  1.00 35.15 ? 79   ASN A ND2 1 
ATOM   612  N N   . LYS A 1 80 ? 6.736   -5.085  -11.672 1.00 33.92 ? 80   LYS A N   1 
ATOM   613  C CA  . LYS A 1 80 ? 6.851   -4.675  -13.064 1.00 33.84 ? 80   LYS A CA  1 
ATOM   614  C C   . LYS A 1 80 ? 6.209   -3.298  -13.051 1.00 32.02 ? 80   LYS A C   1 
ATOM   615  O O   . LYS A 1 80 ? 5.062   -3.151  -12.635 1.00 32.04 ? 80   LYS A O   1 
ATOM   616  C CB  . LYS A 1 80 ? 6.115   -5.610  -14.023 1.00 34.04 ? 80   LYS A CB  1 
ATOM   617  C CG  . LYS A 1 80 ? 6.440   -5.298  -15.486 1.00 35.67 ? 80   LYS A CG  1 
ATOM   618  C CD  . LYS A 1 80 ? 5.836   -6.309  -16.433 1.00 37.92 ? 80   LYS A CD  1 
ATOM   619  C CE  . LYS A 1 80 ? 6.242   -6.031  -17.875 1.00 40.50 ? 80   LYS A CE  1 
ATOM   620  N NZ  . LYS A 1 80 ? 5.499   -6.923  -18.819 1.00 39.54 ? 80   LYS A NZ  1 
ATOM   621  N N   . ILE A 1 81 ? 6.979   -2.289  -13.440 1.00 30.99 ? 81   ILE A N   1 
ATOM   622  C CA  . ILE A 1 81 ? 6.517   -0.910  -13.419 1.00 30.82 ? 81   ILE A CA  1 
ATOM   623  C C   . ILE A 1 81 ? 6.277   -0.340  -14.807 1.00 32.03 ? 81   ILE A C   1 
ATOM   624  O O   . ILE A 1 81 ? 7.031   -0.614  -15.728 1.00 33.61 ? 81   ILE A O   1 
ATOM   625  C CB  . ILE A 1 81 ? 7.558   -0.028  -12.681 1.00 29.96 ? 81   ILE A CB  1 
ATOM   626  C CG1 . ILE A 1 81 ? 7.815   -0.582  -11.281 1.00 27.24 ? 81   ILE A CG1 1 
ATOM   627  C CG2 . ILE A 1 81 ? 7.092   1.419   -12.610 1.00 30.45 ? 81   ILE A CG2 1 
ATOM   628  C CD1 . ILE A 1 81 ? 8.913   0.121   -10.525 1.00 26.21 ? 81   ILE A CD1 1 
ATOM   629  N N   . LYS A 1 82 ? 5.195   0.424   -14.945 1.00 34.61 ? 82   LYS A N   1 
ATOM   630  C CA  . LYS A 1 82 ? 4.831   1.079   -16.201 1.00 35.05 ? 82   LYS A CA  1 
ATOM   631  C C   . LYS A 1 82 ? 4.531   2.546   -15.940 1.00 34.72 ? 82   LYS A C   1 
ATOM   632  O O   . LYS A 1 82 ? 3.568   2.878   -15.255 1.00 34.89 ? 82   LYS A O   1 
ATOM   633  C CB  . LYS A 1 82 ? 3.601   0.439   -16.846 1.00 37.09 ? 82   LYS A CB  1 
ATOM   634  C CG  . LYS A 1 82 ? 3.173   1.155   -18.119 1.00 40.18 ? 82   LYS A CG  1 
ATOM   635  C CD  . LYS A 1 82 ? 2.103   0.382   -18.869 1.00 47.73 ? 82   LYS A CD  1 
ATOM   636  C CE  . LYS A 1 82 ? 1.882   0.969   -20.263 1.00 50.76 ? 82   LYS A CE  1 
ATOM   637  N NZ  . LYS A 1 82 ? 3.178   1.034   -21.006 1.00 52.35 ? 82   LYS A NZ  1 
ATOM   638  N N   . MET A 1 83 ? 5.380   3.412   -16.477 1.00 35.70 ? 83   MET A N   1 
ATOM   639  C CA  . MET A 1 83 ? 5.216   4.852   -16.326 1.00 35.79 ? 83   MET A CA  1 
ATOM   640  C C   . MET A 1 83 ? 4.071   5.312   -17.209 1.00 36.90 ? 83   MET A C   1 
ATOM   641  O O   . MET A 1 83 ? 4.025   4.962   -18.385 1.00 38.22 ? 83   MET A O   1 
ATOM   642  C CB  . MET A 1 83 ? 6.502   5.583   -16.729 1.00 34.19 ? 83   MET A CB  1 
ATOM   643  C CG  . MET A 1 83 ? 7.702   5.166   -15.910 1.00 31.99 ? 83   MET A CG  1 
ATOM   644  S SD  . MET A 1 83 ? 7.297   5.162   -14.163 1.00 33.92 ? 83   MET A SD  1 
ATOM   645  C CE  . MET A 1 83 ? 7.358   6.946   -13.808 1.00 30.69 ? 83   MET A CE  1 
ATOM   646  N N   . LEU A 1 84 ? 3.140   6.073   -16.642 1.00 37.89 ? 84   LEU A N   1 
ATOM   647  C CA  . LEU A 1 84 ? 1.996   6.562   -17.405 1.00 38.88 ? 84   LEU A CA  1 
ATOM   648  C C   . LEU A 1 84 ? 2.247   7.987   -17.921 1.00 42.41 ? 84   LEU A C   1 
ATOM   649  O O   . LEU A 1 84 ? 3.338   8.533   -17.629 1.00 44.04 ? 84   LEU A O   1 
ATOM   650  C CB  . LEU A 1 84 ? 0.713   6.488   -16.556 1.00 36.20 ? 84   LEU A CB  1 
ATOM   651  C CG  . LEU A 1 84 ? 0.347   5.116   -15.962 1.00 35.00 ? 84   LEU A CG  1 
ATOM   652  C CD1 . LEU A 1 84 ? -0.833  5.204   -15.017 1.00 31.80 ? 84   LEU A CD1 1 
ATOM   653  C CD2 . LEU A 1 84 ? 0.062   4.129   -17.067 1.00 34.92 ? 84   LEU A CD2 1 
ATOM   654  O OXT . LEU A 1 84 ? 1.377   8.528   -18.650 1.00 44.34 ? 84   LEU A OXT 1 
ATOM   655  N N   . THR B 1 2  ? -0.189  -16.839 12.454  1.00 87.57 ? 2    THR B N   1 
ATOM   656  C CA  . THR B 1 2  ? -0.541  -15.639 13.274  1.00 87.76 ? 2    THR B CA  1 
ATOM   657  C C   . THR B 1 2  ? -1.779  -14.914 12.721  1.00 87.18 ? 2    THR B C   1 
ATOM   658  O O   . THR B 1 2  ? -1.943  -14.777 11.496  1.00 87.57 ? 2    THR B O   1 
ATOM   659  C CB  . THR B 1 2  ? 0.647   -14.633 13.350  1.00 87.92 ? 2    THR B CB  1 
ATOM   660  O OG1 . THR B 1 2  ? 0.391   -13.649 14.362  1.00 87.83 ? 2    THR B OG1 1 
ATOM   661  C CG2 . THR B 1 2  ? 0.840   -13.920 12.015  1.00 88.01 ? 2    THR B CG2 1 
ATOM   662  N N   . ASN B 1 3  ? -2.668  -14.497 13.626  1.00 84.77 ? 3    ASN B N   1 
ATOM   663  C CA  . ASN B 1 3  ? -3.873  -13.775 13.229  1.00 82.43 ? 3    ASN B CA  1 
ATOM   664  C C   . ASN B 1 3  ? -3.573  -12.290 13.296  1.00 80.99 ? 3    ASN B C   1 
ATOM   665  O O   . ASN B 1 3  ? -3.234  -11.753 14.354  1.00 80.46 ? 3    ASN B O   1 
ATOM   666  C CB  . ASN B 1 3  ? -5.064  -14.098 14.130  1.00 81.88 ? 3    ASN B CB  1 
ATOM   667  C CG  . ASN B 1 3  ? -6.382  -13.580 13.561  1.00 80.97 ? 3    ASN B CG  1 
ATOM   668  O OD1 . ASN B 1 3  ? -6.461  -13.186 12.395  1.00 80.92 ? 3    ASN B OD1 1 
ATOM   669  N ND2 . ASN B 1 3  ? -7.419  -13.583 14.383  1.00 80.35 ? 3    ASN B ND2 1 
ATOM   670  N N   . LEU B 1 4  ? -3.755  -11.631 12.161  1.00 79.42 ? 4    LEU B N   1 
ATOM   671  C CA  . LEU B 1 4  ? -3.476  -10.212 12.028  1.00 77.55 ? 4    LEU B CA  1 
ATOM   672  C C   . LEU B 1 4  ? -4.500  -9.247  12.643  1.00 77.55 ? 4    LEU B C   1 
ATOM   673  O O   . LEU B 1 4  ? -4.121  -8.199  13.162  1.00 76.84 ? 4    LEU B O   1 
ATOM   674  C CB  . LEU B 1 4  ? -3.229  -9.910  10.553  1.00 75.76 ? 4    LEU B CB  1 
ATOM   675  C CG  . LEU B 1 4  ? -2.190  -10.884 9.983   1.00 73.25 ? 4    LEU B CG  1 
ATOM   676  C CD1 . LEU B 1 4  ? -2.090  -10.772 8.481   1.00 72.39 ? 4    LEU B CD1 1 
ATOM   677  C CD2 . LEU B 1 4  ? -0.845  -10.652 10.648  1.00 72.83 ? 4    LEU B CD2 1 
ATOM   678  N N   . SER B 1 5  ? -5.784  -9.602  12.599  1.00 78.12 ? 5    SER B N   1 
ATOM   679  C CA  . SER B 1 5  ? -6.837  -8.752  13.165  1.00 77.91 ? 5    SER B CA  1 
ATOM   680  C C   . SER B 1 5  ? -6.690  -8.577  14.680  1.00 77.15 ? 5    SER B C   1 
ATOM   681  O O   . SER B 1 5  ? -7.065  -7.540  15.231  1.00 77.78 ? 5    SER B O   1 
ATOM   682  C CB  . SER B 1 5  ? -8.224  -9.305  12.821  1.00 78.53 ? 5    SER B CB  1 
ATOM   683  O OG  . SER B 1 5  ? -8.359  -10.640 13.271  1.00 81.71 ? 5    SER B OG  1 
ATOM   684  N N   . ASP B 1 6  ? -6.162  -9.602  15.345  1.00 75.20 ? 6    ASP B N   1 
ATOM   685  C CA  . ASP B 1 6  ? -5.949  -9.551  16.787  1.00 74.28 ? 6    ASP B CA  1 
ATOM   686  C C   . ASP B 1 6  ? -4.819  -8.577  17.114  1.00 72.91 ? 6    ASP B C   1 
ATOM   687  O O   . ASP B 1 6  ? -4.854  -7.894  18.138  1.00 73.05 ? 6    ASP B O   1 
ATOM   688  C CB  . ASP B 1 6  ? -5.611  -10.941 17.326  1.00 76.11 ? 6    ASP B CB  1 
ATOM   689  C CG  . ASP B 1 6  ? -6.840  -11.794 17.559  1.00 77.55 ? 6    ASP B CG  1 
ATOM   690  O OD1 . ASP B 1 6  ? -7.546  -12.092 16.578  1.00 78.24 ? 6    ASP B OD1 1 
ATOM   691  O OD2 . ASP B 1 6  ? -7.101  -12.159 18.726  1.00 79.56 ? 6    ASP B OD2 1 
ATOM   692  N N   . ILE B 1 7  ? -3.814  -8.531  16.242  1.00 70.62 ? 7    ILE B N   1 
ATOM   693  C CA  . ILE B 1 7  ? -2.673  -7.636  16.420  1.00 68.55 ? 7    ILE B CA  1 
ATOM   694  C C   . ILE B 1 7  ? -3.125  -6.186  16.213  1.00 67.83 ? 7    ILE B C   1 
ATOM   695  O O   . ILE B 1 7  ? -2.694  -5.287  16.934  1.00 67.86 ? 7    ILE B O   1 
ATOM   696  C CB  . ILE B 1 7  ? -1.520  -7.979  15.425  1.00 68.30 ? 7    ILE B CB  1 
ATOM   697  C CG1 . ILE B 1 7  ? -1.118  -9.452  15.577  1.00 68.15 ? 7    ILE B CG1 1 
ATOM   698  C CG2 . ILE B 1 7  ? -0.306  -7.090  15.685  1.00 66.82 ? 7    ILE B CG2 1 
ATOM   699  C CD1 . ILE B 1 7  ? -0.038  -9.922  14.614  1.00 68.03 ? 7    ILE B CD1 1 
ATOM   700  N N   . ILE B 1 8  ? -4.022  -5.976  15.250  1.00 66.94 ? 8    ILE B N   1 
ATOM   701  C CA  . ILE B 1 8  ? -4.530  -4.639  14.957  1.00 66.80 ? 8    ILE B CA  1 
ATOM   702  C C   . ILE B 1 8  ? -5.517  -4.179  16.024  1.00 67.78 ? 8    ILE B C   1 
ATOM   703  O O   . ILE B 1 8  ? -5.618  -2.984  16.301  1.00 67.62 ? 8    ILE B O   1 
ATOM   704  C CB  . ILE B 1 8  ? -5.140  -4.547  13.526  1.00 65.78 ? 8    ILE B CB  1 
ATOM   705  C CG1 . ILE B 1 8  ? -4.036  -4.761  12.487  1.00 63.77 ? 8    ILE B CG1 1 
ATOM   706  C CG2 . ILE B 1 8  ? -5.783  -3.183  13.294  1.00 65.02 ? 8    ILE B CG2 1 
ATOM   707  C CD1 . ILE B 1 8  ? -4.466  -4.574  11.065  1.00 62.82 ? 8    ILE B CD1 1 
ATOM   708  N N   . GLU B 1 9  ? -6.214  -5.132  16.644  1.00 68.03 ? 9    GLU B N   1 
ATOM   709  C CA  . GLU B 1 9  ? -7.164  -4.820  17.708  1.00 69.12 ? 9    GLU B CA  1 
ATOM   710  C C   . GLU B 1 9  ? -6.453  -4.486  19.023  1.00 69.33 ? 9    GLU B C   1 
ATOM   711  O O   . GLU B 1 9  ? -6.899  -3.620  19.772  1.00 68.33 ? 9    GLU B O   1 
ATOM   712  C CB  . GLU B 1 9  ? -8.143  -5.975  17.934  1.00 71.18 ? 9    GLU B CB  1 
ATOM   713  C CG  . GLU B 1 9  ? -8.804  -5.948  19.321  1.00 74.11 ? 9    GLU B CG  1 
ATOM   714  C CD  . GLU B 1 9  ? -10.314 -6.086  19.295  1.00 75.11 ? 9    GLU B CD  1 
ATOM   715  O OE1 . GLU B 1 9  ? -10.892 -6.248  18.198  1.00 76.57 ? 9    GLU B OE1 1 
ATOM   716  O OE2 . GLU B 1 9  ? -10.923 -6.027  20.387  1.00 75.56 ? 9    GLU B OE2 1 
ATOM   717  N N   . LYS B 1 10 ? -5.373  -5.199  19.322  1.00 71.11 ? 10   LYS B N   1 
ATOM   718  C CA  . LYS B 1 10 ? -4.612  -4.950  20.545  1.00 74.78 ? 10   LYS B CA  1 
ATOM   719  C C   . LYS B 1 10 ? -4.041  -3.531  20.526  1.00 75.94 ? 10   LYS B C   1 
ATOM   720  O O   . LYS B 1 10 ? -3.967  -2.863  21.562  1.00 77.30 ? 10   LYS B O   1 
ATOM   721  C CB  . LYS B 1 10 ? -3.469  -5.966  20.688  1.00 76.25 ? 10   LYS B CB  1 
ATOM   722  C CG  . LYS B 1 10 ? -2.723  -5.920  22.034  1.00 78.51 ? 10   LYS B CG  1 
ATOM   723  C CD  . LYS B 1 10 ? -1.520  -6.875  22.038  1.00 81.09 ? 10   LYS B CD  1 
ATOM   724  C CE  . LYS B 1 10 ? -0.958  -7.123  23.444  1.00 81.66 ? 10   LYS B CE  1 
ATOM   725  N NZ  . LYS B 1 10 ? -1.803  -8.039  24.274  1.00 81.27 ? 10   LYS B NZ  1 
ATOM   726  N N   . GLU B 1 11 ? -3.641  -3.075  19.341  1.00 75.65 ? 11   GLU B N   1 
ATOM   727  C CA  . GLU B 1 11 ? -3.068  -1.743  19.189  1.00 75.00 ? 11   GLU B CA  1 
ATOM   728  C C   . GLU B 1 11 ? -4.085  -0.615  19.001  1.00 74.76 ? 11   GLU B C   1 
ATOM   729  O O   . GLU B 1 11 ? -3.990  0.425   19.658  1.00 75.51 ? 11   GLU B O   1 
ATOM   730  C CB  . GLU B 1 11 ? -2.037  -1.726  18.052  1.00 74.74 ? 11   GLU B CB  1 
ATOM   731  C CG  . GLU B 1 11 ? -0.724  -2.427  18.391  1.00 73.86 ? 11   GLU B CG  1 
ATOM   732  C CD  . GLU B 1 11 ? -0.004  -1.791  19.574  1.00 74.18 ? 11   GLU B CD  1 
ATOM   733  O OE1 . GLU B 1 11 ? -0.034  -0.551  19.700  1.00 73.45 ? 11   GLU B OE1 1 
ATOM   734  O OE2 . GLU B 1 11 ? 0.595   -2.536  20.381  1.00 73.58 ? 11   GLU B OE2 1 
ATOM   735  N N   . THR B 1 12 ? -5.069  -0.825  18.129  1.00 72.76 ? 12   THR B N   1 
ATOM   736  C CA  . THR B 1 12 ? -6.073  0.204   17.859  1.00 71.90 ? 12   THR B CA  1 
ATOM   737  C C   . THR B 1 12 ? -7.432  -0.022  18.523  1.00 71.25 ? 12   THR B C   1 
ATOM   738  O O   . THR B 1 12 ? -8.247  0.895   18.609  1.00 70.80 ? 12   THR B O   1 
ATOM   739  C CB  . THR B 1 12 ? -6.274  0.384   16.344  1.00 72.01 ? 12   THR B CB  1 
ATOM   740  O OG1 . THR B 1 12 ? -6.864  -0.795  15.790  1.00 72.17 ? 12   THR B OG1 1 
ATOM   741  C CG2 . THR B 1 12 ? -4.941  0.631   15.656  1.00 72.09 ? 12   THR B CG2 1 
ATOM   742  N N   . GLY B 1 13 ? -7.664  -1.244  18.990  1.00 70.92 ? 13   GLY B N   1 
ATOM   743  C CA  . GLY B 1 13 ? -8.918  -1.573  19.637  1.00 70.19 ? 13   GLY B CA  1 
ATOM   744  C C   . GLY B 1 13 ? -10.113 -1.561  18.708  1.00 70.08 ? 13   GLY B C   1 
ATOM   745  O O   . GLY B 1 13 ? -11.185 -1.131  19.111  1.00 70.63 ? 13   GLY B O   1 
ATOM   746  N N   . LYS B 1 14 ? -9.943  -2.025  17.472  1.00 70.61 ? 14   LYS B N   1 
ATOM   747  C CA  . LYS B 1 14 ? -11.046 -2.041  16.504  1.00 70.85 ? 14   LYS B CA  1 
ATOM   748  C C   . LYS B 1 14 ? -11.008 -3.216  15.516  1.00 70.66 ? 14   LYS B C   1 
ATOM   749  O O   . LYS B 1 14 ? -9.935  -3.612  15.034  1.00 71.51 ? 14   LYS B O   1 
ATOM   750  C CB  . LYS B 1 14 ? -11.128 -0.697  15.760  1.00 70.90 ? 14   LYS B CB  1 
ATOM   751  C CG  . LYS B 1 14 ? -9.804  -0.210  15.157  1.00 71.45 ? 14   LYS B CG  1 
ATOM   752  C CD  . LYS B 1 14 ? -9.692  1.318   15.168  1.00 68.76 ? 14   LYS B CD  1 
ATOM   753  C CE  . LYS B 1 14 ? -8.472  1.798   14.394  1.00 66.36 ? 14   LYS B CE  1 
ATOM   754  N NZ  . LYS B 1 14 ? -8.342  3.273   14.357  1.00 63.07 ? 14   LYS B NZ  1 
ATOM   755  N N   . GLN B 1 15 ? -12.188 -3.783  15.263  1.00 68.90 ? 15   GLN B N   1 
ATOM   756  C CA  . GLN B 1 15 ? -12.372 -4.923  14.363  1.00 66.30 ? 15   GLN B CA  1 
ATOM   757  C C   . GLN B 1 15 ? -12.322 -4.498  12.897  1.00 62.89 ? 15   GLN B C   1 
ATOM   758  O O   . GLN B 1 15 ? -13.330 -4.067  12.338  1.00 62.19 ? 15   GLN B O   1 
ATOM   759  C CB  . GLN B 1 15 ? -13.719 -5.607  14.665  1.00 67.72 ? 15   GLN B CB  1 
ATOM   760  C CG  . GLN B 1 15 ? -14.106 -6.752  13.724  1.00 69.50 ? 15   GLN B CG  1 
ATOM   761  C CD  . GLN B 1 15 ? -13.334 -8.036  13.982  1.00 71.51 ? 15   GLN B CD  1 
ATOM   762  O OE1 . GLN B 1 15 ? -12.105 -8.024  14.103  1.00 72.54 ? 15   GLN B OE1 1 
ATOM   763  N NE2 . GLN B 1 15 ? -14.052 -9.155  14.055  1.00 71.24 ? 15   GLN B NE2 1 
ATOM   764  N N   . LEU B 1 16 ? -11.147 -4.613  12.283  1.00 59.67 ? 16   LEU B N   1 
ATOM   765  C CA  . LEU B 1 16 ? -10.973 -4.246  10.880  1.00 56.80 ? 16   LEU B CA  1 
ATOM   766  C C   . LEU B 1 16 ? -10.810 -5.466  9.999   1.00 56.42 ? 16   LEU B C   1 
ATOM   767  O O   . LEU B 1 16 ? -10.308 -6.507  10.437  1.00 56.76 ? 16   LEU B O   1 
ATOM   768  C CB  . LEU B 1 16 ? -9.763  -3.330  10.700  1.00 54.58 ? 16   LEU B CB  1 
ATOM   769  C CG  . LEU B 1 16 ? -9.860  -1.955  11.344  1.00 52.87 ? 16   LEU B CG  1 
ATOM   770  C CD1 . LEU B 1 16 ? -8.708  -1.094  10.878  1.00 51.81 ? 16   LEU B CD1 1 
ATOM   771  C CD2 . LEU B 1 16 ? -11.185 -1.314  10.986  1.00 52.81 ? 16   LEU B CD2 1 
ATOM   772  N N   . VAL B 1 17 ? -11.262 -5.333  8.757   1.00 55.80 ? 17   VAL B N   1 
ATOM   773  C CA  . VAL B 1 17 ? -11.155 -6.401  7.779   1.00 55.12 ? 17   VAL B CA  1 
ATOM   774  C C   . VAL B 1 17 ? -9.823  -6.170  7.082   1.00 54.38 ? 17   VAL B C   1 
ATOM   775  O O   . VAL B 1 17 ? -9.626  -5.142  6.427   1.00 53.84 ? 17   VAL B O   1 
ATOM   776  C CB  . VAL B 1 17 ? -12.309 -6.331  6.753   1.00 57.27 ? 17   VAL B CB  1 
ATOM   777  C CG1 . VAL B 1 17 ? -12.295 -7.574  5.873   1.00 59.30 ? 17   VAL B CG1 1 
ATOM   778  C CG2 . VAL B 1 17 ? -13.658 -6.185  7.465   1.00 57.04 ? 17   VAL B CG2 1 
ATOM   779  N N   . ILE B 1 18 ? -8.889  -7.097  7.280   1.00 55.00 ? 18   ILE B N   1 
ATOM   780  C CA  . ILE B 1 18 ? -7.562  -6.994  6.675   1.00 56.48 ? 18   ILE B CA  1 
ATOM   781  C C   . ILE B 1 18 ? -7.521  -7.534  5.239   1.00 57.05 ? 18   ILE B C   1 
ATOM   782  O O   . ILE B 1 18 ? -8.295  -8.420  4.883   1.00 56.86 ? 18   ILE B O   1 
ATOM   783  C CB  . ILE B 1 18 ? -6.459  -7.649  7.581   1.00 56.91 ? 18   ILE B CB  1 
ATOM   784  C CG1 . ILE B 1 18 ? -6.271  -6.831  8.870   1.00 57.31 ? 18   ILE B CG1 1 
ATOM   785  C CG2 . ILE B 1 18 ? -5.107  -7.670  6.873   1.00 56.72 ? 18   ILE B CG2 1 
ATOM   786  C CD1 . ILE B 1 18 ? -7.327  -7.067  9.942   1.00 58.62 ? 18   ILE B CD1 1 
ATOM   787  N N   . GLN B 1 19 ? -6.616  -6.995  4.415   1.00 57.67 ? 19   GLN B N   1 
ATOM   788  C CA  . GLN B 1 19 ? -6.524  -7.401  3.003   1.00 58.48 ? 19   GLN B CA  1 
ATOM   789  C C   . GLN B 1 19 ? -5.193  -7.981  2.521   1.00 59.02 ? 19   GLN B C   1 
ATOM   790  O O   . GLN B 1 19 ? -4.191  -8.051  3.282   1.00 57.96 ? 19   GLN B O   1 
ATOM   791  C CB  . GLN B 1 19 ? -6.890  -6.217  2.125   1.00 57.93 ? 19   GLN B CB  1 
ATOM   792  C CG  . GLN B 1 19 ? -8.079  -5.472  2.707   1.00 61.84 ? 19   GLN B CG  1 
ATOM   793  C CD  . GLN B 1 19 ? -8.635  -4.475  1.746   1.00 63.88 ? 19   GLN B CD  1 
ATOM   794  O OE1 . GLN B 1 19 ? -9.052  -4.830  0.652   1.00 67.61 ? 19   GLN B OE1 1 
ATOM   795  N NE2 . GLN B 1 19 ? -8.658  -3.213  2.148   1.00 62.55 ? 19   GLN B NE2 1 
ATOM   796  N N   . GLU B 1 20 ? -5.198  -8.414  1.257   1.00 61.18 ? 20   GLU B N   1 
ATOM   797  C CA  . GLU B 1 20 ? -4.025  -8.994  0.610   1.00 61.80 ? 20   GLU B CA  1 
ATOM   798  C C   . GLU B 1 20 ? -2.710  -8.239  0.868   1.00 58.67 ? 20   GLU B C   1 
ATOM   799  O O   . GLU B 1 20 ? -2.642  -7.003  0.841   1.00 56.19 ? 20   GLU B O   1 
ATOM   800  C CB  . GLU B 1 20 ? -4.252  -9.201  -0.913  1.00 65.25 ? 20   GLU B CB  1 
ATOM   801  C CG  . GLU B 1 20 ? -5.413  -10.176 -1.278  1.00 69.58 ? 20   GLU B CG  1 
ATOM   802  C CD  . GLU B 1 20 ? -5.043  -11.675 -1.209  1.00 71.40 ? 20   GLU B CD  1 
ATOM   803  O OE1 . GLU B 1 20 ? -4.101  -12.072 -0.478  1.00 73.54 ? 20   GLU B OE1 1 
ATOM   804  O OE2 . GLU B 1 20 ? -5.705  -12.468 -1.909  1.00 71.56 ? 20   GLU B OE2 1 
ATOM   805  N N   . SER B 1 21 ? -1.663  -9.025  1.087   1.00 56.57 ? 21   SER B N   1 
ATOM   806  C CA  . SER B 1 21 ? -0.327  -8.494  1.346   1.00 55.61 ? 21   SER B CA  1 
ATOM   807  C C   . SER B 1 21 ? 0.407   -8.088  0.057   1.00 52.66 ? 21   SER B C   1 
ATOM   808  O O   . SER B 1 21 ? 0.237   -8.690  -1.012  1.00 53.36 ? 21   SER B O   1 
ATOM   809  C CB  . SER B 1 21 ? 0.498   -9.544  2.088   1.00 56.80 ? 21   SER B CB  1 
ATOM   810  O OG  . SER B 1 21 ? 0.443   -10.774 1.381   1.00 57.99 ? 21   SER B OG  1 
ATOM   811  N N   . ILE B 1 22 ? 1.199   -7.032  0.186   1.00 48.68 ? 22   ILE B N   1 
ATOM   812  C CA  . ILE B 1 22 ? 2.023   -6.507  -0.888  1.00 44.95 ? 22   ILE B CA  1 
ATOM   813  C C   . ILE B 1 22 ? 3.458   -6.624  -0.357  1.00 43.26 ? 22   ILE B C   1 
ATOM   814  O O   . ILE B 1 22 ? 3.759   -6.171  0.748   1.00 41.81 ? 22   ILE B O   1 
ATOM   815  C CB  . ILE B 1 22 ? 1.640   -5.040  -1.202  1.00 45.80 ? 22   ILE B CB  1 
ATOM   816  C CG1 . ILE B 1 22 ? 0.204   -5.007  -1.753  1.00 47.38 ? 22   ILE B CG1 1 
ATOM   817  C CG2 . ILE B 1 22 ? 2.649   -4.403  -2.170  1.00 44.30 ? 22   ILE B CG2 1 
ATOM   818  C CD1 . ILE B 1 22 ? -0.362  -3.620  -2.034  1.00 48.16 ? 22   ILE B CD1 1 
ATOM   819  N N   . LEU B 1 23 ? 4.319   -7.294  -1.115  1.00 40.82 ? 23   LEU B N   1 
ATOM   820  C CA  . LEU B 1 23 ? 5.706   -7.494  -0.718  1.00 40.13 ? 23   LEU B CA  1 
ATOM   821  C C   . LEU B 1 23 ? 6.564   -6.256  -0.995  1.00 40.84 ? 23   LEU B C   1 
ATOM   822  O O   . LEU B 1 23 ? 6.466   -5.645  -2.056  1.00 42.25 ? 23   LEU B O   1 
ATOM   823  C CB  . LEU B 1 23 ? 6.276   -8.719  -1.448  1.00 39.25 ? 23   LEU B CB  1 
ATOM   824  C CG  . LEU B 1 23 ? 7.534   -9.373  -0.881  1.00 41.44 ? 23   LEU B CG  1 
ATOM   825  C CD1 . LEU B 1 23 ? 8.791   -8.644  -1.309  1.00 41.36 ? 23   LEU B CD1 1 
ATOM   826  C CD2 . LEU B 1 23 ? 7.417   -9.443  0.626   1.00 43.43 ? 23   LEU B CD2 1 
ATOM   827  N N   . MET B 1 24 ? 7.395   -5.873  -0.032  1.00 40.98 ? 24   MET B N   1 
ATOM   828  C CA  . MET B 1 24 ? 8.260   -4.710  -0.213  1.00 42.61 ? 24   MET B CA  1 
ATOM   829  C C   . MET B 1 24 ? 9.663   -4.939  0.330   1.00 43.59 ? 24   MET B C   1 
ATOM   830  O O   . MET B 1 24 ? 9.839   -5.549  1.388   1.00 43.09 ? 24   MET B O   1 
ATOM   831  C CB  . MET B 1 24 ? 7.665   -3.473  0.453   1.00 45.10 ? 24   MET B CB  1 
ATOM   832  C CG  . MET B 1 24 ? 6.342   -3.028  -0.107  1.00 47.53 ? 24   MET B CG  1 
ATOM   833  S SD  . MET B 1 24 ? 6.217   -1.237  -0.080  1.00 55.58 ? 24   MET B SD  1 
ATOM   834  C CE  . MET B 1 24 ? 5.554   -0.919  1.569   1.00 49.13 ? 24   MET B CE  1 
ATOM   835  N N   . LEU B 1 25 ? 10.662  -4.453  -0.400  1.00 43.18 ? 25   LEU B N   1 
ATOM   836  C CA  . LEU B 1 25 ? 12.053  -4.605  0.012   1.00 42.35 ? 25   LEU B CA  1 
ATOM   837  C C   . LEU B 1 25 ? 12.310  -3.622  1.148   1.00 42.37 ? 25   LEU B C   1 
ATOM   838  O O   . LEU B 1 25 ? 11.656  -2.591  1.247   1.00 41.87 ? 25   LEU B O   1 
ATOM   839  C CB  . LEU B 1 25 ? 12.996  -4.307  -1.161  1.00 41.05 ? 25   LEU B CB  1 
ATOM   840  C CG  . LEU B 1 25 ? 12.721  -5.024  -2.490  1.00 40.41 ? 25   LEU B CG  1 
ATOM   841  C CD1 . LEU B 1 25 ? 13.750  -4.599  -3.531  1.00 39.57 ? 25   LEU B CD1 1 
ATOM   842  C CD2 . LEU B 1 25 ? 12.723  -6.532  -2.309  1.00 38.83 ? 25   LEU B CD2 1 
ATOM   843  N N   . PRO B 1 26 ? 13.247  -3.950  2.047   1.00 42.71 ? 26   PRO B N   1 
ATOM   844  C CA  . PRO B 1 26 ? 13.570  -3.073  3.176   1.00 43.77 ? 26   PRO B CA  1 
ATOM   845  C C   . PRO B 1 26 ? 13.998  -1.641  2.830   1.00 44.98 ? 26   PRO B C   1 
ATOM   846  O O   . PRO B 1 26 ? 13.908  -0.754  3.672   1.00 46.65 ? 26   PRO B O   1 
ATOM   847  C CB  . PRO B 1 26 ? 14.662  -3.846  3.920   1.00 41.62 ? 26   PRO B CB  1 
ATOM   848  C CG  . PRO B 1 26 ? 15.198  -4.787  2.902   1.00 41.74 ? 26   PRO B CG  1 
ATOM   849  C CD  . PRO B 1 26 ? 13.997  -5.211  2.140   1.00 41.79 ? 26   PRO B CD  1 
ATOM   850  N N   . GLU B 1 27 ? 14.461  -1.405  1.608   1.00 44.63 ? 27   GLU B N   1 
ATOM   851  C CA  . GLU B 1 27 ? 14.864  -0.062  1.223   1.00 44.69 ? 27   GLU B CA  1 
ATOM   852  C C   . GLU B 1 27 ? 13.643  0.733   0.823   1.00 43.95 ? 27   GLU B C   1 
ATOM   853  O O   . GLU B 1 27 ? 13.615  1.954   0.951   1.00 45.88 ? 27   GLU B O   1 
ATOM   854  C CB  . GLU B 1 27 ? 15.833  -0.080  0.043   1.00 47.88 ? 27   GLU B CB  1 
ATOM   855  C CG  . GLU B 1 27 ? 16.953  -1.093  0.151   1.00 54.53 ? 27   GLU B CG  1 
ATOM   856  C CD  . GLU B 1 27 ? 16.515  -2.473  -0.301  1.00 58.45 ? 27   GLU B CD  1 
ATOM   857  O OE1 . GLU B 1 27 ? 16.183  -2.623  -1.506  1.00 60.21 ? 27   GLU B OE1 1 
ATOM   858  O OE2 . GLU B 1 27 ? 16.504  -3.396  0.550   1.00 59.96 ? 27   GLU B OE2 1 
ATOM   859  N N   . GLU B 1 28 ? 12.631  0.040   0.319   1.00 43.26 ? 28   GLU B N   1 
ATOM   860  C CA  . GLU B 1 28 ? 11.412  0.696   -0.126  1.00 43.56 ? 28   GLU B CA  1 
ATOM   861  C C   . GLU B 1 28 ? 10.544  1.148   1.032   1.00 43.92 ? 28   GLU B C   1 
ATOM   862  O O   . GLU B 1 28 ? 9.575   1.872   0.834   1.00 44.93 ? 28   GLU B O   1 
ATOM   863  C CB  . GLU B 1 28 ? 10.612  -0.253  -1.011  1.00 43.80 ? 28   GLU B CB  1 
ATOM   864  C CG  . GLU B 1 28 ? 11.380  -0.827  -2.196  1.00 42.22 ? 28   GLU B CG  1 
ATOM   865  C CD  . GLU B 1 28 ? 10.560  -1.825  -2.978  1.00 41.60 ? 28   GLU B CD  1 
ATOM   866  O OE1 . GLU B 1 28 ? 9.905   -2.681  -2.340  1.00 40.19 ? 28   GLU B OE1 1 
ATOM   867  O OE2 . GLU B 1 28 ? 10.567  -1.745  -4.226  1.00 42.71 ? 28   GLU B OE2 1 
ATOM   868  N N   . VAL B 1 29 ? 10.928  0.749   2.240   1.00 44.29 ? 29   VAL B N   1 
ATOM   869  C CA  . VAL B 1 29 ? 10.178  1.046   3.455   1.00 44.85 ? 29   VAL B CA  1 
ATOM   870  C C   . VAL B 1 29 ? 10.884  1.994   4.441   1.00 46.95 ? 29   VAL B C   1 
ATOM   871  O O   . VAL B 1 29 ? 10.234  2.629   5.270   1.00 47.72 ? 29   VAL B O   1 
ATOM   872  C CB  . VAL B 1 29 ? 9.810   -0.288  4.143   1.00 42.86 ? 29   VAL B CB  1 
ATOM   873  C CG1 . VAL B 1 29 ? 9.068   -0.067  5.433   1.00 44.68 ? 29   VAL B CG1 1 
ATOM   874  C CG2 . VAL B 1 29 ? 8.977   -1.114  3.204   1.00 42.16 ? 29   VAL B CG2 1 
ATOM   875  N N   . GLU B 1 30 ? 12.205  2.102   4.329   1.00 49.27 ? 30   GLU B N   1 
ATOM   876  C CA  . GLU B 1 30 ? 13.020  2.961   5.199   1.00 51.60 ? 30   GLU B CA  1 
ATOM   877  C C   . GLU B 1 30 ? 12.454  4.361   5.420   1.00 51.21 ? 30   GLU B C   1 
ATOM   878  O O   . GLU B 1 30 ? 12.239  4.794   6.549   1.00 51.03 ? 30   GLU B O   1 
ATOM   879  C CB  . GLU B 1 30 ? 14.412  3.159   4.601   1.00 55.43 ? 30   GLU B CB  1 
ATOM   880  C CG  . GLU B 1 30 ? 15.316  1.948   4.539   1.00 59.31 ? 30   GLU B CG  1 
ATOM   881  C CD  . GLU B 1 30 ? 16.709  2.297   4.008   1.00 60.82 ? 30   GLU B CD  1 
ATOM   882  O OE1 . GLU B 1 30 ? 16.893  2.358   2.772   1.00 61.37 ? 30   GLU B OE1 1 
ATOM   883  O OE2 . GLU B 1 30 ? 17.622  2.517   4.832   1.00 62.83 ? 30   GLU B OE2 1 
ATOM   884  N N   . GLU B 1 31 ? 12.274  5.078   4.318   1.00 52.16 ? 31   GLU B N   1 
ATOM   885  C CA  . GLU B 1 31 ? 11.769  6.443   4.330   1.00 54.87 ? 31   GLU B CA  1 
ATOM   886  C C   . GLU B 1 31 ? 10.511  6.711   5.180   1.00 54.89 ? 31   GLU B C   1 
ATOM   887  O O   . GLU B 1 31 ? 10.543  7.531   6.099   1.00 56.37 ? 31   GLU B O   1 
ATOM   888  C CB  . GLU B 1 31 ? 11.572  6.923   2.882   1.00 56.07 ? 31   GLU B CB  1 
ATOM   889  C CG  . GLU B 1 31 ? 11.252  8.403   2.737   1.00 60.89 ? 31   GLU B CG  1 
ATOM   890  C CD  . GLU B 1 31 ? 12.351  9.328   3.257   1.00 63.50 ? 31   GLU B CD  1 
ATOM   891  O OE1 . GLU B 1 31 ? 13.556  9.000   3.106   1.00 63.97 ? 31   GLU B OE1 1 
ATOM   892  O OE2 . GLU B 1 31 ? 11.997  10.401  3.796   1.00 63.75 ? 31   GLU B OE2 1 
ATOM   893  N N   . VAL B 1 32 ? 9.414   6.018   4.883   1.00 53.65 ? 32   VAL B N   1 
ATOM   894  C CA  . VAL B 1 32 ? 8.159   6.212   5.611   1.00 51.10 ? 32   VAL B CA  1 
ATOM   895  C C   . VAL B 1 32 ? 8.254   5.841   7.091   1.00 49.37 ? 32   VAL B C   1 
ATOM   896  O O   . VAL B 1 32 ? 7.794   6.582   7.952   1.00 49.81 ? 32   VAL B O   1 
ATOM   897  C CB  . VAL B 1 32 ? 7.012   5.398   4.959   1.00 51.01 ? 32   VAL B CB  1 
ATOM   898  C CG1 . VAL B 1 32 ? 5.719   5.555   5.737   1.00 50.24 ? 32   VAL B CG1 1 
ATOM   899  C CG2 . VAL B 1 32 ? 6.811   5.855   3.533   1.00 51.85 ? 32   VAL B CG2 1 
ATOM   900  N N   . ILE B 1 33 ? 8.902   4.719   7.378   1.00 48.91 ? 33   ILE B N   1 
ATOM   901  C CA  . ILE B 1 33 ? 9.038   4.205   8.741   1.00 49.03 ? 33   ILE B CA  1 
ATOM   902  C C   . ILE B 1 33 ? 10.167  4.790   9.601   1.00 50.47 ? 33   ILE B C   1 
ATOM   903  O O   . ILE B 1 33 ? 10.048  4.871   10.832  1.00 48.66 ? 33   ILE B O   1 
ATOM   904  C CB  . ILE B 1 33 ? 9.152   2.658   8.689   1.00 47.24 ? 33   ILE B CB  1 
ATOM   905  C CG1 . ILE B 1 33 ? 7.957   2.086   7.921   1.00 44.20 ? 33   ILE B CG1 1 
ATOM   906  C CG2 . ILE B 1 33 ? 9.187   2.058   10.086  1.00 45.48 ? 33   ILE B CG2 1 
ATOM   907  C CD1 . ILE B 1 33 ? 6.625   2.465   8.511   1.00 44.41 ? 33   ILE B CD1 1 
ATOM   908  N N   . GLY B 1 34 ? 11.242  5.233   8.953   1.00 51.93 ? 34   GLY B N   1 
ATOM   909  C CA  . GLY B 1 34 ? 12.373  5.777   9.688   1.00 53.53 ? 34   GLY B CA  1 
ATOM   910  C C   . GLY B 1 34 ? 13.225  4.636   10.220  1.00 54.88 ? 34   GLY B C   1 
ATOM   911  O O   . GLY B 1 34 ? 14.092  4.808   11.083  1.00 55.09 ? 34   GLY B O   1 
ATOM   912  N N   . ASN B 1 35 ? 12.972  3.454   9.672   1.00 56.77 ? 35   ASN B N   1 
ATOM   913  C CA  . ASN B 1 35 ? 13.677  2.248   10.056  1.00 57.53 ? 35   ASN B CA  1 
ATOM   914  C C   . ASN B 1 35 ? 13.650  1.235   8.926   1.00 57.02 ? 35   ASN B C   1 
ATOM   915  O O   . ASN B 1 35 ? 12.631  1.044   8.255   1.00 57.58 ? 35   ASN B O   1 
ATOM   916  C CB  . ASN B 1 35 ? 13.063  1.646   11.326  1.00 59.76 ? 35   ASN B CB  1 
ATOM   917  C CG  . ASN B 1 35 ? 13.594  2.294   12.591  1.00 61.91 ? 35   ASN B CG  1 
ATOM   918  O OD1 . ASN B 1 35 ? 14.730  2.037   12.995  1.00 62.52 ? 35   ASN B OD1 1 
ATOM   919  N ND2 . ASN B 1 35 ? 12.784  3.156   13.209  1.00 62.89 ? 35   ASN B ND2 1 
ATOM   920  N N   . LYS B 1 36 ? 14.812  0.648   8.683   1.00 55.66 ? 36   LYS B N   1 
ATOM   921  C CA  . LYS B 1 36 ? 14.992  -0.359  7.660   1.00 53.80 ? 36   LYS B CA  1 
ATOM   922  C C   . LYS B 1 36 ? 14.920  -1.696  8.374   1.00 54.14 ? 36   LYS B C   1 
ATOM   923  O O   . LYS B 1 36 ? 15.551  -1.870  9.413   1.00 54.66 ? 36   LYS B O   1 
ATOM   924  C CB  . LYS B 1 36 ? 16.371  -0.179  7.029   1.00 52.84 ? 36   LYS B CB  1 
ATOM   925  C CG  . LYS B 1 36 ? 16.752  -1.203  5.975   1.00 50.57 ? 36   LYS B CG  1 
ATOM   926  C CD  . LYS B 1 36 ? 18.071  -0.806  5.315   1.00 49.58 ? 36   LYS B CD  1 
ATOM   927  C CE  . LYS B 1 36 ? 18.403  -1.681  4.122   1.00 48.60 ? 36   LYS B CE  1 
ATOM   928  N NZ  . LYS B 1 36 ? 19.542  -1.124  3.348   1.00 45.97 ? 36   LYS B NZ  1 
ATOM   929  N N   . PRO B 1 37 ? 14.071  -2.617  7.892   1.00 54.80 ? 37   PRO B N   1 
ATOM   930  C CA  . PRO B 1 37 ? 13.919  -3.950  8.495   1.00 55.77 ? 37   PRO B CA  1 
ATOM   931  C C   . PRO B 1 37 ? 15.008  -4.930  8.027   1.00 56.84 ? 37   PRO B C   1 
ATOM   932  O O   . PRO B 1 37 ? 15.679  -4.691  7.022   1.00 56.20 ? 37   PRO B O   1 
ATOM   933  C CB  . PRO B 1 37 ? 12.537  -4.381  8.010   1.00 55.26 ? 37   PRO B CB  1 
ATOM   934  C CG  . PRO B 1 37 ? 12.481  -3.786  6.642   1.00 55.03 ? 37   PRO B CG  1 
ATOM   935  C CD  . PRO B 1 37 ? 13.060  -2.395  6.843   1.00 54.99 ? 37   PRO B CD  1 
ATOM   936  N N   . GLU B 1 38 ? 15.170  -6.034  8.748   1.00 58.02 ? 38   GLU B N   1 
ATOM   937  C CA  . GLU B 1 38 ? 16.185  -7.011  8.382   1.00 59.51 ? 38   GLU B CA  1 
ATOM   938  C C   . GLU B 1 38 ? 15.768  -7.888  7.205   1.00 58.06 ? 38   GLU B C   1 
ATOM   939  O O   . GLU B 1 38 ? 16.607  -8.322  6.422   1.00 58.39 ? 38   GLU B O   1 
ATOM   940  C CB  . GLU B 1 38 ? 16.571  -7.863  9.600   1.00 62.63 ? 38   GLU B CB  1 
ATOM   941  C CG  . GLU B 1 38 ? 17.335  -7.088  10.689  1.00 66.34 ? 38   GLU B CG  1 
ATOM   942  C CD  . GLU B 1 38 ? 17.514  -7.885  11.980  1.00 70.65 ? 38   GLU B CD  1 
ATOM   943  O OE1 . GLU B 1 38 ? 16.552  -7.969  12.781  1.00 72.10 ? 38   GLU B OE1 1 
ATOM   944  O OE2 . GLU B 1 38 ? 18.623  -8.427  12.197  1.00 73.30 ? 38   GLU B OE2 1 
ATOM   945  N N   . SER B 1 39 ? 14.464  -8.084  7.045   1.00 56.54 ? 39   SER B N   1 
ATOM   946  C CA  . SER B 1 39 ? 13.952  -8.927  5.970   1.00 55.36 ? 39   SER B CA  1 
ATOM   947  C C   . SER B 1 39 ? 13.052  -8.158  5.018   1.00 53.00 ? 39   SER B C   1 
ATOM   948  O O   . SER B 1 39 ? 13.057  -6.929  4.976   1.00 52.84 ? 39   SER B O   1 
ATOM   949  C CB  . SER B 1 39 ? 13.120  -10.071 6.568   1.00 57.46 ? 39   SER B CB  1 
ATOM   950  O OG  . SER B 1 39 ? 13.821  -10.765 7.580   1.00 61.90 ? 39   SER B OG  1 
ATOM   951  N N   . ASP B 1 40 ? 12.314  -8.918  4.218   1.00 50.94 ? 40   ASP B N   1 
ATOM   952  C CA  . ASP B 1 40 ? 11.341  -8.351  3.306   1.00 48.63 ? 40   ASP B CA  1 
ATOM   953  C C   . ASP B 1 40 ? 10.092  -8.255  4.161   1.00 47.09 ? 40   ASP B C   1 
ATOM   954  O O   . ASP B 1 40 ? 9.892   -9.077  5.062   1.00 46.59 ? 40   ASP B O   1 
ATOM   955  C CB  . ASP B 1 40 ? 11.062  -9.301  2.139   1.00 47.86 ? 40   ASP B CB  1 
ATOM   956  C CG  . ASP B 1 40 ? 12.096  -9.199  1.035   1.00 47.19 ? 40   ASP B CG  1 
ATOM   957  O OD1 . ASP B 1 40 ? 12.875  -8.218  1.008   1.00 44.74 ? 40   ASP B OD1 1 
ATOM   958  O OD2 . ASP B 1 40 ? 12.107  -10.107 0.176   1.00 47.74 ? 40   ASP B OD2 1 
ATOM   959  N N   . ILE B 1 41 ? 9.282   -7.232  3.926   1.00 46.08 ? 41   ILE B N   1 
ATOM   960  C CA  . ILE B 1 41 ? 8.062   -7.095  4.692   1.00 46.07 ? 41   ILE B CA  1 
ATOM   961  C C   . ILE B 1 41 ? 6.834   -7.227  3.820   1.00 45.78 ? 41   ILE B C   1 
ATOM   962  O O   . ILE B 1 41 ? 6.884   -7.034  2.603   1.00 45.84 ? 41   ILE B O   1 
ATOM   963  C CB  . ILE B 1 41 ? 7.987   -5.759  5.491   1.00 46.29 ? 41   ILE B CB  1 
ATOM   964  C CG1 . ILE B 1 41 ? 8.190   -4.556  4.570   1.00 46.37 ? 41   ILE B CG1 1 
ATOM   965  C CG2 . ILE B 1 41 ? 8.967   -5.779  6.678   1.00 46.21 ? 41   ILE B CG2 1 
ATOM   966  C CD1 . ILE B 1 41 ? 6.961   -4.142  3.805   1.00 45.16 ? 41   ILE B CD1 1 
ATOM   967  N N   . LEU B 1 42 ? 5.743   -7.605  4.469   1.00 45.16 ? 42   LEU B N   1 
ATOM   968  C CA  . LEU B 1 42 ? 4.454   -7.740  3.824   1.00 44.50 ? 42   LEU B CA  1 
ATOM   969  C C   . LEU B 1 42 ? 3.599   -6.610  4.377   1.00 44.01 ? 42   LEU B C   1 
ATOM   970  O O   . LEU B 1 42 ? 3.658   -6.297  5.564   1.00 43.78 ? 42   LEU B O   1 
ATOM   971  C CB  . LEU B 1 42 ? 3.811   -9.090  4.154   1.00 44.32 ? 42   LEU B CB  1 
ATOM   972  C CG  . LEU B 1 42 ? 4.369   -10.327 3.454   1.00 45.38 ? 42   LEU B CG  1 
ATOM   973  C CD1 . LEU B 1 42 ? 3.553   -11.547 3.851   1.00 44.60 ? 42   LEU B CD1 1 
ATOM   974  C CD2 . LEU B 1 42 ? 4.302   -10.122 1.949   1.00 47.57 ? 42   LEU B CD2 1 
ATOM   975  N N   . VAL B 1 43 ? 2.851   -5.955  3.502   1.00 44.05 ? 43   VAL B N   1 
ATOM   976  C CA  . VAL B 1 43 ? 1.982   -4.866  3.918   1.00 42.67 ? 43   VAL B CA  1 
ATOM   977  C C   . VAL B 1 43 ? 0.541   -5.344  3.829   1.00 42.92 ? 43   VAL B C   1 
ATOM   978  O O   . VAL B 1 43 ? 0.039   -5.673  2.753   1.00 43.15 ? 43   VAL B O   1 
ATOM   979  C CB  . VAL B 1 43 ? 2.169   -3.623  3.029   1.00 42.88 ? 43   VAL B CB  1 
ATOM   980  C CG1 . VAL B 1 43 ? 1.437   -2.439  3.623   1.00 40.35 ? 43   VAL B CG1 1 
ATOM   981  C CG2 . VAL B 1 43 ? 3.637   -3.310  2.879   1.00 43.03 ? 43   VAL B CG2 1 
ATOM   982  N N   . HIS B 1 44 ? -0.089  -5.443  4.992   1.00 41.71 ? 44   HIS B N   1 
ATOM   983  C CA  . HIS B 1 44 ? -1.475  -5.864  5.100   1.00 40.78 ? 44   HIS B CA  1 
ATOM   984  C C   . HIS B 1 44 ? -2.209  -4.559  5.365   1.00 40.76 ? 44   HIS B C   1 
ATOM   985  O O   . HIS B 1 44 ? -1.879  -3.847  6.302   1.00 42.07 ? 44   HIS B O   1 
ATOM   986  C CB  . HIS B 1 44 ? -1.617  -6.821  6.279   1.00 41.69 ? 44   HIS B CB  1 
ATOM   987  C CG  . HIS B 1 44 ? -0.614  -7.933  6.268   1.00 42.49 ? 44   HIS B CG  1 
ATOM   988  N ND1 . HIS B 1 44 ? -0.907  -9.195  5.795   1.00 42.22 ? 44   HIS B ND1 1 
ATOM   989  C CD2 . HIS B 1 44 ? 0.698   -7.960  6.612   1.00 42.96 ? 44   HIS B CD2 1 
ATOM   990  C CE1 . HIS B 1 44 ? 0.179   -9.947  5.850   1.00 43.34 ? 44   HIS B CE1 1 
ATOM   991  N NE2 . HIS B 1 44 ? 1.166   -9.218  6.340   1.00 43.34 ? 44   HIS B NE2 1 
ATOM   992  N N   . THR B 1 45 ? -3.188  -4.233  4.535   1.00 40.36 ? 45   THR B N   1 
ATOM   993  C CA  . THR B 1 45 ? -3.902  -2.977  4.696   1.00 40.73 ? 45   THR B CA  1 
ATOM   994  C C   . THR B 1 45 ? -5.347  -3.112  5.209   1.00 40.25 ? 45   THR B C   1 
ATOM   995  O O   . THR B 1 45 ? -5.912  -4.201  5.224   1.00 41.61 ? 45   THR B O   1 
ATOM   996  C CB  . THR B 1 45 ? -3.843  -2.187  3.370   1.00 40.94 ? 45   THR B CB  1 
ATOM   997  O OG1 . THR B 1 45 ? -4.294  -0.848  3.578   1.00 46.04 ? 45   THR B OG1 1 
ATOM   998  C CG2 . THR B 1 45 ? -4.693  -2.864  2.313   1.00 42.86 ? 45   THR B CG2 1 
ATOM   999  N N   . ALA B 1 46 ? -5.917  -1.999  5.662   1.00 38.91 ? 46   ALA B N   1 
ATOM   1000 C CA  . ALA B 1 46 ? -7.280  -1.951  6.182   1.00 39.30 ? 46   ALA B CA  1 
ATOM   1001 C C   . ALA B 1 46 ? -7.741  -0.507  6.290   1.00 41.07 ? 46   ALA B C   1 
ATOM   1002 O O   . ALA B 1 46 ? -6.972  0.427   6.036   1.00 40.33 ? 46   ALA B O   1 
ATOM   1003 C CB  . ALA B 1 46 ? -7.365  -2.623  7.526   1.00 39.46 ? 46   ALA B CB  1 
ATOM   1004 N N   . TYR B 1 47 ? -8.993  -0.319  6.692   1.00 43.73 ? 47   TYR B N   1 
ATOM   1005 C CA  . TYR B 1 47 ? -9.564  1.021   6.780   1.00 45.77 ? 47   TYR B CA  1 
ATOM   1006 C C   . TYR B 1 47 ? -10.603 1.154   7.880   1.00 48.43 ? 47   TYR B C   1 
ATOM   1007 O O   . TYR B 1 47 ? -11.544 0.372   7.937   1.00 49.59 ? 47   TYR B O   1 
ATOM   1008 C CB  . TYR B 1 47 ? -10.239 1.358   5.453   1.00 45.40 ? 47   TYR B CB  1 
ATOM   1009 C CG  . TYR B 1 47 ? -10.669 2.792   5.338   1.00 47.56 ? 47   TYR B CG  1 
ATOM   1010 C CD1 . TYR B 1 47 ? -9.740  3.781   5.039   1.00 48.74 ? 47   TYR B CD1 1 
ATOM   1011 C CD2 . TYR B 1 47 ? -11.998 3.168   5.541   1.00 49.18 ? 47   TYR B CD2 1 
ATOM   1012 C CE1 . TYR B 1 47 ? -10.110 5.108   4.944   1.00 48.61 ? 47   TYR B CE1 1 
ATOM   1013 C CE2 . TYR B 1 47 ? -12.382 4.504   5.448   1.00 48.62 ? 47   TYR B CE2 1 
ATOM   1014 C CZ  . TYR B 1 47 ? -11.421 5.463   5.150   1.00 49.60 ? 47   TYR B CZ  1 
ATOM   1015 O OH  . TYR B 1 47 ? -11.748 6.786   5.061   1.00 52.88 ? 47   TYR B OH  1 
ATOM   1016 N N   . ASP B 1 48 ? -10.455 2.164   8.735   1.00 51.74 ? 48   ASP B N   1 
ATOM   1017 C CA  . ASP B 1 48 ? -11.421 2.402   9.814   1.00 55.88 ? 48   ASP B CA  1 
ATOM   1018 C C   . ASP B 1 48 ? -12.406 3.479   9.368   1.00 58.52 ? 48   ASP B C   1 
ATOM   1019 O O   . ASP B 1 48 ? -12.008 4.564   8.958   1.00 59.39 ? 48   ASP B O   1 
ATOM   1020 C CB  . ASP B 1 48 ? -10.719 2.829   11.108  1.00 55.57 ? 48   ASP B CB  1 
ATOM   1021 C CG  . ASP B 1 48 ? -11.664 2.901   12.305  1.00 56.45 ? 48   ASP B CG  1 
ATOM   1022 O OD1 . ASP B 1 48 ? -12.888 2.712   12.146  1.00 57.20 ? 48   ASP B OD1 1 
ATOM   1023 O OD2 . ASP B 1 48 ? -11.174 3.159   13.421  1.00 57.43 ? 48   ASP B OD2 1 
ATOM   1024 N N   . GLU B 1 49 ? -13.693 3.165   9.474   1.00 61.40 ? 49   GLU B N   1 
ATOM   1025 C CA  . GLU B 1 49 ? -14.778 4.053   9.070   1.00 64.33 ? 49   GLU B CA  1 
ATOM   1026 C C   . GLU B 1 49 ? -15.193 5.077   10.125  1.00 63.35 ? 49   GLU B C   1 
ATOM   1027 O O   . GLU B 1 49 ? -15.551 6.213   9.795   1.00 62.50 ? 49   GLU B O   1 
ATOM   1028 C CB  . GLU B 1 49 ? -15.994 3.203   8.701   1.00 69.39 ? 49   GLU B CB  1 
ATOM   1029 C CG  . GLU B 1 49 ? -15.721 2.148   7.631   1.00 75.56 ? 49   GLU B CG  1 
ATOM   1030 C CD  . GLU B 1 49 ? -16.047 2.635   6.231   1.00 79.51 ? 49   GLU B CD  1 
ATOM   1031 O OE1 . GLU B 1 49 ? -16.888 3.557   6.101   1.00 82.23 ? 49   GLU B OE1 1 
ATOM   1032 O OE2 . GLU B 1 49 ? -15.479 2.079   5.261   1.00 80.91 ? 49   GLU B OE2 1 
ATOM   1033 N N   . SER B 1 50 ? -15.189 4.654   11.390  1.00 63.07 ? 50   SER B N   1 
ATOM   1034 C CA  . SER B 1 50 ? -15.582 5.524   12.500  1.00 63.67 ? 50   SER B CA  1 
ATOM   1035 C C   . SER B 1 50 ? -14.631 6.711   12.695  1.00 65.05 ? 50   SER B C   1 
ATOM   1036 O O   . SER B 1 50 ? -15.056 7.795   13.131  1.00 65.65 ? 50   SER B O   1 
ATOM   1037 C CB  . SER B 1 50 ? -15.751 4.713   13.802  1.00 62.45 ? 50   SER B CB  1 
ATOM   1038 O OG  . SER B 1 50 ? -14.630 3.892   14.072  1.00 59.90 ? 50   SER B OG  1 
ATOM   1039 N N   . THR B 1 51 ? -13.365 6.518   12.315  1.00 64.46 ? 51   THR B N   1 
ATOM   1040 C CA  . THR B 1 51 ? -12.340 7.559   12.438  1.00 62.62 ? 51   THR B CA  1 
ATOM   1041 C C   . THR B 1 51 ? -11.813 8.090   11.093  1.00 60.97 ? 51   THR B C   1 
ATOM   1042 O O   . THR B 1 51 ? -11.199 9.163   11.046  1.00 60.68 ? 51   THR B O   1 
ATOM   1043 C CB  . THR B 1 51 ? -11.122 7.069   13.260  1.00 62.32 ? 51   THR B CB  1 
ATOM   1044 O OG1 . THR B 1 51 ? -10.525 5.956   12.600  1.00 64.04 ? 51   THR B OG1 1 
ATOM   1045 C CG2 . THR B 1 51 ? -11.547 6.656   14.654  1.00 62.77 ? 51   THR B CG2 1 
ATOM   1046 N N   . ASP B 1 52 ? -12.039 7.334   10.016  1.00 57.73 ? 52   ASP B N   1 
ATOM   1047 C CA  . ASP B 1 52 ? -11.597 7.705   8.668   1.00 54.47 ? 52   ASP B CA  1 
ATOM   1048 C C   . ASP B 1 52 ? -10.068 7.584   8.556   1.00 50.27 ? 52   ASP B C   1 
ATOM   1049 O O   . ASP B 1 52 ? -9.382  8.483   8.057   1.00 47.15 ? 52   ASP B O   1 
ATOM   1050 C CB  . ASP B 1 52 ? -12.066 9.128   8.339   1.00 58.78 ? 52   ASP B CB  1 
ATOM   1051 C CG  . ASP B 1 52 ? -12.410 9.309   6.874   1.00 62.72 ? 52   ASP B CG  1 
ATOM   1052 O OD1 . ASP B 1 52 ? -13.478 8.802   6.461   1.00 64.83 ? 52   ASP B OD1 1 
ATOM   1053 O OD2 . ASP B 1 52 ? -11.629 9.971   6.145   1.00 64.04 ? 52   ASP B OD2 1 
ATOM   1054 N N   . GLU B 1 53 ? -9.555  6.425   8.969   1.00 46.44 ? 53   GLU B N   1 
ATOM   1055 C CA  . GLU B 1 53 ? -8.119  6.170   8.967   1.00 45.09 ? 53   GLU B CA  1 
ATOM   1056 C C   . GLU B 1 53 ? -7.651  4.932   8.208   1.00 42.50 ? 53   GLU B C   1 
ATOM   1057 O O   . GLU B 1 53 ? -8.245  3.858   8.308   1.00 40.56 ? 53   GLU B O   1 
ATOM   1058 C CB  . GLU B 1 53 ? -7.614  6.064   10.412  1.00 45.47 ? 53   GLU B CB  1 
ATOM   1059 C CG  . GLU B 1 53 ? -7.757  7.344   11.242  1.00 46.99 ? 53   GLU B CG  1 
ATOM   1060 C CD  . GLU B 1 53 ? -7.456  7.133   12.721  1.00 47.75 ? 53   GLU B CD  1 
ATOM   1061 O OE1 . GLU B 1 53 ? -7.942  6.139   13.302  1.00 49.10 ? 53   GLU B OE1 1 
ATOM   1062 O OE2 . GLU B 1 53 ? -6.725  7.960   13.306  1.00 47.99 ? 53   GLU B OE2 1 
ATOM   1063 N N   . ASN B 1 54 ? -6.555  5.095   7.471   1.00 39.61 ? 54   ASN B N   1 
ATOM   1064 C CA  . ASN B 1 54 ? -5.936  4.001   6.730   1.00 39.13 ? 54   ASN B CA  1 
ATOM   1065 C C   . ASN B 1 54 ? -5.008  3.308   7.728   1.00 38.12 ? 54   ASN B C   1 
ATOM   1066 O O   . ASN B 1 54 ? -4.194  3.954   8.386   1.00 37.19 ? 54   ASN B O   1 
ATOM   1067 C CB  . ASN B 1 54 ? -5.109  4.528   5.540   1.00 38.89 ? 54   ASN B CB  1 
ATOM   1068 C CG  . ASN B 1 54 ? -5.960  4.838   4.307   1.00 39.96 ? 54   ASN B CG  1 
ATOM   1069 O OD1 . ASN B 1 54 ? -6.545  3.934   3.698   1.00 39.12 ? 54   ASN B OD1 1 
ATOM   1070 N ND2 . ASN B 1 54 ? -6.000  6.108   3.913   1.00 40.53 ? 54   ASN B ND2 1 
ATOM   1071 N N   . VAL B 1 55 ? -5.165  2.003   7.885   1.00 36.29 ? 55   VAL B N   1 
ATOM   1072 C CA  . VAL B 1 55 ? -4.340  1.257   8.808   1.00 34.89 ? 55   VAL B CA  1 
ATOM   1073 C C   . VAL B 1 55 ? -3.419  0.348   8.017   1.00 36.78 ? 55   VAL B C   1 
ATOM   1074 O O   . VAL B 1 55 ? -3.840  -0.282  7.054   1.00 37.22 ? 55   VAL B O   1 
ATOM   1075 C CB  . VAL B 1 55 ? -5.201  0.427   9.774   1.00 35.13 ? 55   VAL B CB  1 
ATOM   1076 C CG1 . VAL B 1 55 ? -4.315  -0.332  10.745  1.00 33.59 ? 55   VAL B CG1 1 
ATOM   1077 C CG2 . VAL B 1 55 ? -6.159  1.350   10.536  1.00 34.55 ? 55   VAL B CG2 1 
ATOM   1078 N N   . MET B 1 56 ? -2.150  0.312   8.414   1.00 37.20 ? 56   MET B N   1 
ATOM   1079 C CA  . MET B 1 56 ? -1.142  -0.510  7.748   1.00 37.44 ? 56   MET B CA  1 
ATOM   1080 C C   . MET B 1 56 ? -0.315  -1.319  8.748   1.00 37.97 ? 56   MET B C   1 
ATOM   1081 O O   . MET B 1 56 ? 0.319   -0.754  9.643   1.00 37.68 ? 56   MET B O   1 
ATOM   1082 C CB  . MET B 1 56 ? -0.222  0.360   6.880   1.00 38.25 ? 56   MET B CB  1 
ATOM   1083 C CG  . MET B 1 56 ? -0.886  0.919   5.630   1.00 41.57 ? 56   MET B CG  1 
ATOM   1084 S SD  . MET B 1 56 ? 0.032   2.311   4.944   1.00 44.67 ? 56   MET B SD  1 
ATOM   1085 C CE  . MET B 1 56 ? -1.008  3.668   5.511   1.00 42.16 ? 56   MET B CE  1 
ATOM   1086 N N   . LEU B 1 57 ? -0.375  -2.643  8.618   1.00 37.74 ? 57   LEU B N   1 
ATOM   1087 C CA  . LEU B 1 57 ? 0.370   -3.550  9.482   1.00 37.89 ? 57   LEU B CA  1 
ATOM   1088 C C   . LEU B 1 57 ? 1.535   -4.165  8.712   1.00 37.51 ? 57   LEU B C   1 
ATOM   1089 O O   . LEU B 1 57 ? 1.327   -4.909  7.754   1.00 39.75 ? 57   LEU B O   1 
ATOM   1090 C CB  . LEU B 1 57 ? -0.547  -4.673  10.016  1.00 37.14 ? 57   LEU B CB  1 
ATOM   1091 C CG  . LEU B 1 57 ? 0.103   -5.760  10.888  1.00 38.28 ? 57   LEU B CG  1 
ATOM   1092 C CD1 . LEU B 1 57 ? 0.631   -5.133  12.180  1.00 37.57 ? 57   LEU B CD1 1 
ATOM   1093 C CD2 . LEU B 1 57 ? -0.892  -6.872  11.208  1.00 36.69 ? 57   LEU B CD2 1 
ATOM   1094 N N   . LEU B 1 58 ? 2.753   -3.800  9.099   1.00 37.03 ? 58   LEU B N   1 
ATOM   1095 C CA  . LEU B 1 58 ? 3.959   -4.326  8.473   1.00 37.64 ? 58   LEU B CA  1 
ATOM   1096 C C   . LEU B 1 58 ? 4.442   -5.527  9.282   1.00 40.77 ? 58   LEU B C   1 
ATOM   1097 O O   . LEU B 1 58 ? 4.530   -5.460  10.500  1.00 41.78 ? 58   LEU B O   1 
ATOM   1098 C CB  . LEU B 1 58 ? 5.060   -3.262  8.443   1.00 35.53 ? 58   LEU B CB  1 
ATOM   1099 C CG  . LEU B 1 58 ? 5.008   -2.074  7.483   1.00 33.30 ? 58   LEU B CG  1 
ATOM   1100 C CD1 . LEU B 1 58 ? 5.065   -2.591  6.085   1.00 35.20 ? 58   LEU B CD1 1 
ATOM   1101 C CD2 . LEU B 1 58 ? 3.772   -1.222  7.682   1.00 32.09 ? 58   LEU B CD2 1 
ATOM   1102 N N   . THR B 1 59 ? 4.711   -6.633  8.599   1.00 45.12 ? 59   THR B N   1 
ATOM   1103 C CA  . THR B 1 59 ? 5.196   -7.867  9.225   1.00 49.11 ? 59   THR B CA  1 
ATOM   1104 C C   . THR B 1 59 ? 6.296   -8.453  8.337   1.00 51.51 ? 59   THR B C   1 
ATOM   1105 O O   . THR B 1 59 ? 6.625   -7.898  7.293   1.00 51.45 ? 59   THR B O   1 
ATOM   1106 C CB  . THR B 1 59 ? 4.076   -8.940  9.323   1.00 50.60 ? 59   THR B CB  1 
ATOM   1107 O OG1 . THR B 1 59 ? 3.739   -9.402  8.001   1.00 50.46 ? 59   THR B OG1 1 
ATOM   1108 C CG2 . THR B 1 59 ? 2.821   -8.381  9.993   1.00 49.31 ? 59   THR B CG2 1 
ATOM   1109 N N   . SER B 1 60 ? 6.856   -9.582  8.755   1.00 54.75 ? 60   SER B N   1 
ATOM   1110 C CA  . SER B 1 60 ? 7.872   -10.274 7.966   1.00 57.60 ? 60   SER B CA  1 
ATOM   1111 C C   . SER B 1 60 ? 7.119   -11.164 6.958   1.00 59.83 ? 60   SER B C   1 
ATOM   1112 O O   . SER B 1 60 ? 5.894   -11.316 7.052   1.00 60.21 ? 60   SER B O   1 
ATOM   1113 C CB  . SER B 1 60 ? 8.746   -11.147 8.871   1.00 56.51 ? 60   SER B CB  1 
ATOM   1114 O OG  . SER B 1 60 ? 7.976   -12.149 9.506   1.00 57.43 ? 60   SER B OG  1 
ATOM   1115 N N   . ASP B 1 61 ? 7.834   -11.758 6.007   1.00 61.93 ? 61   ASP B N   1 
ATOM   1116 C CA  . ASP B 1 61 ? 7.183   -12.627 5.019   1.00 64.06 ? 61   ASP B CA  1 
ATOM   1117 C C   . ASP B 1 61 ? 6.830   -13.977 5.648   1.00 64.41 ? 61   ASP B C   1 
ATOM   1118 O O   . ASP B 1 61 ? 7.182   -14.241 6.800   1.00 64.05 ? 61   ASP B O   1 
ATOM   1119 C CB  . ASP B 1 61 ? 8.091   -12.821 3.792   1.00 65.20 ? 61   ASP B CB  1 
ATOM   1120 C CG  . ASP B 1 61 ? 7.310   -13.077 2.490   1.00 66.15 ? 61   ASP B CG  1 
ATOM   1121 O OD1 . ASP B 1 61 ? 6.117   -13.465 2.534   1.00 65.14 ? 61   ASP B OD1 1 
ATOM   1122 O OD2 . ASP B 1 61 ? 7.915   -12.888 1.410   1.00 65.26 ? 61   ASP B OD2 1 
ATOM   1123 N N   . ALA B 1 62 ? 6.126   -14.819 4.895   1.00 66.34 ? 62   ALA B N   1 
ATOM   1124 C CA  . ALA B 1 62 ? 5.747   -16.146 5.361   1.00 68.55 ? 62   ALA B CA  1 
ATOM   1125 C C   . ALA B 1 62 ? 7.015   -16.929 5.722   1.00 70.69 ? 62   ALA B C   1 
ATOM   1126 O O   . ALA B 1 62 ? 8.100   -16.656 5.200   1.00 70.84 ? 62   ALA B O   1 
ATOM   1127 C CB  . ALA B 1 62 ? 4.969   -16.872 4.277   1.00 68.42 ? 62   ALA B CB  1 
ATOM   1128 N N   . PRO B 1 63 ? 6.902   -17.916 6.626   1.00 72.05 ? 63   PRO B N   1 
ATOM   1129 C CA  . PRO B 1 63 ? 5.703   -18.371 7.348   1.00 72.44 ? 63   PRO B CA  1 
ATOM   1130 C C   . PRO B 1 63 ? 5.414   -17.635 8.666   1.00 73.18 ? 63   PRO B C   1 
ATOM   1131 O O   . PRO B 1 63 ? 4.286   -17.677 9.171   1.00 73.13 ? 63   PRO B O   1 
ATOM   1132 C CB  . PRO B 1 63 ? 6.037   -19.828 7.622   1.00 72.56 ? 63   PRO B CB  1 
ATOM   1133 C CG  . PRO B 1 63 ? 7.502   -19.738 7.975   1.00 72.18 ? 63   PRO B CG  1 
ATOM   1134 C CD  . PRO B 1 63 ? 8.051   -18.795 6.916   1.00 72.04 ? 63   PRO B CD  1 
ATOM   1135 N N   . GLU B 1 64 ? 6.442   -16.985 9.214   1.00 72.72 ? 64   GLU B N   1 
ATOM   1136 C CA  . GLU B 1 64 ? 6.365   -16.264 10.483  1.00 71.20 ? 64   GLU B CA  1 
ATOM   1137 C C   . GLU B 1 64 ? 5.307   -15.181 10.637  1.00 69.63 ? 64   GLU B C   1 
ATOM   1138 O O   . GLU B 1 64 ? 4.474   -15.251 11.543  1.00 68.35 ? 64   GLU B O   1 
ATOM   1139 C CB  . GLU B 1 64 ? 7.728   -15.674 10.821  1.00 73.35 ? 64   GLU B CB  1 
ATOM   1140 C CG  . GLU B 1 64 ? 8.786   -16.729 11.091  1.00 78.51 ? 64   GLU B CG  1 
ATOM   1141 C CD  . GLU B 1 64 ? 10.121  -16.124 11.475  1.00 81.24 ? 64   GLU B CD  1 
ATOM   1142 O OE1 . GLU B 1 64 ? 10.225  -15.520 12.572  1.00 82.48 ? 64   GLU B OE1 1 
ATOM   1143 O OE2 . GLU B 1 64 ? 11.070  -16.260 10.676  1.00 82.94 ? 64   GLU B OE2 1 
ATOM   1144 N N   . TYR B 1 65 ? 5.360   -14.174 9.766   1.00 68.70 ? 65   TYR B N   1 
ATOM   1145 C CA  . TYR B 1 65 ? 4.435   -13.035 9.800   1.00 67.09 ? 65   TYR B CA  1 
ATOM   1146 C C   . TYR B 1 65 ? 4.584   -12.264 11.113  1.00 63.87 ? 65   TYR B C   1 
ATOM   1147 O O   . TYR B 1 65 ? 3.604   -11.756 11.669  1.00 64.25 ? 65   TYR B O   1 
ATOM   1148 C CB  . TYR B 1 65 ? 2.979   -13.479 9.634   1.00 70.24 ? 65   TYR B CB  1 
ATOM   1149 C CG  . TYR B 1 65 ? 2.687   -14.215 8.354   1.00 74.52 ? 65   TYR B CG  1 
ATOM   1150 C CD1 . TYR B 1 65 ? 2.805   -13.582 7.115   1.00 75.70 ? 65   TYR B CD1 1 
ATOM   1151 C CD2 . TYR B 1 65 ? 2.286   -15.544 8.377   1.00 76.05 ? 65   TYR B CD2 1 
ATOM   1152 C CE1 . TYR B 1 65 ? 2.531   -14.259 5.932   1.00 76.49 ? 65   TYR B CE1 1 
ATOM   1153 C CE2 . TYR B 1 65 ? 2.010   -16.232 7.199   1.00 77.19 ? 65   TYR B CE2 1 
ATOM   1154 C CZ  . TYR B 1 65 ? 2.137   -15.583 5.982   1.00 76.96 ? 65   TYR B CZ  1 
ATOM   1155 O OH  . TYR B 1 65 ? 1.880   -16.266 4.820   1.00 78.37 ? 65   TYR B OH  1 
ATOM   1156 N N   . LYS B 1 66 ? 5.810   -12.202 11.612  1.00 59.62 ? 66   LYS B N   1 
ATOM   1157 C CA  . LYS B 1 66 ? 6.092   -11.501 12.854  1.00 57.00 ? 66   LYS B CA  1 
ATOM   1158 C C   . LYS B 1 66 ? 5.937   -9.984  12.678  1.00 54.22 ? 66   LYS B C   1 
ATOM   1159 O O   . LYS B 1 66 ? 6.674   -9.368  11.902  1.00 53.84 ? 66   LYS B O   1 
ATOM   1160 C CB  . LYS B 1 66 ? 7.502   -11.850 13.319  1.00 57.29 ? 66   LYS B CB  1 
ATOM   1161 C CG  . LYS B 1 66 ? 7.962   -11.092 14.536  1.00 60.78 ? 66   LYS B CG  1 
ATOM   1162 C CD  . LYS B 1 66 ? 9.379   -11.482 14.909  1.00 64.49 ? 66   LYS B CD  1 
ATOM   1163 C CE  . LYS B 1 66 ? 9.922   -10.611 16.035  1.00 67.14 ? 66   LYS B CE  1 
ATOM   1164 N NZ  . LYS B 1 66 ? 9.030   -10.613 17.237  1.00 69.41 ? 66   LYS B NZ  1 
ATOM   1165 N N   . PRO B 1 67 ? 4.954   -9.374  13.376  1.00 50.93 ? 67   PRO B N   1 
ATOM   1166 C CA  . PRO B 1 67 ? 4.719   -7.927  13.284  1.00 48.40 ? 67   PRO B CA  1 
ATOM   1167 C C   . PRO B 1 67 ? 5.972   -7.091  13.565  1.00 45.31 ? 67   PRO B C   1 
ATOM   1168 O O   . PRO B 1 67 ? 6.737   -7.389  14.481  1.00 44.27 ? 67   PRO B O   1 
ATOM   1169 C CB  . PRO B 1 67 ? 3.600   -7.686  14.310  1.00 48.73 ? 67   PRO B CB  1 
ATOM   1170 C CG  . PRO B 1 67 ? 3.692   -8.847  15.234  1.00 50.54 ? 67   PRO B CG  1 
ATOM   1171 C CD  . PRO B 1 67 ? 3.976   -9.988  14.292  1.00 51.01 ? 67   PRO B CD  1 
ATOM   1172 N N   . TRP B 1 68 ? 6.162   -6.046  12.761  1.00 43.19 ? 68   TRP B N   1 
ATOM   1173 C CA  . TRP B 1 68 ? 7.324   -5.178  12.850  1.00 40.64 ? 68   TRP B CA  1 
ATOM   1174 C C   . TRP B 1 68 ? 6.977   -3.693  12.986  1.00 40.63 ? 68   TRP B C   1 
ATOM   1175 O O   . TRP B 1 68 ? 7.700   -2.973  13.659  1.00 42.70 ? 68   TRP B O   1 
ATOM   1176 C CB  . TRP B 1 68 ? 8.214   -5.412  11.617  1.00 40.78 ? 68   TRP B CB  1 
ATOM   1177 C CG  . TRP B 1 68 ? 9.355   -4.482  11.485  1.00 40.91 ? 68   TRP B CG  1 
ATOM   1178 C CD1 . TRP B 1 68 ? 10.430  -4.393  12.309  1.00 42.59 ? 68   TRP B CD1 1 
ATOM   1179 C CD2 . TRP B 1 68 ? 9.506   -3.449  10.504  1.00 42.45 ? 68   TRP B CD2 1 
ATOM   1180 N NE1 . TRP B 1 68 ? 11.239  -3.356  11.916  1.00 42.41 ? 68   TRP B NE1 1 
ATOM   1181 C CE2 . TRP B 1 68 ? 10.694  -2.757  10.810  1.00 42.33 ? 68   TRP B CE2 1 
ATOM   1182 C CE3 . TRP B 1 68 ? 8.746   -3.035  9.402   1.00 45.55 ? 68   TRP B CE3 1 
ATOM   1183 C CZ2 . TRP B 1 68 ? 11.145  -1.656  10.051  1.00 43.14 ? 68   TRP B CZ2 1 
ATOM   1184 C CZ3 . TRP B 1 68 ? 9.193   -1.942  8.647   1.00 45.88 ? 68   TRP B CZ3 1 
ATOM   1185 C CH2 . TRP B 1 68 ? 10.382  -1.267  8.978   1.00 43.06 ? 68   TRP B CH2 1 
ATOM   1186 N N   . ALA B 1 69 ? 5.881   -3.239  12.374  1.00 38.23 ? 69   ALA B N   1 
ATOM   1187 C CA  . ALA B 1 69 ? 5.478   -1.822  12.444  1.00 36.04 ? 69   ALA B CA  1 
ATOM   1188 C C   . ALA B 1 69 ? 3.987   -1.602  12.197  1.00 34.50 ? 69   ALA B C   1 
ATOM   1189 O O   . ALA B 1 69 ? 3.316   -2.460  11.639  1.00 35.58 ? 69   ALA B O   1 
ATOM   1190 C CB  . ALA B 1 69 ? 6.293   -0.983  11.451  1.00 33.53 ? 69   ALA B CB  1 
ATOM   1191 N N   . LEU B 1 70 ? 3.478   -0.442  12.607  1.00 33.12 ? 70   LEU B N   1 
ATOM   1192 C CA  . LEU B 1 70 ? 2.070   -0.104  12.423  1.00 32.47 ? 70   LEU B CA  1 
ATOM   1193 C C   . LEU B 1 70 ? 1.971   1.381   12.064  1.00 33.20 ? 70   LEU B C   1 
ATOM   1194 O O   . LEU B 1 70 ? 2.370   2.253   12.841  1.00 34.13 ? 70   LEU B O   1 
ATOM   1195 C CB  . LEU B 1 70 ? 1.274   -0.421  13.704  1.00 32.62 ? 70   LEU B CB  1 
ATOM   1196 C CG  . LEU B 1 70 ? -0.261  -0.539  13.810  1.00 32.46 ? 70   LEU B CG  1 
ATOM   1197 C CD1 . LEU B 1 70 ? -0.921  0.805   13.660  1.00 34.85 ? 70   LEU B CD1 1 
ATOM   1198 C CD2 . LEU B 1 70 ? -0.826  -1.540  12.816  1.00 31.46 ? 70   LEU B CD2 1 
ATOM   1199 N N   . VAL B 1 71 ? 1.515   1.648   10.845  1.00 33.67 ? 71   VAL B N   1 
ATOM   1200 C CA  . VAL B 1 71 ? 1.339   3.013   10.331  1.00 33.87 ? 71   VAL B CA  1 
ATOM   1201 C C   . VAL B 1 71 ? -0.155  3.334   10.254  1.00 34.64 ? 71   VAL B C   1 
ATOM   1202 O O   . VAL B 1 71 ? -0.949  2.486   9.860   1.00 35.96 ? 71   VAL B O   1 
ATOM   1203 C CB  . VAL B 1 71 ? 1.916   3.154   8.890   1.00 33.47 ? 71   VAL B CB  1 
ATOM   1204 C CG1 . VAL B 1 71 ? 1.887   4.614   8.425   1.00 30.53 ? 71   VAL B CG1 1 
ATOM   1205 C CG2 . VAL B 1 71 ? 3.318   2.593   8.816   1.00 33.19 ? 71   VAL B CG2 1 
ATOM   1206 N N   . ILE B 1 72 ? -0.545  4.529   10.686  1.00 34.51 ? 72   ILE B N   1 
ATOM   1207 C CA  . ILE B 1 72 ? -1.943  4.949   10.605  1.00 35.10 ? 72   ILE B CA  1 
ATOM   1208 C C   . ILE B 1 72 ? -1.917  6.301   9.929   1.00 34.56 ? 72   ILE B C   1 
ATOM   1209 O O   . ILE B 1 72 ? -1.187  7.196   10.343  1.00 37.90 ? 72   ILE B O   1 
ATOM   1210 C CB  . ILE B 1 72 ? -2.606  5.137   11.994  1.00 36.17 ? 72   ILE B CB  1 
ATOM   1211 C CG1 . ILE B 1 72 ? -2.660  3.818   12.751  1.00 36.35 ? 72   ILE B CG1 1 
ATOM   1212 C CG2 . ILE B 1 72 ? -4.023  5.687   11.831  1.00 36.76 ? 72   ILE B CG2 1 
ATOM   1213 C CD1 . ILE B 1 72 ? -3.105  3.973   14.171  1.00 37.91 ? 72   ILE B CD1 1 
ATOM   1214 N N   . GLN B 1 73 ? -2.690  6.440   8.869   1.00 33.71 ? 73   GLN B N   1 
ATOM   1215 C CA  . GLN B 1 73 ? -2.766  7.701   8.165   1.00 33.66 ? 73   GLN B CA  1 
ATOM   1216 C C   . GLN B 1 73 ? -4.176  8.264   8.339   1.00 35.75 ? 73   GLN B C   1 
ATOM   1217 O O   . GLN B 1 73 ? -5.170  7.587   8.048   1.00 34.48 ? 73   GLN B O   1 
ATOM   1218 C CB  . GLN B 1 73 ? -2.437  7.486   6.694   1.00 32.43 ? 73   GLN B CB  1 
ATOM   1219 C CG  . GLN B 1 73 ? -2.350  8.758   5.900   1.00 32.07 ? 73   GLN B CG  1 
ATOM   1220 C CD  . GLN B 1 73 ? -2.036  8.485   4.455   1.00 33.13 ? 73   GLN B CD  1 
ATOM   1221 O OE1 . GLN B 1 73 ? -2.920  8.503   3.595   1.00 34.93 ? 73   GLN B OE1 1 
ATOM   1222 N NE2 . GLN B 1 73 ? -0.774  8.211   4.176   1.00 32.62 ? 73   GLN B NE2 1 
ATOM   1223 N N   . ASP B 1 74 ? -4.266  9.482   8.870   1.00 37.42 ? 74   ASP B N   1 
ATOM   1224 C CA  . ASP B 1 74 ? -5.569  10.102  9.100   1.00 37.19 ? 74   ASP B CA  1 
ATOM   1225 C C   . ASP B 1 74 ? -6.142  10.740  7.842   1.00 37.78 ? 74   ASP B C   1 
ATOM   1226 O O   . ASP B 1 74 ? -5.554  10.653  6.769   1.00 37.61 ? 74   ASP B O   1 
ATOM   1227 C CB  . ASP B 1 74 ? -5.501  11.129  10.238  1.00 36.98 ? 74   ASP B CB  1 
ATOM   1228 C CG  . ASP B 1 74 ? -4.637  12.358  9.902   1.00 36.66 ? 74   ASP B CG  1 
ATOM   1229 O OD1 . ASP B 1 74 ? -3.970  12.403  8.850   1.00 37.99 ? 74   ASP B OD1 1 
ATOM   1230 O OD2 . ASP B 1 74 ? -4.610  13.306  10.712  1.00 38.04 ? 74   ASP B OD2 1 
ATOM   1231 N N   . SER B 1 75 ? -7.290  11.388  7.997   1.00 39.44 ? 75   SER B N   1 
ATOM   1232 C CA  . SER B 1 75 ? -7.999  12.056  6.910   1.00 39.70 ? 75   SER B CA  1 
ATOM   1233 C C   . SER B 1 75 ? -7.151  13.052  6.116   1.00 39.70 ? 75   SER B C   1 
ATOM   1234 O O   . SER B 1 75 ? -7.330  13.201  4.905   1.00 39.16 ? 75   SER B O   1 
ATOM   1235 C CB  . SER B 1 75 ? -9.205  12.773  7.497   1.00 41.17 ? 75   SER B CB  1 
ATOM   1236 O OG  . SER B 1 75 ? -9.698  13.763  6.617   1.00 47.26 ? 75   SER B OG  1 
ATOM   1237 N N   . ASN B 1 76 ? -6.254  13.750  6.812   1.00 39.42 ? 76   ASN B N   1 
ATOM   1238 C CA  . ASN B 1 76 ? -5.377  14.758  6.209   1.00 38.03 ? 76   ASN B CA  1 
ATOM   1239 C C   . ASN B 1 76 ? -4.143  14.210  5.504   1.00 36.48 ? 76   ASN B C   1 
ATOM   1240 O O   . ASN B 1 76 ? -3.318  14.977  5.021   1.00 34.92 ? 76   ASN B O   1 
ATOM   1241 C CB  . ASN B 1 76 ? -4.934  15.776  7.261   1.00 39.61 ? 76   ASN B CB  1 
ATOM   1242 C CG  . ASN B 1 76 ? -6.075  16.638  7.762   1.00 41.44 ? 76   ASN B CG  1 
ATOM   1243 O OD1 . ASN B 1 76 ? -6.128  16.987  8.941   1.00 44.10 ? 76   ASN B OD1 1 
ATOM   1244 N ND2 . ASN B 1 76 ? -6.997  16.987  6.871   1.00 41.85 ? 76   ASN B ND2 1 
ATOM   1245 N N   . GLY B 1 77 ? -4.006  12.888  5.462   1.00 35.40 ? 77   GLY B N   1 
ATOM   1246 C CA  . GLY B 1 77 ? -2.866  12.273  4.810   1.00 32.54 ? 77   GLY B CA  1 
ATOM   1247 C C   . GLY B 1 77 ? -1.637  12.201  5.694   1.00 32.12 ? 77   GLY B C   1 
ATOM   1248 O O   . GLY B 1 77 ? -0.551  11.911  5.202   1.00 30.86 ? 77   GLY B O   1 
ATOM   1249 N N   . GLU B 1 78 ? -1.803  12.445  6.994   1.00 33.70 ? 78   GLU B N   1 
ATOM   1250 C CA  . GLU B 1 78 ? -0.683  12.412  7.944   1.00 34.23 ? 78   GLU B CA  1 
ATOM   1251 C C   . GLU B 1 78 ? -0.539  11.092  8.697   1.00 33.33 ? 78   GLU B C   1 
ATOM   1252 O O   . GLU B 1 78 ? -1.505  10.549  9.233   1.00 32.77 ? 78   GLU B O   1 
ATOM   1253 C CB  . GLU B 1 78 ? -0.769  13.596  8.914   1.00 34.81 ? 78   GLU B CB  1 
ATOM   1254 C CG  . GLU B 1 78 ? -0.545  14.947  8.242   1.00 34.29 ? 78   GLU B CG  1 
ATOM   1255 C CD  . GLU B 1 78 ? -0.548  16.133  9.208   1.00 35.94 ? 78   GLU B CD  1 
ATOM   1256 O OE1 . GLU B 1 78 ? -0.866  15.967  10.412  1.00 33.90 ? 78   GLU B OE1 1 
ATOM   1257 O OE2 . GLU B 1 78 ? -0.221  17.246  8.738   1.00 36.54 ? 78   GLU B OE2 1 
ATOM   1258 N N   . ASN B 1 79 ? 0.698   10.602  8.732   1.00 33.79 ? 79   ASN B N   1 
ATOM   1259 C CA  . ASN B 1 79 ? 1.061   9.332   9.351   1.00 33.72 ? 79   ASN B CA  1 
ATOM   1260 C C   . ASN B 1 79 ? 1.437   9.354   10.814  1.00 34.17 ? 79   ASN B C   1 
ATOM   1261 O O   . ASN B 1 79 ? 1.996   10.326  11.304  1.00 34.15 ? 79   ASN B O   1 
ATOM   1262 C CB  . ASN B 1 79 ? 2.245   8.730   8.608   1.00 34.84 ? 79   ASN B CB  1 
ATOM   1263 C CG  . ASN B 1 79 ? 1.924   8.378   7.186   1.00 39.00 ? 79   ASN B CG  1 
ATOM   1264 O OD1 . ASN B 1 79 ? 0.839   7.866   6.901   1.00 42.77 ? 79   ASN B OD1 1 
ATOM   1265 N ND2 . ASN B 1 79 ? 2.858   8.637   6.282   1.00 39.62 ? 79   ASN B ND2 1 
ATOM   1266 N N   . LYS B 1 80 ? 1.215   8.219   11.469  1.00 35.06 ? 80   LYS B N   1 
ATOM   1267 C CA  . LYS B 1 80 ? 1.562   8.000   12.867  1.00 35.50 ? 80   LYS B CA  1 
ATOM   1268 C C   . LYS B 1 80 ? 2.081   6.563   12.867  1.00 35.50 ? 80   LYS B C   1 
ATOM   1269 O O   . LYS B 1 80 ? 1.324   5.626   12.666  1.00 37.95 ? 80   LYS B O   1 
ATOM   1270 C CB  . LYS B 1 80 ? 0.336   8.161   13.774  1.00 36.80 ? 80   LYS B CB  1 
ATOM   1271 C CG  . LYS B 1 80 ? 0.640   7.990   15.272  1.00 38.56 ? 80   LYS B CG  1 
ATOM   1272 C CD  . LYS B 1 80 ? -0.483  8.505   16.190  1.00 38.82 ? 80   LYS B CD  1 
ATOM   1273 C CE  . LYS B 1 80 ? -1.758  7.687   16.093  1.00 40.07 ? 80   LYS B CE  1 
ATOM   1274 N NZ  . LYS B 1 80 ? -2.861  8.271   16.913  1.00 38.59 ? 80   LYS B NZ  1 
ATOM   1275 N N   . ILE B 1 81 ? 3.396   6.423   12.974  1.00 36.46 ? 81   ILE B N   1 
ATOM   1276 C CA  . ILE B 1 81 ? 4.078   5.131   12.957  1.00 35.56 ? 81   ILE B CA  1 
ATOM   1277 C C   . ILE B 1 81 ? 4.353   4.569   14.345  1.00 36.12 ? 81   ILE B C   1 
ATOM   1278 O O   . ILE B 1 81 ? 4.601   5.314   15.292  1.00 37.15 ? 81   ILE B O   1 
ATOM   1279 C CB  . ILE B 1 81 ? 5.454   5.248   12.230  1.00 35.19 ? 81   ILE B CB  1 
ATOM   1280 C CG1 . ILE B 1 81 ? 5.266   5.566   10.746  1.00 33.72 ? 81   ILE B CG1 1 
ATOM   1281 C CG2 . ILE B 1 81 ? 6.272   3.980   12.407  1.00 36.01 ? 81   ILE B CG2 1 
ATOM   1282 C CD1 . ILE B 1 81 ? 5.146   7.018   10.455  1.00 34.00 ? 81   ILE B CD1 1 
ATOM   1283 N N   . LYS B 1 82 ? 4.328   3.242   14.450  1.00 36.82 ? 82   LYS B N   1 
ATOM   1284 C CA  . LYS B 1 82 ? 4.639   2.552   15.699  1.00 37.74 ? 82   LYS B CA  1 
ATOM   1285 C C   . LYS B 1 82 ? 5.344   1.217   15.434  1.00 37.50 ? 82   LYS B C   1 
ATOM   1286 O O   . LYS B 1 82 ? 4.913   0.425   14.595  1.00 36.27 ? 82   LYS B O   1 
ATOM   1287 C CB  . LYS B 1 82 ? 3.394   2.346   16.568  1.00 39.45 ? 82   LYS B CB  1 
ATOM   1288 C CG  . LYS B 1 82 ? 3.708   1.711   17.930  1.00 41.44 ? 82   LYS B CG  1 
ATOM   1289 C CD  . LYS B 1 82 ? 2.471   1.578   18.807  1.00 45.51 ? 82   LYS B CD  1 
ATOM   1290 C CE  . LYS B 1 82 ? 2.768   0.812   20.110  1.00 46.63 ? 82   LYS B CE  1 
ATOM   1291 N NZ  . LYS B 1 82 ? 3.820   1.443   20.970  1.00 49.21 ? 82   LYS B NZ  1 
ATOM   1292 N N   . MET B 1 83 ? 6.472   1.005   16.104  1.00 37.48 ? 83   MET B N   1 
ATOM   1293 C CA  . MET B 1 83 ? 7.208   -0.238  15.951  1.00 39.07 ? 83   MET B CA  1 
ATOM   1294 C C   . MET B 1 83 ? 6.586   -1.231  16.922  1.00 39.17 ? 83   MET B C   1 
ATOM   1295 O O   . MET B 1 83 ? 6.312   -0.896  18.083  1.00 40.04 ? 83   MET B O   1 
ATOM   1296 C CB  . MET B 1 83 ? 8.699   -0.064  16.271  1.00 38.92 ? 83   MET B CB  1 
ATOM   1297 C CG  . MET B 1 83 ? 9.412   1.062   15.526  1.00 38.77 ? 83   MET B CG  1 
ATOM   1298 S SD  . MET B 1 83 ? 9.090   1.132   13.754  1.00 37.31 ? 83   MET B SD  1 
ATOM   1299 C CE  . MET B 1 83 ? 9.842   -0.397  13.215  1.00 37.43 ? 83   MET B CE  1 
ATOM   1300 N N   . LEU B 1 84 ? 6.325   -2.439  16.432  1.00 39.43 ? 84   LEU B N   1 
ATOM   1301 C CA  . LEU B 1 84 ? 5.706   -3.482  17.245  1.00 38.59 ? 84   LEU B CA  1 
ATOM   1302 C C   . LEU B 1 84 ? 6.726   -4.456  17.833  1.00 39.48 ? 84   LEU B C   1 
ATOM   1303 O O   . LEU B 1 84 ? 7.929   -4.320  17.548  1.00 40.63 ? 84   LEU B O   1 
ATOM   1304 C CB  . LEU B 1 84 ? 4.655   -4.234  16.425  1.00 36.00 ? 84   LEU B CB  1 
ATOM   1305 C CG  . LEU B 1 84 ? 3.573   -3.375  15.767  1.00 34.59 ? 84   LEU B CG  1 
ATOM   1306 C CD1 . LEU B 1 84 ? 2.676   -4.264  14.915  1.00 34.51 ? 84   LEU B CD1 1 
ATOM   1307 C CD2 . LEU B 1 84 ? 2.753   -2.616  16.821  1.00 33.57 ? 84   LEU B CD2 1 
ATOM   1308 O OXT . LEU B 1 84 ? 6.308   -5.343  18.602  1.00 41.56 ? 84   LEU B OXT 1 
HETATM 1309 N N1  . IMD C 2 .  ? 10.287  -4.960  -5.347  1.00 41.78 ? 1500 IMD A N1  1 
HETATM 1310 C C2  . IMD C 2 .  ? 10.224  -6.101  -6.016  1.00 42.12 ? 1500 IMD A C2  1 
HETATM 1311 N N3  . IMD C 2 .  ? 9.472   -6.946  -5.342  1.00 42.82 ? 1500 IMD A N3  1 
HETATM 1312 C C4  . IMD C 2 .  ? 9.536   -5.084  -4.199  1.00 43.29 ? 1500 IMD A C4  1 
HETATM 1313 C C5  . IMD C 2 .  ? 9.020   -6.337  -4.188  1.00 42.93 ? 1500 IMD A C5  1 
HETATM 1314 O O   . HOH D 3 .  ? -3.235  6.822   -18.298 1.00 33.99 ? 2002 HOH A O   1 
HETATM 1315 O O   . HOH D 3 .  ? 2.579   -3.269  -15.679 1.00 57.36 ? 2003 HOH A O   1 
HETATM 1316 O O   . HOH D 3 .  ? 2.860   8.974   3.234   1.00 42.41 ? 2004 HOH A O   1 
HETATM 1317 O O   . HOH D 3 .  ? 5.449   14.011  -11.545 1.00 40.61 ? 2005 HOH A O   1 
HETATM 1318 O O   . HOH D 3 .  ? 15.765  6.600   -6.765  1.00 56.20 ? 2010 HOH A O   1 
HETATM 1319 O O   . HOH D 3 .  ? 13.958  11.528  -11.219 1.00 32.91 ? 2011 HOH A O   1 
HETATM 1320 O O   . HOH D 3 .  ? 0.513   18.121  -3.738  1.00 46.61 ? 2012 HOH A O   1 
HETATM 1321 O O   . HOH D 3 .  ? 8.951   10.795  5.236   1.00 51.06 ? 2013 HOH A O   1 
HETATM 1322 O O   . HOH D 3 .  ? -0.682  -13.341 -4.135  1.00 53.21 ? 2014 HOH A O   1 
HETATM 1323 O O   . HOH D 3 .  ? -9.683  -5.355  -6.528  1.00 32.35 ? 2016 HOH A O   1 
HETATM 1324 O O   . HOH D 3 .  ? -11.683 -6.078  -8.079  1.00 33.78 ? 2017 HOH A O   1 
HETATM 1325 O O   . HOH D 3 .  ? 4.547   -8.372  -12.309 1.00 34.31 ? 2018 HOH A O   1 
HETATM 1326 O O   . HOH D 3 .  ? 2.526   14.205  -9.434  1.00 47.64 ? 2019 HOH A O   1 
HETATM 1327 O O   . HOH D 3 .  ? 10.651  -16.349 -11.231 1.00 65.51 ? 2020 HOH A O   1 
HETATM 1328 O O   . HOH D 3 .  ? 4.581   5.493   -21.221 1.00 62.07 ? 2021 HOH A O   1 
HETATM 1329 O O   . HOH D 3 .  ? -13.231 -0.906  -15.284 1.00 41.39 ? 2022 HOH A O   1 
HETATM 1330 O O   . HOH D 3 .  ? -19.047 3.567   -7.874  1.00 65.17 ? 2023 HOH A O   1 
HETATM 1331 O O   . HOH D 3 .  ? 7.854   -18.424 -1.832  1.00 88.66 ? 2024 HOH A O   1 
HETATM 1332 O O   . HOH D 3 .  ? -10.083 -1.264  -13.609 1.00 33.93 ? 2025 HOH A O   1 
HETATM 1333 O O   . HOH D 3 .  ? -13.851 2.071   -4.832  1.00 54.98 ? 2026 HOH A O   1 
HETATM 1334 O O   . HOH D 3 .  ? 2.450   -10.243 -3.879  1.00 50.19 ? 2027 HOH A O   1 
HETATM 1335 O O   . HOH D 3 .  ? 6.023   -10.468 -13.229 1.00 51.92 ? 2028 HOH A O   1 
HETATM 1336 O O   . HOH D 3 .  ? 9.878   -7.192  -13.771 1.00 36.61 ? 2029 HOH A O   1 
HETATM 1337 O O   . HOH D 3 .  ? 9.210   -8.083  -16.302 1.00 42.61 ? 2030 HOH A O   1 
HETATM 1338 O O   . HOH D 3 .  ? -4.853  -5.646  -1.764  1.00 45.91 ? 2033 HOH A O   1 
HETATM 1339 O O   . HOH D 3 .  ? -2.824  -5.022  -3.883  1.00 52.29 ? 2034 HOH A O   1 
HETATM 1340 O O   . HOH D 3 .  ? -11.271 1.522   2.201   1.00 53.82 ? 2035 HOH A O   1 
HETATM 1341 O O   . HOH D 3 .  ? -0.622  15.797  -5.801  1.00 39.12 ? 2037 HOH A O   1 
HETATM 1342 O O   . HOH D 3 .  ? 1.352   12.315  -13.274 1.00 52.11 ? 2038 HOH A O   1 
HETATM 1343 O O   . HOH D 3 .  ? 11.619  -9.952  -5.112  1.00 64.27 ? 2039 HOH A O   1 
HETATM 1344 O O   . HOH D 3 .  ? 2.059   0.981   0.202   1.00 34.70 ? 2040 HOH A O   1 
HETATM 1345 O O   . HOH D 3 .  ? -10.169 -10.209 -8.232  1.00 46.26 ? 2042 HOH A O   1 
HETATM 1346 O O   . HOH D 3 .  ? -13.465 1.442   -7.501  1.00 46.67 ? 2043 HOH A O   1 
HETATM 1347 O O   . HOH D 3 .  ? 4.677   -2.703  -17.370 1.00 38.73 ? 2047 HOH A O   1 
HETATM 1348 O O   . HOH D 3 .  ? 6.702   -14.533 -2.829  1.00 72.51 ? 2054 HOH A O   1 
HETATM 1349 O O   . HOH D 3 .  ? 3.546   -13.061 -2.977  1.00 93.68 ? 2055 HOH A O   1 
HETATM 1350 O O   . HOH D 3 .  ? 3.842   15.971  -15.033 1.00 67.36 ? 2056 HOH A O   1 
HETATM 1351 O O   . HOH D 3 .  ? 0.903   4.206   -22.278 1.00 72.31 ? 2057 HOH A O   1 
HETATM 1352 O O   . HOH D 3 .  ? 1.436   -13.654 -11.758 1.00 50.63 ? 2060 HOH A O   1 
HETATM 1353 O O   . HOH D 3 .  ? -5.118  -2.948  -0.622  1.00 64.41 ? 2062 HOH A O   1 
HETATM 1354 O O   . HOH E 3 .  ? 9.457   -1.893  -6.661  1.00 48.29 ? 2001 HOH B O   1 
HETATM 1355 O O   . HOH E 3 .  ? -11.647 18.182  12.564  1.00 79.53 ? 2006 HOH B O   1 
HETATM 1356 O O   . HOH E 3 .  ? 13.863  -5.926  12.159  1.00 53.83 ? 2007 HOH B O   1 
HETATM 1357 O O   . HOH E 3 .  ? -2.581  9.748   12.077  1.00 43.32 ? 2008 HOH B O   1 
HETATM 1358 O O   . HOH E 3 .  ? -1.322  -13.261 2.174   1.00 60.63 ? 2009 HOH B O   1 
HETATM 1359 O O   . HOH E 3 .  ? -10.341 -9.845  7.311   1.00 54.23 ? 2015 HOH B O   1 
HETATM 1360 O O   . HOH E 3 .  ? 11.287  -8.140  10.188  1.00 54.56 ? 2031 HOH B O   1 
HETATM 1361 O O   . HOH E 3 .  ? -1.471  -14.502 7.844   1.00 56.86 ? 2032 HOH B O   1 
HETATM 1362 O O   . HOH E 3 .  ? 11.932  13.365  2.397   1.00 46.65 ? 2036 HOH B O   1 
HETATM 1363 O O   . HOH E 3 .  ? 4.016   2.114   2.656   1.00 38.53 ? 2041 HOH B O   1 
HETATM 1364 O O   . HOH E 3 .  ? 1.366   12.199  2.959   1.00 43.88 ? 2044 HOH B O   1 
HETATM 1365 O O   . HOH E 3 .  ? -1.280  16.053  3.750   1.00 50.77 ? 2045 HOH B O   1 
HETATM 1366 O O   . HOH E 3 .  ? 9.575   4.363   2.131   1.00 51.24 ? 2046 HOH B O   1 
HETATM 1367 O O   . HOH E 3 .  ? -7.934  19.847  9.218   1.00 46.95 ? 2048 HOH B O   1 
HETATM 1368 O O   . HOH E 3 .  ? 15.904  -8.220  0.030   1.00 71.66 ? 2049 HOH B O   1 
HETATM 1369 O O   . HOH E 3 .  ? 12.858  -1.189  -5.609  1.00 66.55 ? 2050 HOH B O   1 
HETATM 1370 O O   . HOH E 3 .  ? -8.009  10.355  12.770  1.00 49.60 ? 2051 HOH B O   1 
HETATM 1371 O O   . HOH E 3 .  ? -0.816  4.026   17.121  1.00 56.60 ? 2052 HOH B O   1 
HETATM 1372 O O   . HOH E 3 .  ? 9.227   -3.345  15.638  1.00 51.04 ? 2053 HOH B O   1 
HETATM 1373 O O   . HOH E 3 .  ? -2.183  17.478  1.247   1.00 84.40 ? 2058 HOH B O   1 
HETATM 1374 O O   . HOH E 3 .  ? -7.419  13.932  12.257  1.00 49.94 ? 2059 HOH B O   1 
HETATM 1375 O O   . HOH E 3 .  ? -9.325  9.112   3.655   1.00 64.00 ? 2061 HOH B O   1 
HETATM 1376 O O   . HOH E 3 .  ? -1.350  3.591   21.706  1.00 67.79 ? 2063 HOH B O   1 
HETATM 1377 O O   . HOH E 3 .  ? 2.400   3.753   21.998  1.00 51.76 ? 2064 HOH B O   1 
HETATM 1378 O O   . HOH E 3 .  ? 4.081   5.792   23.547  1.00 52.98 ? 2065 HOH B O   1 
HETATM 1379 O O   . HOH E 3 .  ? -0.725  5.365   24.278  1.00 96.70 ? 2066 HOH B O   1 
HETATM 1380 O O   . HOH E 3 .  ? -12.466 5.866   17.556  1.00 65.64 ? 2067 HOH B O   1 
HETATM 1381 O O   . HOH E 3 .  ? -8.513  7.163   19.709  1.00 85.27 ? 2068 HOH B O   1 
HETATM 1382 O O   . HOH E 3 .  ? -4.315  9.482   14.180  1.00 57.09 ? 2069 HOH B O   1 
HETATM 1383 O O   . HOH E 3 .  ? -5.585  9.692   3.231   1.00 65.71 ? 2070 HOH B O   1 
HETATM 1384 O O   . HOH E 3 .  ? 0.583   3.491   14.531  1.00 50.01 ? 2071 HOH B O   1 
# 
